data_1HUP
# 
_entry.id   1HUP 
# 
_audit_conform.dict_name       mmcif_pdbx.dic 
_audit_conform.dict_version    5.398 
_audit_conform.dict_location   http://mmcif.pdb.org/dictionaries/ascii/mmcif_pdbx.dic 
# 
loop_
_database_2.database_id 
_database_2.database_code 
_database_2.pdbx_database_accession 
_database_2.pdbx_DOI 
PDB   1HUP         pdb_00001hup 10.2210/pdb1hup/pdb 
WWPDB D_1000174033 ?            ?                   
# 
loop_
_pdbx_audit_revision_history.ordinal 
_pdbx_audit_revision_history.data_content_type 
_pdbx_audit_revision_history.major_revision 
_pdbx_audit_revision_history.minor_revision 
_pdbx_audit_revision_history.revision_date 
1 'Structure model' 1 0 1995-10-15 
2 'Structure model' 1 1 2008-03-24 
3 'Structure model' 1 2 2011-07-13 
4 'Structure model' 1 3 2015-10-14 
5 'Structure model' 2 0 2024-06-05 
6 'Structure model' 2 1 2024-11-06 
# 
_pdbx_audit_revision_details.ordinal             1 
_pdbx_audit_revision_details.revision_ordinal    1 
_pdbx_audit_revision_details.data_content_type   'Structure model' 
_pdbx_audit_revision_details.provider            repository 
_pdbx_audit_revision_details.type                'Initial release' 
_pdbx_audit_revision_details.description         ? 
_pdbx_audit_revision_details.details             ? 
# 
loop_
_pdbx_audit_revision_group.ordinal 
_pdbx_audit_revision_group.revision_ordinal 
_pdbx_audit_revision_group.data_content_type 
_pdbx_audit_revision_group.group 
1  2 'Structure model' 'Version format compliance' 
2  3 'Structure model' 'Derived calculations'      
3  3 'Structure model' 'Version format compliance' 
4  4 'Structure model' 'Refinement description'    
5  5 'Structure model' 'Atomic model'              
6  5 'Structure model' 'Data collection'           
7  5 'Structure model' 'Database references'       
8  5 'Structure model' 'Derived calculations'      
9  5 'Structure model' Other                       
10 6 'Structure model' 'Structure summary'         
# 
loop_
_pdbx_audit_revision_category.ordinal 
_pdbx_audit_revision_category.revision_ordinal 
_pdbx_audit_revision_category.data_content_type 
_pdbx_audit_revision_category.category 
1  5 'Structure model' atom_site                 
2  5 'Structure model' chem_comp_atom            
3  5 'Structure model' chem_comp_bond            
4  5 'Structure model' database_2                
5  5 'Structure model' pdbx_database_status      
6  5 'Structure model' pdbx_struct_conn_angle    
7  5 'Structure model' struct_conn               
8  5 'Structure model' struct_site               
9  6 'Structure model' pdbx_entry_details        
10 6 'Structure model' pdbx_modification_feature 
# 
loop_
_pdbx_audit_revision_item.ordinal 
_pdbx_audit_revision_item.revision_ordinal 
_pdbx_audit_revision_item.data_content_type 
_pdbx_audit_revision_item.item 
1  5 'Structure model' '_atom_site.occupancy'                        
2  5 'Structure model' '_database_2.pdbx_DOI'                        
3  5 'Structure model' '_database_2.pdbx_database_accession'         
4  5 'Structure model' '_pdbx_database_status.process_site'          
5  5 'Structure model' '_pdbx_struct_conn_angle.ptnr1_auth_comp_id'  
6  5 'Structure model' '_pdbx_struct_conn_angle.ptnr1_auth_seq_id'   
7  5 'Structure model' '_pdbx_struct_conn_angle.ptnr1_label_asym_id' 
8  5 'Structure model' '_pdbx_struct_conn_angle.ptnr1_label_atom_id' 
9  5 'Structure model' '_pdbx_struct_conn_angle.ptnr1_label_comp_id' 
10 5 'Structure model' '_pdbx_struct_conn_angle.ptnr1_label_seq_id'  
11 5 'Structure model' '_pdbx_struct_conn_angle.ptnr1_symmetry'      
12 5 'Structure model' '_pdbx_struct_conn_angle.ptnr2_auth_seq_id'   
13 5 'Structure model' '_pdbx_struct_conn_angle.ptnr2_label_asym_id' 
14 5 'Structure model' '_pdbx_struct_conn_angle.ptnr3_auth_comp_id'  
15 5 'Structure model' '_pdbx_struct_conn_angle.ptnr3_auth_seq_id'   
16 5 'Structure model' '_pdbx_struct_conn_angle.ptnr3_label_asym_id' 
17 5 'Structure model' '_pdbx_struct_conn_angle.ptnr3_label_atom_id' 
18 5 'Structure model' '_pdbx_struct_conn_angle.ptnr3_label_comp_id' 
19 5 'Structure model' '_pdbx_struct_conn_angle.ptnr3_label_seq_id'  
20 5 'Structure model' '_pdbx_struct_conn_angle.ptnr3_symmetry'      
21 5 'Structure model' '_pdbx_struct_conn_angle.value'               
22 5 'Structure model' '_struct_conn.pdbx_dist_value'                
23 5 'Structure model' '_struct_conn.ptnr1_auth_comp_id'             
24 5 'Structure model' '_struct_conn.ptnr1_auth_seq_id'              
25 5 'Structure model' '_struct_conn.ptnr1_label_asym_id'            
26 5 'Structure model' '_struct_conn.ptnr1_label_atom_id'            
27 5 'Structure model' '_struct_conn.ptnr1_label_comp_id'            
28 5 'Structure model' '_struct_conn.ptnr1_label_seq_id'             
29 5 'Structure model' '_struct_conn.ptnr1_symmetry'                 
30 5 'Structure model' '_struct_conn.ptnr2_auth_comp_id'             
31 5 'Structure model' '_struct_conn.ptnr2_auth_seq_id'              
32 5 'Structure model' '_struct_conn.ptnr2_label_asym_id'            
33 5 'Structure model' '_struct_conn.ptnr2_label_atom_id'            
34 5 'Structure model' '_struct_conn.ptnr2_label_comp_id'            
35 5 'Structure model' '_struct_conn.ptnr2_label_seq_id'             
36 5 'Structure model' '_struct_conn.ptnr2_symmetry'                 
37 5 'Structure model' '_struct_site.pdbx_auth_asym_id'              
38 5 'Structure model' '_struct_site.pdbx_auth_comp_id'              
39 5 'Structure model' '_struct_site.pdbx_auth_seq_id'               
# 
_pdbx_database_status.status_code                     REL 
_pdbx_database_status.entry_id                        1HUP 
_pdbx_database_status.recvd_initial_deposition_date   1994-09-21 
_pdbx_database_status.deposit_site                    ? 
_pdbx_database_status.process_site                    BNL 
_pdbx_database_status.status_code_sf                  REL 
_pdbx_database_status.status_code_mr                  ? 
_pdbx_database_status.SG_entry                        ? 
_pdbx_database_status.status_code_cs                  ? 
_pdbx_database_status.methods_development_category    ? 
_pdbx_database_status.pdb_format_compatible           Y 
_pdbx_database_status.status_code_nmr_data            ? 
# 
_audit_author.name           'Sheriff, S.' 
_audit_author.pdbx_ordinal   1 
# 
loop_
_citation.id 
_citation.title 
_citation.journal_abbrev 
_citation.journal_volume 
_citation.page_first 
_citation.page_last 
_citation.year 
_citation.journal_id_ASTM 
_citation.country 
_citation.journal_id_ISSN 
_citation.journal_id_CSD 
_citation.book_publisher 
_citation.pdbx_database_id_PubMed 
_citation.pdbx_database_id_DOI 
primary 'Human mannose-binding protein carbohydrate recognition domain trimerizes through a triple alpha-helical coiled-coil.' 
Nat.Struct.Biol. 1   789 794 1994 NSBIEW US 1072-8368 2024 ? 7634089 10.1038/nsb1194-789 
1       'Crystallization and Preliminary X-Ray Analysis of a Trimeric Form of Human Mannose Binding Protein'                   
J.Mol.Biol.      241 125 ?   1994 JMOBAK UK 0022-2836 0070 ? ?       ?                   
# 
loop_
_citation_author.citation_id 
_citation_author.name 
_citation_author.ordinal 
_citation_author.identifier_ORCID 
primary 'Sheriff, S.'       1 ? 
primary 'Chang, C.Y.'       2 ? 
primary 'Ezekowitz, R.A.'   3 ? 
1       'Chang, C.Y.'       4 ? 
1       'Sastry, K.N.'      5 ? 
1       'Gillies, S.D.'     6 ? 
1       'Ezekowitz, R.A.B.' 7 ? 
1       'Sheriff, S.'       8 ? 
# 
loop_
_entity.id 
_entity.type 
_entity.src_method 
_entity.pdbx_description 
_entity.formula_weight 
_entity.pdbx_number_of_molecules 
_entity.pdbx_ec 
_entity.pdbx_mutation 
_entity.pdbx_fragment 
_entity.details 
1 polymer     man 'MANNOSE-BINDING PROTEIN' 15632.644 1  ? ? ? ? 
2 non-polymer syn 'CALCIUM ION'             40.078    4  ? ? ? ? 
3 non-polymer syn 'SULFATE ION'             96.063    1  ? ? ? ? 
4 water       nat water                     18.015    25 ? ? ? ? 
# 
_entity_poly.entity_id                      1 
_entity_poly.type                           'polypeptide(L)' 
_entity_poly.nstd_linkage                   no 
_entity_poly.nstd_monomer                   no 
_entity_poly.pdbx_seq_one_letter_code       
;AASERKALQTEMARIKKWLTFSLGKQVGNKFFLTNGEIMTFEKVKALCVKFQASVATPRNAAENGAIQNLIKEEAFLGIT
DEKTEGQFVDLTGNRLTYTNWNEGEPNNAGSDEDCVLLLKNGQWNDVPCSTSHLAVCEFPI
;
_entity_poly.pdbx_seq_one_letter_code_can   
;AASERKALQTEMARIKKWLTFSLGKQVGNKFFLTNGEIMTFEKVKALCVKFQASVATPRNAAENGAIQNLIKEEAFLGIT
DEKTEGQFVDLTGNRLTYTNWNEGEPNNAGSDEDCVLLLKNGQWNDVPCSTSHLAVCEFPI
;
_entity_poly.pdbx_strand_id                 A 
_entity_poly.pdbx_target_identifier         ? 
# 
loop_
_pdbx_entity_nonpoly.entity_id 
_pdbx_entity_nonpoly.name 
_pdbx_entity_nonpoly.comp_id 
2 'CALCIUM ION' CA  
3 'SULFATE ION' SO4 
4 water         HOH 
# 
loop_
_entity_poly_seq.entity_id 
_entity_poly_seq.num 
_entity_poly_seq.mon_id 
_entity_poly_seq.hetero 
1 1   ALA n 
1 2   ALA n 
1 3   SER n 
1 4   GLU n 
1 5   ARG n 
1 6   LYS n 
1 7   ALA n 
1 8   LEU n 
1 9   GLN n 
1 10  THR n 
1 11  GLU n 
1 12  MET n 
1 13  ALA n 
1 14  ARG n 
1 15  ILE n 
1 16  LYS n 
1 17  LYS n 
1 18  TRP n 
1 19  LEU n 
1 20  THR n 
1 21  PHE n 
1 22  SER n 
1 23  LEU n 
1 24  GLY n 
1 25  LYS n 
1 26  GLN n 
1 27  VAL n 
1 28  GLY n 
1 29  ASN n 
1 30  LYS n 
1 31  PHE n 
1 32  PHE n 
1 33  LEU n 
1 34  THR n 
1 35  ASN n 
1 36  GLY n 
1 37  GLU n 
1 38  ILE n 
1 39  MET n 
1 40  THR n 
1 41  PHE n 
1 42  GLU n 
1 43  LYS n 
1 44  VAL n 
1 45  LYS n 
1 46  ALA n 
1 47  LEU n 
1 48  CYS n 
1 49  VAL n 
1 50  LYS n 
1 51  PHE n 
1 52  GLN n 
1 53  ALA n 
1 54  SER n 
1 55  VAL n 
1 56  ALA n 
1 57  THR n 
1 58  PRO n 
1 59  ARG n 
1 60  ASN n 
1 61  ALA n 
1 62  ALA n 
1 63  GLU n 
1 64  ASN n 
1 65  GLY n 
1 66  ALA n 
1 67  ILE n 
1 68  GLN n 
1 69  ASN n 
1 70  LEU n 
1 71  ILE n 
1 72  LYS n 
1 73  GLU n 
1 74  GLU n 
1 75  ALA n 
1 76  PHE n 
1 77  LEU n 
1 78  GLY n 
1 79  ILE n 
1 80  THR n 
1 81  ASP n 
1 82  GLU n 
1 83  LYS n 
1 84  THR n 
1 85  GLU n 
1 86  GLY n 
1 87  GLN n 
1 88  PHE n 
1 89  VAL n 
1 90  ASP n 
1 91  LEU n 
1 92  THR n 
1 93  GLY n 
1 94  ASN n 
1 95  ARG n 
1 96  LEU n 
1 97  THR n 
1 98  TYR n 
1 99  THR n 
1 100 ASN n 
1 101 TRP n 
1 102 ASN n 
1 103 GLU n 
1 104 GLY n 
1 105 GLU n 
1 106 PRO n 
1 107 ASN n 
1 108 ASN n 
1 109 ALA n 
1 110 GLY n 
1 111 SER n 
1 112 ASP n 
1 113 GLU n 
1 114 ASP n 
1 115 CYS n 
1 116 VAL n 
1 117 LEU n 
1 118 LEU n 
1 119 LEU n 
1 120 LYS n 
1 121 ASN n 
1 122 GLY n 
1 123 GLN n 
1 124 TRP n 
1 125 ASN n 
1 126 ASP n 
1 127 VAL n 
1 128 PRO n 
1 129 CYS n 
1 130 SER n 
1 131 THR n 
1 132 SER n 
1 133 HIS n 
1 134 LEU n 
1 135 ALA n 
1 136 VAL n 
1 137 CYS n 
1 138 GLU n 
1 139 PHE n 
1 140 PRO n 
1 141 ILE n 
# 
_entity_src_gen.entity_id                          1 
_entity_src_gen.pdbx_src_id                        1 
_entity_src_gen.pdbx_alt_source_flag               sample 
_entity_src_gen.pdbx_seq_type                      ? 
_entity_src_gen.pdbx_beg_seq_num                   ? 
_entity_src_gen.pdbx_end_seq_num                   ? 
_entity_src_gen.gene_src_common_name               human 
_entity_src_gen.gene_src_genus                     Homo 
_entity_src_gen.pdbx_gene_src_gene                 ? 
_entity_src_gen.gene_src_species                   ? 
_entity_src_gen.gene_src_strain                    ? 
_entity_src_gen.gene_src_tissue                    ? 
_entity_src_gen.gene_src_tissue_fraction           ? 
_entity_src_gen.gene_src_details                   ? 
_entity_src_gen.pdbx_gene_src_fragment             ? 
_entity_src_gen.pdbx_gene_src_scientific_name      'Homo sapiens' 
_entity_src_gen.pdbx_gene_src_ncbi_taxonomy_id     9606 
_entity_src_gen.pdbx_gene_src_variant              ? 
_entity_src_gen.pdbx_gene_src_cell_line            ? 
_entity_src_gen.pdbx_gene_src_atcc                 ? 
_entity_src_gen.pdbx_gene_src_organ                ? 
_entity_src_gen.pdbx_gene_src_organelle            ? 
_entity_src_gen.pdbx_gene_src_cell                 ? 
_entity_src_gen.pdbx_gene_src_cellular_location    ? 
_entity_src_gen.host_org_common_name               'house mouse' 
_entity_src_gen.pdbx_host_org_scientific_name      'Mus musculus' 
_entity_src_gen.pdbx_host_org_ncbi_taxonomy_id     10090 
_entity_src_gen.host_org_genus                     Mus 
_entity_src_gen.pdbx_host_org_gene                 ? 
_entity_src_gen.pdbx_host_org_organ                ? 
_entity_src_gen.host_org_species                   ? 
_entity_src_gen.pdbx_host_org_tissue               ? 
_entity_src_gen.pdbx_host_org_tissue_fraction      ? 
_entity_src_gen.pdbx_host_org_strain               ? 
_entity_src_gen.pdbx_host_org_variant              ? 
_entity_src_gen.pdbx_host_org_cell_line            ? 
_entity_src_gen.pdbx_host_org_atcc                 ? 
_entity_src_gen.pdbx_host_org_culture_collection   ? 
_entity_src_gen.pdbx_host_org_cell                 ? 
_entity_src_gen.pdbx_host_org_organelle            ? 
_entity_src_gen.pdbx_host_org_cellular_location    ? 
_entity_src_gen.pdbx_host_org_vector_type          ? 
_entity_src_gen.pdbx_host_org_vector               ? 
_entity_src_gen.host_org_details                   ? 
_entity_src_gen.expression_system_id               ? 
_entity_src_gen.plasmid_name                       ? 
_entity_src_gen.plasmid_details                    ? 
_entity_src_gen.pdbx_description                   ? 
# 
loop_
_chem_comp.id 
_chem_comp.type 
_chem_comp.mon_nstd_flag 
_chem_comp.name 
_chem_comp.pdbx_synonyms 
_chem_comp.formula 
_chem_comp.formula_weight 
ALA 'L-peptide linking' y ALANINE         ? 'C3 H7 N O2'     89.093  
ARG 'L-peptide linking' y ARGININE        ? 'C6 H15 N4 O2 1' 175.209 
ASN 'L-peptide linking' y ASPARAGINE      ? 'C4 H8 N2 O3'    132.118 
ASP 'L-peptide linking' y 'ASPARTIC ACID' ? 'C4 H7 N O4'     133.103 
CA  non-polymer         . 'CALCIUM ION'   ? 'Ca 2'           40.078  
CYS 'L-peptide linking' y CYSTEINE        ? 'C3 H7 N O2 S'   121.158 
GLN 'L-peptide linking' y GLUTAMINE       ? 'C5 H10 N2 O3'   146.144 
GLU 'L-peptide linking' y 'GLUTAMIC ACID' ? 'C5 H9 N O4'     147.129 
GLY 'peptide linking'   y GLYCINE         ? 'C2 H5 N O2'     75.067  
HIS 'L-peptide linking' y HISTIDINE       ? 'C6 H10 N3 O2 1' 156.162 
HOH non-polymer         . WATER           ? 'H2 O'           18.015  
ILE 'L-peptide linking' y ISOLEUCINE      ? 'C6 H13 N O2'    131.173 
LEU 'L-peptide linking' y LEUCINE         ? 'C6 H13 N O2'    131.173 
LYS 'L-peptide linking' y LYSINE          ? 'C6 H15 N2 O2 1' 147.195 
MET 'L-peptide linking' y METHIONINE      ? 'C5 H11 N O2 S'  149.211 
PHE 'L-peptide linking' y PHENYLALANINE   ? 'C9 H11 N O2'    165.189 
PRO 'L-peptide linking' y PROLINE         ? 'C5 H9 N O2'     115.130 
SER 'L-peptide linking' y SERINE          ? 'C3 H7 N O3'     105.093 
SO4 non-polymer         . 'SULFATE ION'   ? 'O4 S -2'        96.063  
THR 'L-peptide linking' y THREONINE       ? 'C4 H9 N O3'     119.119 
TRP 'L-peptide linking' y TRYPTOPHAN      ? 'C11 H12 N2 O2'  204.225 
TYR 'L-peptide linking' y TYROSINE        ? 'C9 H11 N O3'    181.189 
VAL 'L-peptide linking' y VALINE          ? 'C5 H11 N O2'    117.146 
# 
loop_
_pdbx_poly_seq_scheme.asym_id 
_pdbx_poly_seq_scheme.entity_id 
_pdbx_poly_seq_scheme.seq_id 
_pdbx_poly_seq_scheme.mon_id 
_pdbx_poly_seq_scheme.ndb_seq_num 
_pdbx_poly_seq_scheme.pdb_seq_num 
_pdbx_poly_seq_scheme.auth_seq_num 
_pdbx_poly_seq_scheme.pdb_mon_id 
_pdbx_poly_seq_scheme.auth_mon_id 
_pdbx_poly_seq_scheme.pdb_strand_id 
_pdbx_poly_seq_scheme.pdb_ins_code 
_pdbx_poly_seq_scheme.hetero 
A 1 1   ALA 1   88  88  ALA ALA A . n 
A 1 2   ALA 2   89  89  ALA ALA A . n 
A 1 3   SER 3   90  90  SER SER A . n 
A 1 4   GLU 4   91  91  GLU GLU A . n 
A 1 5   ARG 5   92  92  ARG ARG A . n 
A 1 6   LYS 6   93  93  LYS LYS A . n 
A 1 7   ALA 7   94  94  ALA ALA A . n 
A 1 8   LEU 8   95  95  LEU LEU A . n 
A 1 9   GLN 9   96  96  GLN GLN A . n 
A 1 10  THR 10  97  97  THR THR A . n 
A 1 11  GLU 11  98  98  GLU GLU A . n 
A 1 12  MET 12  99  99  MET MET A . n 
A 1 13  ALA 13  100 100 ALA ALA A . n 
A 1 14  ARG 14  101 101 ARG ARG A . n 
A 1 15  ILE 15  102 102 ILE ILE A . n 
A 1 16  LYS 16  103 103 LYS LYS A . n 
A 1 17  LYS 17  104 104 LYS LYS A . n 
A 1 18  TRP 18  105 105 TRP TRP A . n 
A 1 19  LEU 19  106 106 LEU LEU A . n 
A 1 20  THR 20  107 107 THR THR A . n 
A 1 21  PHE 21  108 108 PHE PHE A . n 
A 1 22  SER 22  109 109 SER SER A . n 
A 1 23  LEU 23  110 110 LEU LEU A . n 
A 1 24  GLY 24  111 111 GLY GLY A . n 
A 1 25  LYS 25  112 112 LYS LYS A . n 
A 1 26  GLN 26  113 113 GLN GLN A . n 
A 1 27  VAL 27  114 114 VAL VAL A . n 
A 1 28  GLY 28  115 115 GLY GLY A . n 
A 1 29  ASN 29  116 116 ASN ASN A . n 
A 1 30  LYS 30  117 117 LYS LYS A . n 
A 1 31  PHE 31  118 118 PHE PHE A . n 
A 1 32  PHE 32  119 119 PHE PHE A . n 
A 1 33  LEU 33  120 120 LEU LEU A . n 
A 1 34  THR 34  121 121 THR THR A . n 
A 1 35  ASN 35  122 122 ASN ASN A . n 
A 1 36  GLY 36  123 123 GLY GLY A . n 
A 1 37  GLU 37  124 124 GLU GLU A . n 
A 1 38  ILE 38  125 125 ILE ILE A . n 
A 1 39  MET 39  126 126 MET MET A . n 
A 1 40  THR 40  127 127 THR THR A . n 
A 1 41  PHE 41  128 128 PHE PHE A . n 
A 1 42  GLU 42  129 129 GLU GLU A . n 
A 1 43  LYS 43  130 130 LYS LYS A . n 
A 1 44  VAL 44  131 131 VAL VAL A . n 
A 1 45  LYS 45  132 132 LYS LYS A . n 
A 1 46  ALA 46  133 133 ALA ALA A . n 
A 1 47  LEU 47  134 134 LEU LEU A . n 
A 1 48  CYS 48  135 135 CYS CYS A . n 
A 1 49  VAL 49  136 136 VAL VAL A . n 
A 1 50  LYS 50  137 137 LYS LYS A . n 
A 1 51  PHE 51  138 138 PHE PHE A . n 
A 1 52  GLN 52  139 139 GLN GLN A . n 
A 1 53  ALA 53  140 140 ALA ALA A . n 
A 1 54  SER 54  141 141 SER SER A . n 
A 1 55  VAL 55  142 142 VAL VAL A . n 
A 1 56  ALA 56  143 143 ALA ALA A . n 
A 1 57  THR 57  144 144 THR THR A . n 
A 1 58  PRO 58  145 145 PRO PRO A . n 
A 1 59  ARG 59  146 146 ARG ARG A . n 
A 1 60  ASN 60  147 147 ASN ASN A . n 
A 1 61  ALA 61  148 148 ALA ALA A . n 
A 1 62  ALA 62  149 149 ALA ALA A . n 
A 1 63  GLU 63  150 150 GLU GLU A . n 
A 1 64  ASN 64  151 151 ASN ASN A . n 
A 1 65  GLY 65  152 152 GLY GLY A . n 
A 1 66  ALA 66  153 153 ALA ALA A . n 
A 1 67  ILE 67  154 154 ILE ILE A . n 
A 1 68  GLN 68  155 155 GLN GLN A . n 
A 1 69  ASN 69  156 156 ASN ASN A . n 
A 1 70  LEU 70  157 157 LEU LEU A . n 
A 1 71  ILE 71  158 158 ILE ILE A . n 
A 1 72  LYS 72  159 159 LYS LYS A . n 
A 1 73  GLU 73  160 160 GLU GLU A . n 
A 1 74  GLU 74  161 161 GLU GLU A . n 
A 1 75  ALA 75  162 162 ALA ALA A . n 
A 1 76  PHE 76  163 163 PHE PHE A . n 
A 1 77  LEU 77  164 164 LEU LEU A . n 
A 1 78  GLY 78  165 165 GLY GLY A . n 
A 1 79  ILE 79  166 166 ILE ILE A . n 
A 1 80  THR 80  167 167 THR THR A . n 
A 1 81  ASP 81  168 168 ASP ASP A . n 
A 1 82  GLU 82  169 169 GLU GLU A . n 
A 1 83  LYS 83  170 170 LYS LYS A . n 
A 1 84  THR 84  171 171 THR THR A . n 
A 1 85  GLU 85  172 172 GLU GLU A . n 
A 1 86  GLY 86  173 173 GLY GLY A . n 
A 1 87  GLN 87  174 174 GLN GLN A . n 
A 1 88  PHE 88  175 175 PHE PHE A . n 
A 1 89  VAL 89  176 176 VAL VAL A . n 
A 1 90  ASP 90  177 177 ASP ASP A . n 
A 1 91  LEU 91  178 178 LEU LEU A . n 
A 1 92  THR 92  179 179 THR THR A . n 
A 1 93  GLY 93  180 180 GLY GLY A . n 
A 1 94  ASN 94  181 181 ASN ASN A . n 
A 1 95  ARG 95  182 182 ARG ARG A . n 
A 1 96  LEU 96  183 183 LEU LEU A . n 
A 1 97  THR 97  184 184 THR THR A . n 
A 1 98  TYR 98  185 185 TYR TYR A . n 
A 1 99  THR 99  186 186 THR THR A . n 
A 1 100 ASN 100 187 187 ASN ASN A . n 
A 1 101 TRP 101 188 188 TRP TRP A . n 
A 1 102 ASN 102 189 189 ASN ASN A . n 
A 1 103 GLU 103 190 190 GLU GLU A . n 
A 1 104 GLY 104 191 191 GLY GLY A . n 
A 1 105 GLU 105 192 192 GLU GLU A . n 
A 1 106 PRO 106 193 193 PRO PRO A . n 
A 1 107 ASN 107 194 194 ASN ASN A . n 
A 1 108 ASN 108 195 195 ASN ASN A . n 
A 1 109 ALA 109 196 196 ALA ALA A . n 
A 1 110 GLY 110 197 197 GLY GLY A . n 
A 1 111 SER 111 198 198 SER SER A . n 
A 1 112 ASP 112 199 199 ASP ASP A . n 
A 1 113 GLU 113 200 200 GLU GLU A . n 
A 1 114 ASP 114 201 201 ASP ASP A . n 
A 1 115 CYS 115 202 202 CYS CYS A . n 
A 1 116 VAL 116 203 203 VAL VAL A . n 
A 1 117 LEU 117 204 204 LEU LEU A . n 
A 1 118 LEU 118 205 205 LEU LEU A . n 
A 1 119 LEU 119 206 206 LEU LEU A . n 
A 1 120 LYS 120 207 207 LYS LYS A . n 
A 1 121 ASN 121 208 208 ASN ASN A . n 
A 1 122 GLY 122 209 209 GLY GLY A . n 
A 1 123 GLN 123 210 210 GLN GLN A . n 
A 1 124 TRP 124 211 211 TRP TRP A . n 
A 1 125 ASN 125 212 212 ASN ASN A . n 
A 1 126 ASP 126 213 213 ASP ASP A . n 
A 1 127 VAL 127 214 214 VAL VAL A . n 
A 1 128 PRO 128 215 215 PRO PRO A . n 
A 1 129 CYS 129 216 216 CYS CYS A . n 
A 1 130 SER 130 217 217 SER SER A . n 
A 1 131 THR 131 218 218 THR THR A . n 
A 1 132 SER 132 219 219 SER SER A . n 
A 1 133 HIS 133 220 220 HIS HIS A . n 
A 1 134 LEU 134 221 221 LEU LEU A . n 
A 1 135 ALA 135 222 222 ALA ALA A . n 
A 1 136 VAL 136 223 223 VAL VAL A . n 
A 1 137 CYS 137 224 224 CYS CYS A . n 
A 1 138 GLU 138 225 225 GLU GLU A . n 
A 1 139 PHE 139 226 226 PHE PHE A . n 
A 1 140 PRO 140 227 227 PRO PRO A . n 
A 1 141 ILE 141 228 228 ILE ILE A . n 
# 
loop_
_pdbx_nonpoly_scheme.asym_id 
_pdbx_nonpoly_scheme.entity_id 
_pdbx_nonpoly_scheme.mon_id 
_pdbx_nonpoly_scheme.ndb_seq_num 
_pdbx_nonpoly_scheme.pdb_seq_num 
_pdbx_nonpoly_scheme.auth_seq_num 
_pdbx_nonpoly_scheme.pdb_mon_id 
_pdbx_nonpoly_scheme.auth_mon_id 
_pdbx_nonpoly_scheme.pdb_strand_id 
_pdbx_nonpoly_scheme.pdb_ins_code 
B 2 CA  1  301 301 CA  CA  A . 
C 2 CA  1  302 302 CA  CA  A . 
D 2 CA  1  303 303 CA  CA  A . 
E 3 SO4 1  304 304 SO4 SO4 A . 
F 2 CA  1  305 305 CA  CA  A . 
G 4 HOH 1  306 306 HOH HOH A . 
G 4 HOH 2  313 313 HOH HOH A . 
G 4 HOH 3  314 314 HOH HOH A . 
G 4 HOH 4  315 315 HOH HOH A . 
G 4 HOH 5  316 316 HOH HOH A . 
G 4 HOH 6  317 317 HOH HOH A . 
G 4 HOH 7  318 318 HOH HOH A . 
G 4 HOH 8  319 319 HOH HOH A . 
G 4 HOH 9  320 320 HOH HOH A . 
G 4 HOH 10 321 321 HOH HOH A . 
G 4 HOH 11 322 322 HOH HOH A . 
G 4 HOH 12 323 323 HOH HOH A . 
G 4 HOH 13 324 324 HOH HOH A . 
G 4 HOH 14 325 325 HOH HOH A . 
G 4 HOH 15 326 326 HOH HOH A . 
G 4 HOH 16 327 327 HOH HOH A . 
G 4 HOH 17 328 328 HOH HOH A . 
G 4 HOH 18 331 331 HOH HOH A . 
G 4 HOH 19 332 332 HOH HOH A . 
G 4 HOH 20 334 334 HOH HOH A . 
G 4 HOH 21 335 335 HOH HOH A . 
G 4 HOH 22 339 339 HOH HOH A . 
G 4 HOH 23 340 340 HOH HOH A . 
G 4 HOH 24 341 341 HOH HOH A . 
G 4 HOH 25 346 346 HOH HOH A . 
# 
loop_
_software.name 
_software.classification 
_software.version 
_software.citation_id 
_software.pdbx_ordinal 
X-PLOR 'model building' . ? 1 
X-PLOR refinement       . ? 2 
X-PLOR phasing          . ? 3 
# 
_cell.entry_id           1HUP 
_cell.length_a           76.680 
_cell.length_b           76.680 
_cell.length_c           58.580 
_cell.angle_alpha        90.00 
_cell.angle_beta         90.00 
_cell.angle_gamma        120.00 
_cell.Z_PDB              6 
_cell.pdbx_unique_axis   ? 
_cell.length_a_esd       ? 
_cell.length_b_esd       ? 
_cell.length_c_esd       ? 
_cell.angle_alpha_esd    ? 
_cell.angle_beta_esd     ? 
_cell.angle_gamma_esd    ? 
# 
_symmetry.entry_id                         1HUP 
_symmetry.space_group_name_H-M             'P 3 2 1' 
_symmetry.pdbx_full_space_group_name_H-M   ? 
_symmetry.cell_setting                     ? 
_symmetry.Int_Tables_number                150 
_symmetry.space_group_name_Hall            ? 
# 
_exptl.entry_id          1HUP 
_exptl.method            'X-RAY DIFFRACTION' 
_exptl.crystals_number   ? 
# 
_exptl_crystal.id                    1 
_exptl_crystal.density_meas          ? 
_exptl_crystal.density_Matthews      3.18 
_exptl_crystal.density_percent_sol   61.31 
_exptl_crystal.description           ? 
_exptl_crystal.F_000                 ? 
_exptl_crystal.preparation           ? 
# 
_diffrn.id                     1 
_diffrn.ambient_temp           ? 
_diffrn.ambient_temp_details   ? 
_diffrn.crystal_id             1 
# 
_diffrn_radiation.diffrn_id                        1 
_diffrn_radiation.wavelength_id                    1 
_diffrn_radiation.pdbx_monochromatic_or_laue_m_l   ? 
_diffrn_radiation.monochromator                    ? 
_diffrn_radiation.pdbx_diffrn_protocol             ? 
_diffrn_radiation.pdbx_scattering_type             x-ray 
# 
_diffrn_radiation_wavelength.id           1 
_diffrn_radiation_wavelength.wavelength   1.5418 
_diffrn_radiation_wavelength.wt           1.0 
# 
_diffrn_source.diffrn_id                   1 
_diffrn_source.source                      ? 
_diffrn_source.type                        ? 
_diffrn_source.pdbx_synchrotron_site       ? 
_diffrn_source.pdbx_synchrotron_beamline   ? 
_diffrn_source.pdbx_wavelength             1.5418 
_diffrn_source.pdbx_wavelength_list        ? 
# 
_reflns.entry_id                     1HUP 
_reflns.observed_criterion_sigma_I   1. 
_reflns.observed_criterion_sigma_F   ? 
_reflns.d_resolution_low             ? 
_reflns.d_resolution_high            ? 
_reflns.number_obs                   6978 
_reflns.number_all                   ? 
_reflns.percent_possible_obs         94.5 
_reflns.pdbx_Rmerge_I_obs            0.088 
_reflns.pdbx_Rsym_value              ? 
_reflns.pdbx_netI_over_sigmaI        ? 
_reflns.B_iso_Wilson_estimate        ? 
_reflns.pdbx_redundancy              ? 
_reflns.R_free_details               ? 
_reflns.limit_h_max                  ? 
_reflns.limit_h_min                  ? 
_reflns.limit_k_max                  ? 
_reflns.limit_k_min                  ? 
_reflns.limit_l_max                  ? 
_reflns.limit_l_min                  ? 
_reflns.observed_criterion_F_max     ? 
_reflns.observed_criterion_F_min     ? 
_reflns.pdbx_chi_squared             ? 
_reflns.pdbx_scaling_rejects         ? 
_reflns.pdbx_ordinal                 1 
_reflns.pdbx_diffrn_id               1 
# 
_refine.entry_id                                 1HUP 
_refine.ls_number_reflns_obs                     6541 
_refine.ls_number_reflns_all                     ? 
_refine.pdbx_ls_sigma_I                          ? 
_refine.pdbx_ls_sigma_F                          1.0 
_refine.pdbx_data_cutoff_high_absF               ? 
_refine.pdbx_data_cutoff_low_absF                ? 
_refine.pdbx_data_cutoff_high_rms_absF           ? 
_refine.ls_d_res_low                             6.0 
_refine.ls_d_res_high                            2.5 
_refine.ls_percent_reflns_obs                    ? 
_refine.ls_R_factor_obs                          ? 
_refine.ls_R_factor_all                          0.1987 
_refine.ls_R_factor_R_work                       0.1987 
_refine.ls_R_factor_R_free                       ? 
_refine.ls_R_factor_R_free_error                 ? 
_refine.ls_R_factor_R_free_error_details         ? 
_refine.ls_percent_reflns_R_free                 ? 
_refine.ls_number_reflns_R_free                  ? 
_refine.ls_number_parameters                     ? 
_refine.ls_number_restraints                     ? 
_refine.occupancy_min                            ? 
_refine.occupancy_max                            ? 
_refine.B_iso_mean                               30.5 
_refine.aniso_B[1][1]                            ? 
_refine.aniso_B[2][2]                            ? 
_refine.aniso_B[3][3]                            ? 
_refine.aniso_B[1][2]                            ? 
_refine.aniso_B[1][3]                            ? 
_refine.aniso_B[2][3]                            ? 
_refine.solvent_model_details                    ? 
_refine.solvent_model_param_ksol                 ? 
_refine.solvent_model_param_bsol                 ? 
_refine.pdbx_ls_cross_valid_method               ? 
_refine.details                                  ? 
_refine.pdbx_starting_model                      ? 
_refine.pdbx_method_to_determine_struct          ? 
_refine.pdbx_isotropic_thermal_model             ? 
_refine.pdbx_stereochemistry_target_values       ? 
_refine.pdbx_stereochem_target_val_spec_case     ? 
_refine.pdbx_R_Free_selection_details            ? 
_refine.pdbx_overall_ESU_R                       ? 
_refine.pdbx_overall_ESU_R_Free                  ? 
_refine.overall_SU_ML                            ? 
_refine.overall_SU_B                             ? 
_refine.pdbx_refine_id                           'X-RAY DIFFRACTION' 
_refine.ls_redundancy_reflns_obs                 ? 
_refine.pdbx_overall_phase_error                 ? 
_refine.B_iso_min                                ? 
_refine.B_iso_max                                ? 
_refine.correlation_coeff_Fo_to_Fc               ? 
_refine.correlation_coeff_Fo_to_Fc_free          ? 
_refine.pdbx_solvent_vdw_probe_radii             ? 
_refine.pdbx_solvent_ion_probe_radii             ? 
_refine.pdbx_solvent_shrinkage_radii             ? 
_refine.overall_SU_R_Cruickshank_DPI             ? 
_refine.overall_SU_R_free                        ? 
_refine.ls_wR_factor_R_free                      ? 
_refine.ls_wR_factor_R_work                      ? 
_refine.overall_FOM_free_R_set                   ? 
_refine.overall_FOM_work_R_set                   ? 
_refine.pdbx_diffrn_id                           1 
_refine.pdbx_TLS_residual_ADP_flag               ? 
_refine.pdbx_overall_SU_R_free_Cruickshank_DPI   ? 
_refine.pdbx_overall_SU_R_Blow_DPI               ? 
_refine.pdbx_overall_SU_R_free_Blow_DPI          ? 
# 
_refine_analyze.entry_id                        1HUP 
_refine_analyze.Luzzati_coordinate_error_obs    0.30 
_refine_analyze.Luzzati_sigma_a_obs             ? 
_refine_analyze.Luzzati_d_res_low_obs           ? 
_refine_analyze.Luzzati_coordinate_error_free   ? 
_refine_analyze.Luzzati_sigma_a_free            ? 
_refine_analyze.Luzzati_d_res_low_free          ? 
_refine_analyze.number_disordered_residues      ? 
_refine_analyze.occupancy_sum_hydrogen          ? 
_refine_analyze.occupancy_sum_non_hydrogen      ? 
_refine_analyze.pdbx_refine_id                  'X-RAY DIFFRACTION' 
_refine_analyze.pdbx_Luzzati_d_res_high_obs     ? 
# 
_refine_hist.pdbx_refine_id                   'X-RAY DIFFRACTION' 
_refine_hist.cycle_id                         LAST 
_refine_hist.pdbx_number_atoms_protein        1097 
_refine_hist.pdbx_number_atoms_nucleic_acid   0 
_refine_hist.pdbx_number_atoms_ligand         9 
_refine_hist.number_atoms_solvent             25 
_refine_hist.number_atoms_total               1131 
_refine_hist.d_res_high                       2.5 
_refine_hist.d_res_low                        6.0 
# 
loop_
_refine_ls_restr.type 
_refine_ls_restr.dev_ideal 
_refine_ls_restr.dev_ideal_target 
_refine_ls_restr.weight 
_refine_ls_restr.number 
_refine_ls_restr.pdbx_refine_id 
_refine_ls_restr.pdbx_restraint_function 
x_bond_d                0.007 ? ? ? 'X-RAY DIFFRACTION' ? 
x_bond_d_na             ?     ? ? ? 'X-RAY DIFFRACTION' ? 
x_bond_d_prot           ?     ? ? ? 'X-RAY DIFFRACTION' ? 
x_angle_d               ?     ? ? ? 'X-RAY DIFFRACTION' ? 
x_angle_d_na            ?     ? ? ? 'X-RAY DIFFRACTION' ? 
x_angle_d_prot          ?     ? ? ? 'X-RAY DIFFRACTION' ? 
x_angle_deg             1.3   ? ? ? 'X-RAY DIFFRACTION' ? 
x_angle_deg_na          ?     ? ? ? 'X-RAY DIFFRACTION' ? 
x_angle_deg_prot        ?     ? ? ? 'X-RAY DIFFRACTION' ? 
x_dihedral_angle_d      24.1  ? ? ? 'X-RAY DIFFRACTION' ? 
x_dihedral_angle_d_na   ?     ? ? ? 'X-RAY DIFFRACTION' ? 
x_dihedral_angle_d_prot ?     ? ? ? 'X-RAY DIFFRACTION' ? 
x_improper_angle_d      1.2   ? ? ? 'X-RAY DIFFRACTION' ? 
x_improper_angle_d_na   ?     ? ? ? 'X-RAY DIFFRACTION' ? 
x_improper_angle_d_prot ?     ? ? ? 'X-RAY DIFFRACTION' ? 
x_mcbond_it             ?     ? ? ? 'X-RAY DIFFRACTION' ? 
x_mcangle_it            ?     ? ? ? 'X-RAY DIFFRACTION' ? 
x_scbond_it             ?     ? ? ? 'X-RAY DIFFRACTION' ? 
x_scangle_it            ?     ? ? ? 'X-RAY DIFFRACTION' ? 
# 
_refine_ls_shell.R_factor_R_free                  ? 
_refine_ls_shell.R_factor_R_free_error            ? 
_refine_ls_shell.R_factor_R_work                  0.2738 
_refine_ls_shell.d_res_high                       2.5 
_refine_ls_shell.d_res_low                        2.6 
_refine_ls_shell.pdbx_total_number_of_bins_used   807 
_refine_ls_shell.number_reflns_R_free             ? 
_refine_ls_shell.number_reflns_R_work             807 
_refine_ls_shell.percent_reflns_R_free            ? 
_refine_ls_shell.percent_reflns_obs               ? 
_refine_ls_shell.redundancy_reflns_obs            ? 
_refine_ls_shell.number_reflns_all                ? 
_refine_ls_shell.number_reflns_obs                ? 
_refine_ls_shell.R_factor_all                     ? 
_refine_ls_shell.pdbx_refine_id                   'X-RAY DIFFRACTION' 
# 
_struct.entry_id                  1HUP 
_struct.title                     
'HUMAN MANNOSE BINDING PROTEIN CARBOHYDRATE RECOGNITION DOMAIN TRIMERIZES THROUGH A TRIPLE ALPHA-HELICAL COILED-COIL' 
_struct.pdbx_model_details        ? 
_struct.pdbx_CASP_flag            ? 
_struct.pdbx_model_type_details   ? 
# 
_struct_keywords.entry_id        1HUP 
_struct_keywords.pdbx_keywords   'C-TYPE LECTIN' 
_struct_keywords.text            'ALPHA-HELICAL COILED-COIL, C-TYPE LECTIN' 
# 
loop_
_struct_asym.id 
_struct_asym.pdbx_blank_PDB_chainid_flag 
_struct_asym.pdbx_modified 
_struct_asym.entity_id 
_struct_asym.details 
A N N 1 ? 
B N N 2 ? 
C N N 2 ? 
D N N 2 ? 
E N N 3 ? 
F N N 2 ? 
G N N 4 ? 
# 
_struct_ref.id                         1 
_struct_ref.db_name                    UNP 
_struct_ref.db_code                    MBL2_HUMAN 
_struct_ref.entity_id                  1 
_struct_ref.pdbx_db_accession          P11226 
_struct_ref.pdbx_align_begin           1 
_struct_ref.pdbx_seq_one_letter_code   
;MSLFPSLPLLLLSMVAASYSETVTCEDAQKTCPAVIACSSPGINGFPGKDGRDGTKGEKGEPGQGLRGLQGPPGKLGPPG
NPGPSGSPGPKGQKGDPGKSPDGDSSLAASERKALQTEMARIKKWLTFSLGKQVGNKFFLTNGEIMTFEKVKALCVKFQA
SVATPRNAAENGAIQNLIKEEAFLGITDEKTEGQFVDLTGNRLTYTNWNEGEPNNAGSDEDCVLLLKNGQWNDVPCSTSH
LAVCEFPI
;
_struct_ref.pdbx_db_isoform            ? 
# 
_struct_ref_seq.align_id                      1 
_struct_ref_seq.ref_id                        1 
_struct_ref_seq.pdbx_PDB_id_code              1HUP 
_struct_ref_seq.pdbx_strand_id                A 
_struct_ref_seq.seq_align_beg                 1 
_struct_ref_seq.pdbx_seq_align_beg_ins_code   ? 
_struct_ref_seq.seq_align_end                 141 
_struct_ref_seq.pdbx_seq_align_end_ins_code   ? 
_struct_ref_seq.pdbx_db_accession             P11226 
_struct_ref_seq.db_align_beg                  108 
_struct_ref_seq.pdbx_db_align_beg_ins_code    ? 
_struct_ref_seq.db_align_end                  248 
_struct_ref_seq.pdbx_db_align_end_ins_code    ? 
_struct_ref_seq.pdbx_auth_seq_align_beg       88 
_struct_ref_seq.pdbx_auth_seq_align_end       228 
# 
_pdbx_struct_assembly.id                   1 
_pdbx_struct_assembly.details              author_and_software_defined_assembly 
_pdbx_struct_assembly.method_details       PISA,PQS 
_pdbx_struct_assembly.oligomeric_details   trimeric 
_pdbx_struct_assembly.oligomeric_count     3 
# 
loop_
_pdbx_struct_assembly_prop.biol_id 
_pdbx_struct_assembly_prop.type 
_pdbx_struct_assembly_prop.value 
_pdbx_struct_assembly_prop.details 
1 'ABSA (A^2)' 6230  ? 
1 MORE         -170  ? 
1 'SSA (A^2)'  19690 ? 
# 
_pdbx_struct_assembly_gen.assembly_id       1 
_pdbx_struct_assembly_gen.oper_expression   1,2,3 
_pdbx_struct_assembly_gen.asym_id_list      A,B,C,D,E,F,G 
# 
loop_
_pdbx_struct_oper_list.id 
_pdbx_struct_oper_list.type 
_pdbx_struct_oper_list.name 
_pdbx_struct_oper_list.symmetry_operation 
_pdbx_struct_oper_list.matrix[1][1] 
_pdbx_struct_oper_list.matrix[1][2] 
_pdbx_struct_oper_list.matrix[1][3] 
_pdbx_struct_oper_list.vector[1] 
_pdbx_struct_oper_list.matrix[2][1] 
_pdbx_struct_oper_list.matrix[2][2] 
_pdbx_struct_oper_list.matrix[2][3] 
_pdbx_struct_oper_list.vector[2] 
_pdbx_struct_oper_list.matrix[3][1] 
_pdbx_struct_oper_list.matrix[3][2] 
_pdbx_struct_oper_list.matrix[3][3] 
_pdbx_struct_oper_list.vector[3] 
1 'identity operation'         1_555 x,y,z       1.0000000000 0.0000000000 0.0000000000  0.0000000000  0.0000000000 1.0000000000  0.0000000000  0.0000000000   0.0000000000  0.0000000000  1.0000000000  0.0000000000  
2 'crystal symmetry operation' 2_545 -y,x-y-1,z  0.7856915484 0.3122647933 -0.5340219936 8.9499818905  0.6169467091 -0.3321070833 0.7134995749  -27.6657575692 0.0454483106  -0.8900536973 -0.4535844651 -5.5130026467 
3 'crystal symmetry operation' 3_655 -x+y+1,-x,z 0.7856915484 0.6169467091 0.0454483106  10.2869296150 0.3122647933 -0.3321070833 -0.8900536973 -16.8896266878 -0.5340219936 0.7134995749  -0.4535844651 22.0183810801 
# 
_struct_biol.id                    1 
_struct_biol.details               
;THE FOLLOWING TRANSFORMATIONS, WHEN APPLIED TO THE
COORDINATES IN THIS ENTRY, WILL YIELD THE OTHER TWO
MONOMERS OF THE TRIMER.

 SYMMETRY1   1 -0.499967 -0.866057  0.000000       38.33807
 SYMMETRY2   1  0.865994 -0.500033  0.000000      -66.40547
 SYMMETRY3   1  0.000000  0.000000  1.000000        0.00000

 SYMMETRY1   2 -0.500033  0.866057  0.000000       76.68124
 SYMMETRY2   2 -0.865994 -0.499967  0.000000        0.00000
 SYMMETRY3   2  0.000000  0.000000  1.000000        0.00000
;
_struct_biol.pdbx_parent_biol_id   ? 
# 
loop_
_struct_conf.conf_type_id 
_struct_conf.id 
_struct_conf.pdbx_PDB_helix_id 
_struct_conf.beg_label_comp_id 
_struct_conf.beg_label_asym_id 
_struct_conf.beg_label_seq_id 
_struct_conf.pdbx_beg_PDB_ins_code 
_struct_conf.end_label_comp_id 
_struct_conf.end_label_asym_id 
_struct_conf.end_label_seq_id 
_struct_conf.pdbx_end_PDB_ins_code 
_struct_conf.beg_auth_comp_id 
_struct_conf.beg_auth_asym_id 
_struct_conf.beg_auth_seq_id 
_struct_conf.end_auth_comp_id 
_struct_conf.end_auth_asym_id 
_struct_conf.end_auth_seq_id 
_struct_conf.pdbx_PDB_helix_class 
_struct_conf.details 
_struct_conf.pdbx_PDB_helix_length 
HELX_P HELX_P1 1 SER A 3   ? SER A 22  ? SER A 90  SER A 109 1 ? 20 
HELX_P HELX_P2 2 PHE A 41  ? PHE A 51  ? PHE A 128 PHE A 138 1 ? 11 
HELX_P HELX_P3 3 ALA A 61  ? LEU A 70  ? ALA A 148 LEU A 157 1 ? 10 
HELX_P HELX_P4 4 ALA A 109 ? SER A 111 ? ALA A 196 SER A 198 5 ? 3  
# 
_struct_conf_type.id          HELX_P 
_struct_conf_type.criteria    ? 
_struct_conf_type.reference   ? 
# 
loop_
_struct_conn.id 
_struct_conn.conn_type_id 
_struct_conn.pdbx_leaving_atom_flag 
_struct_conn.pdbx_PDB_id 
_struct_conn.ptnr1_label_asym_id 
_struct_conn.ptnr1_label_comp_id 
_struct_conn.ptnr1_label_seq_id 
_struct_conn.ptnr1_label_atom_id 
_struct_conn.pdbx_ptnr1_label_alt_id 
_struct_conn.pdbx_ptnr1_PDB_ins_code 
_struct_conn.pdbx_ptnr1_standard_comp_id 
_struct_conn.ptnr1_symmetry 
_struct_conn.ptnr2_label_asym_id 
_struct_conn.ptnr2_label_comp_id 
_struct_conn.ptnr2_label_seq_id 
_struct_conn.ptnr2_label_atom_id 
_struct_conn.pdbx_ptnr2_label_alt_id 
_struct_conn.pdbx_ptnr2_PDB_ins_code 
_struct_conn.ptnr1_auth_asym_id 
_struct_conn.ptnr1_auth_comp_id 
_struct_conn.ptnr1_auth_seq_id 
_struct_conn.ptnr2_auth_asym_id 
_struct_conn.ptnr2_auth_comp_id 
_struct_conn.ptnr2_auth_seq_id 
_struct_conn.ptnr2_symmetry 
_struct_conn.pdbx_ptnr3_label_atom_id 
_struct_conn.pdbx_ptnr3_label_seq_id 
_struct_conn.pdbx_ptnr3_label_comp_id 
_struct_conn.pdbx_ptnr3_label_asym_id 
_struct_conn.pdbx_ptnr3_label_alt_id 
_struct_conn.pdbx_ptnr3_PDB_ins_code 
_struct_conn.details 
_struct_conn.pdbx_dist_value 
_struct_conn.pdbx_value_order 
_struct_conn.pdbx_role 
disulf1  disulf ? ? A CYS 48  SG  ? ? ? 1_555 A CYS 137 SG ? ? A CYS 135 A CYS 224 1_555 ? ? ? ? ? ? ? 2.039 ? ? 
disulf2  disulf ? ? A CYS 115 SG  ? ? ? 1_555 A CYS 129 SG ? ? A CYS 202 A CYS 216 1_555 ? ? ? ? ? ? ? 2.026 ? ? 
metalc1  metalc ? ? A ASP 81  OD1 ? ? ? 1_555 B CA  .   CA ? ? A ASP 168 A CA  301 1_555 ? ? ? ? ? ? ? 2.714 ? ? 
metalc2  metalc ? ? A ASP 81  OD2 ? ? ? 1_555 B CA  .   CA ? ? A ASP 168 A CA  301 1_555 ? ? ? ? ? ? ? 2.413 ? ? 
metalc3  metalc ? ? A GLU 85  OE1 ? ? ? 1_555 B CA  .   CA ? ? A GLU 172 A CA  301 1_555 ? ? ? ? ? ? ? 2.589 ? ? 
metalc4  metalc ? ? A GLU 85  OE2 ? ? ? 1_555 B CA  .   CA ? ? A GLU 172 A CA  301 1_555 ? ? ? ? ? ? ? 2.505 ? ? 
metalc5  metalc ? ? A GLU 85  OE1 ? ? ? 1_555 D CA  .   CA ? ? A GLU 172 A CA  303 1_555 ? ? ? ? ? ? ? 2.403 ? ? 
metalc6  metalc ? ? A ASN 102 OD1 ? ? ? 1_555 F CA  .   CA ? ? A ASN 189 A CA  305 1_555 ? ? ? ? ? ? ? 2.714 ? ? 
metalc7  metalc ? ? A ASN 102 OD1 ? ? ? 5_555 F CA  .   CA ? ? A ASN 189 A CA  305 1_555 ? ? ? ? ? ? ? 2.714 ? ? 
metalc8  metalc ? ? A GLU 103 OE1 ? ? ? 1_555 F CA  .   CA ? ? A GLU 190 A CA  305 1_555 ? ? ? ? ? ? ? 2.221 ? ? 
metalc9  metalc ? ? A GLU 103 OE1 ? ? ? 5_555 F CA  .   CA ? ? A GLU 190 A CA  305 1_555 ? ? ? ? ? ? ? 2.221 ? ? 
metalc10 metalc ? ? A GLU 105 OE1 ? ? ? 1_555 C CA  .   CA ? ? A GLU 192 A CA  302 1_555 ? ? ? ? ? ? ? 2.362 ? ? 
metalc11 metalc ? ? A ASN 107 OD1 ? ? ? 1_555 C CA  .   CA ? ? A ASN 194 A CA  302 1_555 ? ? ? ? ? ? ? 2.610 ? ? 
metalc12 metalc ? ? A ASN 108 OD1 ? ? ? 1_555 B CA  .   CA ? ? A ASN 195 A CA  301 1_555 ? ? ? ? ? ? ? 2.844 ? ? 
metalc13 metalc ? ? A GLU 113 O   ? ? ? 1_555 B CA  .   CA ? ? A GLU 200 A CA  301 1_555 ? ? ? ? ? ? ? 2.413 ? ? 
metalc14 metalc ? ? A GLU 113 OE1 ? ? ? 1_555 C CA  .   CA ? ? A GLU 200 A CA  302 1_555 ? ? ? ? ? ? ? 2.357 ? ? 
metalc15 metalc ? ? A ASP 114 OD1 ? ? ? 1_555 B CA  .   CA ? ? A ASP 201 A CA  301 1_555 ? ? ? ? ? ? ? 2.577 ? ? 
metalc16 metalc ? ? A ASP 114 OD1 ? ? ? 1_555 D CA  .   CA ? ? A ASP 201 A CA  303 1_555 ? ? ? ? ? ? ? 2.432 ? ? 
metalc17 metalc ? ? A ASP 114 OD2 ? ? ? 1_555 D CA  .   CA ? ? A ASP 201 A CA  303 1_555 ? ? ? ? ? ? ? 2.786 ? ? 
metalc18 metalc ? ? A GLN 123 OE1 ? ? ? 1_555 F CA  .   CA ? ? A GLN 210 A CA  305 1_555 ? ? ? ? ? ? ? 2.530 ? ? 
metalc19 metalc ? ? A GLN 123 OE1 ? ? ? 5_555 F CA  .   CA ? ? A GLN 210 A CA  305 1_555 ? ? ? ? ? ? ? 2.530 ? ? 
metalc20 metalc ? ? A ASN 125 OD1 ? ? ? 1_555 C CA  .   CA ? ? A ASN 212 A CA  302 1_555 ? ? ? ? ? ? ? 2.590 ? ? 
metalc21 metalc ? ? A ASP 126 O   ? ? ? 1_555 C CA  .   CA ? ? A ASP 213 A CA  302 1_555 ? ? ? ? ? ? ? 2.673 ? ? 
metalc22 metalc ? ? A ASP 126 OD1 ? ? ? 1_555 C CA  .   CA ? ? A ASP 213 A CA  302 1_555 ? ? ? ? ? ? ? 2.378 ? ? 
metalc23 metalc ? ? B CA  .   CA  ? ? ? 1_555 G HOH .   O  ? ? A CA  301 A HOH 339 1_555 ? ? ? ? ? ? ? 2.328 ? ? 
metalc24 metalc ? ? C CA  .   CA  ? ? ? 1_555 E SO4 .   S  ? ? A CA  302 A SO4 304 1_555 ? ? ? ? ? ? ? 3.155 ? ? 
metalc25 metalc ? ? C CA  .   CA  ? ? ? 1_555 E SO4 .   O4 ? ? A CA  302 A SO4 304 1_555 ? ? ? ? ? ? ? 2.426 ? ? 
metalc26 metalc ? ? C CA  .   CA  ? ? ? 1_555 E SO4 .   O2 ? ? A CA  302 A SO4 304 1_555 ? ? ? ? ? ? ? 2.794 ? ? 
metalc27 metalc ? ? C CA  .   CA  ? ? ? 1_555 E SO4 .   S  ? ? A CA  302 A SO4 304 5_555 ? ? ? ? ? ? ? 3.155 ? ? 
metalc28 metalc ? ? C CA  .   CA  ? ? ? 1_555 E SO4 .   O1 ? ? A CA  302 A SO4 304 5_555 ? ? ? ? ? ? ? 2.426 ? ? 
metalc29 metalc ? ? C CA  .   CA  ? ? ? 1_555 E SO4 .   O3 ? ? A CA  302 A SO4 304 5_555 ? ? ? ? ? ? ? 2.794 ? ? 
metalc30 metalc ? ? F CA  .   CA  ? ? ? 1_555 G HOH .   O  ? ? A CA  305 A HOH 306 1_555 ? ? ? ? ? ? ? 2.624 ? ? 
metalc31 metalc ? ? F CA  .   CA  ? ? ? 1_555 G HOH .   O  ? ? A CA  305 A HOH 306 5_555 ? ? ? ? ? ? ? 2.624 ? ? 
# 
loop_
_struct_conn_type.id 
_struct_conn_type.criteria 
_struct_conn_type.reference 
disulf ? ? 
metalc ? ? 
# 
loop_
_pdbx_struct_conn_angle.id 
_pdbx_struct_conn_angle.ptnr1_label_atom_id 
_pdbx_struct_conn_angle.ptnr1_label_alt_id 
_pdbx_struct_conn_angle.ptnr1_label_asym_id 
_pdbx_struct_conn_angle.ptnr1_label_comp_id 
_pdbx_struct_conn_angle.ptnr1_label_seq_id 
_pdbx_struct_conn_angle.ptnr1_auth_atom_id 
_pdbx_struct_conn_angle.ptnr1_auth_asym_id 
_pdbx_struct_conn_angle.ptnr1_auth_comp_id 
_pdbx_struct_conn_angle.ptnr1_auth_seq_id 
_pdbx_struct_conn_angle.ptnr1_PDB_ins_code 
_pdbx_struct_conn_angle.ptnr1_symmetry 
_pdbx_struct_conn_angle.ptnr2_label_atom_id 
_pdbx_struct_conn_angle.ptnr2_label_alt_id 
_pdbx_struct_conn_angle.ptnr2_label_asym_id 
_pdbx_struct_conn_angle.ptnr2_label_comp_id 
_pdbx_struct_conn_angle.ptnr2_label_seq_id 
_pdbx_struct_conn_angle.ptnr2_auth_atom_id 
_pdbx_struct_conn_angle.ptnr2_auth_asym_id 
_pdbx_struct_conn_angle.ptnr2_auth_comp_id 
_pdbx_struct_conn_angle.ptnr2_auth_seq_id 
_pdbx_struct_conn_angle.ptnr2_PDB_ins_code 
_pdbx_struct_conn_angle.ptnr2_symmetry 
_pdbx_struct_conn_angle.ptnr3_label_atom_id 
_pdbx_struct_conn_angle.ptnr3_label_alt_id 
_pdbx_struct_conn_angle.ptnr3_label_asym_id 
_pdbx_struct_conn_angle.ptnr3_label_comp_id 
_pdbx_struct_conn_angle.ptnr3_label_seq_id 
_pdbx_struct_conn_angle.ptnr3_auth_atom_id 
_pdbx_struct_conn_angle.ptnr3_auth_asym_id 
_pdbx_struct_conn_angle.ptnr3_auth_comp_id 
_pdbx_struct_conn_angle.ptnr3_auth_seq_id 
_pdbx_struct_conn_angle.ptnr3_PDB_ins_code 
_pdbx_struct_conn_angle.ptnr3_symmetry 
_pdbx_struct_conn_angle.value 
_pdbx_struct_conn_angle.value_esd 
1   OD1 ? A ASP 81  ? A ASP 168 ? 1_555 CA ? B CA . ? A CA 301 ? 1_555 OD2 ? A ASP 81  ? A ASP 168 ? 1_555 49.5  ? 
2   OD1 ? A ASP 81  ? A ASP 168 ? 1_555 CA ? B CA . ? A CA 301 ? 1_555 OE1 ? A GLU 85  ? A GLU 172 ? 1_555 106.9 ? 
3   OD2 ? A ASP 81  ? A ASP 168 ? 1_555 CA ? B CA . ? A CA 301 ? 1_555 OE1 ? A GLU 85  ? A GLU 172 ? 1_555 87.2  ? 
4   OD1 ? A ASP 81  ? A ASP 168 ? 1_555 CA ? B CA . ? A CA 301 ? 1_555 OE2 ? A GLU 85  ? A GLU 172 ? 1_555 117.9 ? 
5   OD2 ? A ASP 81  ? A ASP 168 ? 1_555 CA ? B CA . ? A CA 301 ? 1_555 OE2 ? A GLU 85  ? A GLU 172 ? 1_555 70.1  ? 
6   OE1 ? A GLU 85  ? A GLU 172 ? 1_555 CA ? B CA . ? A CA 301 ? 1_555 OE2 ? A GLU 85  ? A GLU 172 ? 1_555 51.0  ? 
7   OD1 ? A ASP 81  ? A ASP 168 ? 1_555 CA ? B CA . ? A CA 301 ? 1_555 OD1 ? A ASN 108 ? A ASN 195 ? 1_555 158.5 ? 
8   OD2 ? A ASP 81  ? A ASP 168 ? 1_555 CA ? B CA . ? A CA 301 ? 1_555 OD1 ? A ASN 108 ? A ASN 195 ? 1_555 151.3 ? 
9   OE1 ? A GLU 85  ? A GLU 172 ? 1_555 CA ? B CA . ? A CA 301 ? 1_555 OD1 ? A ASN 108 ? A ASN 195 ? 1_555 84.7  ? 
10  OE2 ? A GLU 85  ? A GLU 172 ? 1_555 CA ? B CA . ? A CA 301 ? 1_555 OD1 ? A ASN 108 ? A ASN 195 ? 1_555 83.5  ? 
11  OD1 ? A ASP 81  ? A ASP 168 ? 1_555 CA ? B CA . ? A CA 301 ? 1_555 O   ? A GLU 113 ? A GLU 200 ? 1_555 86.3  ? 
12  OD2 ? A ASP 81  ? A ASP 168 ? 1_555 CA ? B CA . ? A CA 301 ? 1_555 O   ? A GLU 113 ? A GLU 200 ? 1_555 122.1 ? 
13  OE1 ? A GLU 85  ? A GLU 172 ? 1_555 CA ? B CA . ? A CA 301 ? 1_555 O   ? A GLU 113 ? A GLU 200 ? 1_555 147.7 ? 
14  OE2 ? A GLU 85  ? A GLU 172 ? 1_555 CA ? B CA . ? A CA 301 ? 1_555 O   ? A GLU 113 ? A GLU 200 ? 1_555 146.5 ? 
15  OD1 ? A ASN 108 ? A ASN 195 ? 1_555 CA ? B CA . ? A CA 301 ? 1_555 O   ? A GLU 113 ? A GLU 200 ? 1_555 75.1  ? 
16  OD1 ? A ASP 81  ? A ASP 168 ? 1_555 CA ? B CA . ? A CA 301 ? 1_555 OD1 ? A ASP 114 ? A ASP 201 ? 1_555 68.9  ? 
17  OD2 ? A ASP 81  ? A ASP 168 ? 1_555 CA ? B CA . ? A CA 301 ? 1_555 OD1 ? A ASP 114 ? A ASP 201 ? 1_555 106.3 ? 
18  OE1 ? A GLU 85  ? A GLU 172 ? 1_555 CA ? B CA . ? A CA 301 ? 1_555 OD1 ? A ASP 114 ? A ASP 201 ? 1_555 74.7  ? 
19  OE2 ? A GLU 85  ? A GLU 172 ? 1_555 CA ? B CA . ? A CA 301 ? 1_555 OD1 ? A ASP 114 ? A ASP 201 ? 1_555 125.5 ? 
20  OD1 ? A ASN 108 ? A ASN 195 ? 1_555 CA ? B CA . ? A CA 301 ? 1_555 OD1 ? A ASP 114 ? A ASP 201 ? 1_555 98.0  ? 
21  O   ? A GLU 113 ? A GLU 200 ? 1_555 CA ? B CA . ? A CA 301 ? 1_555 OD1 ? A ASP 114 ? A ASP 201 ? 1_555 83.4  ? 
22  OD1 ? A ASP 81  ? A ASP 168 ? 1_555 CA ? B CA . ? A CA 301 ? 1_555 O   ? G HOH .   ? A HOH 339 ? 1_555 101.5 ? 
23  OD2 ? A ASP 81  ? A ASP 168 ? 1_555 CA ? B CA . ? A CA 301 ? 1_555 O   ? G HOH .   ? A HOH 339 ? 1_555 81.6  ? 
24  OE1 ? A GLU 85  ? A GLU 172 ? 1_555 CA ? B CA . ? A CA 301 ? 1_555 O   ? G HOH .   ? A HOH 339 ? 1_555 130.7 ? 
25  OE2 ? A GLU 85  ? A GLU 172 ? 1_555 CA ? B CA . ? A CA 301 ? 1_555 O   ? G HOH .   ? A HOH 339 ? 1_555 80.2  ? 
26  OD1 ? A ASN 108 ? A ASN 195 ? 1_555 CA ? B CA . ? A CA 301 ? 1_555 O   ? G HOH .   ? A HOH 339 ? 1_555 83.0  ? 
27  O   ? A GLU 113 ? A GLU 200 ? 1_555 CA ? B CA . ? A CA 301 ? 1_555 O   ? G HOH .   ? A HOH 339 ? 1_555 72.0  ? 
28  OD1 ? A ASP 114 ? A ASP 201 ? 1_555 CA ? B CA . ? A CA 301 ? 1_555 O   ? G HOH .   ? A HOH 339 ? 1_555 154.3 ? 
29  OE1 ? A GLU 85  ? A GLU 172 ? 1_555 CA ? D CA . ? A CA 303 ? 1_555 OD1 ? A ASP 114 ? A ASP 201 ? 1_555 80.9  ? 
30  OE1 ? A GLU 85  ? A GLU 172 ? 1_555 CA ? D CA . ? A CA 303 ? 1_555 OD2 ? A ASP 114 ? A ASP 201 ? 1_555 129.9 ? 
31  OD1 ? A ASP 114 ? A ASP 201 ? 1_555 CA ? D CA . ? A CA 303 ? 1_555 OD2 ? A ASP 114 ? A ASP 201 ? 1_555 49.5  ? 
32  OD1 ? A ASN 102 ? A ASN 189 ? 1_555 CA ? F CA . ? A CA 305 ? 1_555 OD1 ? A ASN 102 ? A ASN 189 ? 5_555 70.5  ? 
33  OD1 ? A ASN 102 ? A ASN 189 ? 1_555 CA ? F CA . ? A CA 305 ? 1_555 OE1 ? A GLU 103 ? A GLU 190 ? 1_555 71.9  ? 
34  OD1 ? A ASN 102 ? A ASN 189 ? 5_555 CA ? F CA . ? A CA 305 ? 1_555 OE1 ? A GLU 103 ? A GLU 190 ? 1_555 96.7  ? 
35  OD1 ? A ASN 102 ? A ASN 189 ? 1_555 CA ? F CA . ? A CA 305 ? 1_555 OE1 ? A GLU 103 ? A GLU 190 ? 5_555 96.7  ? 
36  OD1 ? A ASN 102 ? A ASN 189 ? 5_555 CA ? F CA . ? A CA 305 ? 1_555 OE1 ? A GLU 103 ? A GLU 190 ? 5_555 71.9  ? 
37  OE1 ? A GLU 103 ? A GLU 190 ? 1_555 CA ? F CA . ? A CA 305 ? 1_555 OE1 ? A GLU 103 ? A GLU 190 ? 5_555 166.3 ? 
38  OD1 ? A ASN 102 ? A ASN 189 ? 1_555 CA ? F CA . ? A CA 305 ? 1_555 OE1 ? A GLN 123 ? A GLN 210 ? 1_555 63.6  ? 
39  OD1 ? A ASN 102 ? A ASN 189 ? 5_555 CA ? F CA . ? A CA 305 ? 1_555 OE1 ? A GLN 123 ? A GLN 210 ? 1_555 123.8 ? 
40  OE1 ? A GLU 103 ? A GLU 190 ? 1_555 CA ? F CA . ? A CA 305 ? 1_555 OE1 ? A GLN 123 ? A GLN 210 ? 1_555 98.1  ? 
41  OE1 ? A GLU 103 ? A GLU 190 ? 5_555 CA ? F CA . ? A CA 305 ? 1_555 OE1 ? A GLN 123 ? A GLN 210 ? 1_555 82.8  ? 
42  OD1 ? A ASN 102 ? A ASN 189 ? 1_555 CA ? F CA . ? A CA 305 ? 1_555 OE1 ? A GLN 123 ? A GLN 210 ? 5_555 123.8 ? 
43  OD1 ? A ASN 102 ? A ASN 189 ? 5_555 CA ? F CA . ? A CA 305 ? 1_555 OE1 ? A GLN 123 ? A GLN 210 ? 5_555 63.6  ? 
44  OE1 ? A GLU 103 ? A GLU 190 ? 1_555 CA ? F CA . ? A CA 305 ? 1_555 OE1 ? A GLN 123 ? A GLN 210 ? 5_555 82.8  ? 
45  OE1 ? A GLU 103 ? A GLU 190 ? 5_555 CA ? F CA . ? A CA 305 ? 1_555 OE1 ? A GLN 123 ? A GLN 210 ? 5_555 98.1  ? 
46  OE1 ? A GLN 123 ? A GLN 210 ? 1_555 CA ? F CA . ? A CA 305 ? 1_555 OE1 ? A GLN 123 ? A GLN 210 ? 5_555 172.2 ? 
47  OD1 ? A ASN 102 ? A ASN 189 ? 1_555 CA ? F CA . ? A CA 305 ? 1_555 O   ? G HOH .   ? A HOH 306 ? 1_555 144.7 ? 
48  OD1 ? A ASN 102 ? A ASN 189 ? 5_555 CA ? F CA . ? A CA 305 ? 1_555 O   ? G HOH .   ? A HOH 306 ? 1_555 144.7 ? 
49  OE1 ? A GLU 103 ? A GLU 190 ? 1_555 CA ? F CA . ? A CA 305 ? 1_555 O   ? G HOH .   ? A HOH 306 ? 1_555 96.9  ? 
50  OE1 ? A GLU 103 ? A GLU 190 ? 5_555 CA ? F CA . ? A CA 305 ? 1_555 O   ? G HOH .   ? A HOH 306 ? 1_555 96.9  ? 
51  OE1 ? A GLN 123 ? A GLN 210 ? 1_555 CA ? F CA . ? A CA 305 ? 1_555 O   ? G HOH .   ? A HOH 306 ? 1_555 86.1  ? 
52  OE1 ? A GLN 123 ? A GLN 210 ? 5_555 CA ? F CA . ? A CA 305 ? 1_555 O   ? G HOH .   ? A HOH 306 ? 1_555 86.1  ? 
53  OD1 ? A ASN 102 ? A ASN 189 ? 1_555 CA ? F CA . ? A CA 305 ? 1_555 O   ? G HOH .   ? A HOH 306 ? 5_555 144.7 ? 
54  OD1 ? A ASN 102 ? A ASN 189 ? 5_555 CA ? F CA . ? A CA 305 ? 1_555 O   ? G HOH .   ? A HOH 306 ? 5_555 144.7 ? 
55  OE1 ? A GLU 103 ? A GLU 190 ? 1_555 CA ? F CA . ? A CA 305 ? 1_555 O   ? G HOH .   ? A HOH 306 ? 5_555 96.9  ? 
56  OE1 ? A GLU 103 ? A GLU 190 ? 5_555 CA ? F CA . ? A CA 305 ? 1_555 O   ? G HOH .   ? A HOH 306 ? 5_555 96.9  ? 
57  OE1 ? A GLN 123 ? A GLN 210 ? 1_555 CA ? F CA . ? A CA 305 ? 1_555 O   ? G HOH .   ? A HOH 306 ? 5_555 86.1  ? 
58  OE1 ? A GLN 123 ? A GLN 210 ? 5_555 CA ? F CA . ? A CA 305 ? 1_555 O   ? G HOH .   ? A HOH 306 ? 5_555 86.1  ? 
59  O   ? G HOH .   ? A HOH 306 ? 1_555 CA ? F CA . ? A CA 305 ? 1_555 O   ? G HOH .   ? A HOH 306 ? 5_555 0.0   ? 
60  OE1 ? A GLU 105 ? A GLU 192 ? 1_555 CA ? C CA . ? A CA 302 ? 1_555 OD1 ? A ASN 107 ? A ASN 194 ? 1_555 86.8  ? 
61  OE1 ? A GLU 105 ? A GLU 192 ? 1_555 CA ? C CA . ? A CA 302 ? 1_555 OE1 ? A GLU 113 ? A GLU 200 ? 1_555 151.2 ? 
62  OD1 ? A ASN 107 ? A ASN 194 ? 1_555 CA ? C CA . ? A CA 302 ? 1_555 OE1 ? A GLU 113 ? A GLU 200 ? 1_555 70.5  ? 
63  OE1 ? A GLU 105 ? A GLU 192 ? 1_555 CA ? C CA . ? A CA 302 ? 1_555 OD1 ? A ASN 125 ? A ASN 212 ? 1_555 71.0  ? 
64  OD1 ? A ASN 107 ? A ASN 194 ? 1_555 CA ? C CA . ? A CA 302 ? 1_555 OD1 ? A ASN 125 ? A ASN 212 ? 1_555 155.3 ? 
65  OE1 ? A GLU 113 ? A GLU 200 ? 1_555 CA ? C CA . ? A CA 302 ? 1_555 OD1 ? A ASN 125 ? A ASN 212 ? 1_555 134.0 ? 
66  OE1 ? A GLU 105 ? A GLU 192 ? 1_555 CA ? C CA . ? A CA 302 ? 1_555 O   ? A ASP 126 ? A ASP 213 ? 1_555 126.6 ? 
67  OD1 ? A ASN 107 ? A ASN 194 ? 1_555 CA ? C CA . ? A CA 302 ? 1_555 O   ? A ASP 126 ? A ASP 213 ? 1_555 135.5 ? 
68  OE1 ? A GLU 113 ? A GLU 200 ? 1_555 CA ? C CA . ? A CA 302 ? 1_555 O   ? A ASP 126 ? A ASP 213 ? 1_555 67.4  ? 
69  OD1 ? A ASN 125 ? A ASN 212 ? 1_555 CA ? C CA . ? A CA 302 ? 1_555 O   ? A ASP 126 ? A ASP 213 ? 1_555 68.8  ? 
70  OE1 ? A GLU 105 ? A GLU 192 ? 1_555 CA ? C CA . ? A CA 302 ? 1_555 OD1 ? A ASP 126 ? A ASP 213 ? 1_555 76.4  ? 
71  OD1 ? A ASN 107 ? A ASN 194 ? 1_555 CA ? C CA . ? A CA 302 ? 1_555 OD1 ? A ASP 126 ? A ASP 213 ? 1_555 87.7  ? 
72  OE1 ? A GLU 113 ? A GLU 200 ? 1_555 CA ? C CA . ? A CA 302 ? 1_555 OD1 ? A ASP 126 ? A ASP 213 ? 1_555 84.9  ? 
73  OD1 ? A ASN 125 ? A ASN 212 ? 1_555 CA ? C CA . ? A CA 302 ? 1_555 OD1 ? A ASP 126 ? A ASP 213 ? 1_555 97.2  ? 
74  O   ? A ASP 126 ? A ASP 213 ? 1_555 CA ? C CA . ? A CA 302 ? 1_555 OD1 ? A ASP 126 ? A ASP 213 ? 1_555 75.3  ? 
75  OE1 ? A GLU 105 ? A GLU 192 ? 1_555 CA ? C CA . ? A CA 302 ? 1_555 S   ? E SO4 .   ? A SO4 304 ? 1_555 99.6  ? 
76  OD1 ? A ASN 107 ? A ASN 194 ? 1_555 CA ? C CA . ? A CA 302 ? 1_555 S   ? E SO4 .   ? A SO4 304 ? 1_555 94.2  ? 
77  OE1 ? A GLU 113 ? A GLU 200 ? 1_555 CA ? C CA . ? A CA 302 ? 1_555 S   ? E SO4 .   ? A SO4 304 ? 1_555 99.6  ? 
78  OD1 ? A ASN 125 ? A ASN 212 ? 1_555 CA ? C CA . ? A CA 302 ? 1_555 S   ? E SO4 .   ? A SO4 304 ? 1_555 79.5  ? 
79  O   ? A ASP 126 ? A ASP 213 ? 1_555 CA ? C CA . ? A CA 302 ? 1_555 S   ? E SO4 .   ? A SO4 304 ? 1_555 106.0 ? 
80  OD1 ? A ASP 126 ? A ASP 213 ? 1_555 CA ? C CA . ? A CA 302 ? 1_555 S   ? E SO4 .   ? A SO4 304 ? 1_555 175.5 ? 
81  OE1 ? A GLU 105 ? A GLU 192 ? 1_555 CA ? C CA . ? A CA 302 ? 1_555 O4  ? E SO4 .   ? A SO4 304 ? 1_555 125.6 ? 
82  OD1 ? A ASN 107 ? A ASN 194 ? 1_555 CA ? C CA . ? A CA 302 ? 1_555 O4  ? E SO4 .   ? A SO4 304 ? 1_555 100.6 ? 
83  OE1 ? A GLU 113 ? A GLU 200 ? 1_555 CA ? C CA . ? A CA 302 ? 1_555 O4  ? E SO4 .   ? A SO4 304 ? 1_555 77.3  ? 
84  OD1 ? A ASN 125 ? A ASN 212 ? 1_555 CA ? C CA . ? A CA 302 ? 1_555 O4  ? E SO4 .   ? A SO4 304 ? 1_555 84.6  ? 
85  O   ? A ASP 126 ? A ASP 213 ? 1_555 CA ? C CA . ? A CA 302 ? 1_555 O4  ? E SO4 .   ? A SO4 304 ? 1_555 83.7  ? 
86  OD1 ? A ASP 126 ? A ASP 213 ? 1_555 CA ? C CA . ? A CA 302 ? 1_555 O4  ? E SO4 .   ? A SO4 304 ? 1_555 156.5 ? 
87  S   ? E SO4 .   ? A SO4 304 ? 1_555 CA ? C CA . ? A CA 302 ? 1_555 O4  ? E SO4 .   ? A SO4 304 ? 1_555 26.8  ? 
88  OE1 ? A GLU 105 ? A GLU 192 ? 1_555 CA ? C CA . ? A CA 302 ? 1_555 O2  ? E SO4 .   ? A SO4 304 ? 1_555 73.9  ? 
89  OD1 ? A ASN 107 ? A ASN 194 ? 1_555 CA ? C CA . ? A CA 302 ? 1_555 O2  ? E SO4 .   ? A SO4 304 ? 1_555 82.2  ? 
90  OE1 ? A GLU 113 ? A GLU 200 ? 1_555 CA ? C CA . ? A CA 302 ? 1_555 O2  ? E SO4 .   ? A SO4 304 ? 1_555 118.3 ? 
91  OD1 ? A ASN 125 ? A ASN 212 ? 1_555 CA ? C CA . ? A CA 302 ? 1_555 O2  ? E SO4 .   ? A SO4 304 ? 1_555 81.4  ? 
92  O   ? A ASP 126 ? A ASP 213 ? 1_555 CA ? C CA . ? A CA 302 ? 1_555 O2  ? E SO4 .   ? A SO4 304 ? 1_555 130.7 ? 
93  OD1 ? A ASP 126 ? A ASP 213 ? 1_555 CA ? C CA . ? A CA 302 ? 1_555 O2  ? E SO4 .   ? A SO4 304 ? 1_555 149.1 ? 
94  S   ? E SO4 .   ? A SO4 304 ? 1_555 CA ? C CA . ? A CA 302 ? 1_555 O2  ? E SO4 .   ? A SO4 304 ? 1_555 27.9  ? 
95  O4  ? E SO4 .   ? A SO4 304 ? 1_555 CA ? C CA . ? A CA 302 ? 1_555 O2  ? E SO4 .   ? A SO4 304 ? 1_555 54.4  ? 
96  OE1 ? A GLU 105 ? A GLU 192 ? 1_555 CA ? C CA . ? A CA 302 ? 1_555 S   ? E SO4 .   ? A SO4 304 ? 5_555 99.6  ? 
97  OD1 ? A ASN 107 ? A ASN 194 ? 1_555 CA ? C CA . ? A CA 302 ? 1_555 S   ? E SO4 .   ? A SO4 304 ? 5_555 94.2  ? 
98  OE1 ? A GLU 113 ? A GLU 200 ? 1_555 CA ? C CA . ? A CA 302 ? 1_555 S   ? E SO4 .   ? A SO4 304 ? 5_555 99.6  ? 
99  OD1 ? A ASN 125 ? A ASN 212 ? 1_555 CA ? C CA . ? A CA 302 ? 1_555 S   ? E SO4 .   ? A SO4 304 ? 5_555 79.5  ? 
100 O   ? A ASP 126 ? A ASP 213 ? 1_555 CA ? C CA . ? A CA 302 ? 1_555 S   ? E SO4 .   ? A SO4 304 ? 5_555 106.0 ? 
101 OD1 ? A ASP 126 ? A ASP 213 ? 1_555 CA ? C CA . ? A CA 302 ? 1_555 S   ? E SO4 .   ? A SO4 304 ? 5_555 175.5 ? 
102 S   ? E SO4 .   ? A SO4 304 ? 1_555 CA ? C CA . ? A CA 302 ? 1_555 S   ? E SO4 .   ? A SO4 304 ? 5_555 0.0   ? 
103 O4  ? E SO4 .   ? A SO4 304 ? 1_555 CA ? C CA . ? A CA 302 ? 1_555 S   ? E SO4 .   ? A SO4 304 ? 5_555 26.8  ? 
104 O2  ? E SO4 .   ? A SO4 304 ? 1_555 CA ? C CA . ? A CA 302 ? 1_555 S   ? E SO4 .   ? A SO4 304 ? 5_555 27.9  ? 
105 OE1 ? A GLU 105 ? A GLU 192 ? 1_555 CA ? C CA . ? A CA 302 ? 1_555 O1  ? E SO4 .   ? A SO4 304 ? 5_555 125.6 ? 
106 OD1 ? A ASN 107 ? A ASN 194 ? 1_555 CA ? C CA . ? A CA 302 ? 1_555 O1  ? E SO4 .   ? A SO4 304 ? 5_555 100.6 ? 
107 OE1 ? A GLU 113 ? A GLU 200 ? 1_555 CA ? C CA . ? A CA 302 ? 1_555 O1  ? E SO4 .   ? A SO4 304 ? 5_555 77.3  ? 
108 OD1 ? A ASN 125 ? A ASN 212 ? 1_555 CA ? C CA . ? A CA 302 ? 1_555 O1  ? E SO4 .   ? A SO4 304 ? 5_555 84.6  ? 
109 O   ? A ASP 126 ? A ASP 213 ? 1_555 CA ? C CA . ? A CA 302 ? 1_555 O1  ? E SO4 .   ? A SO4 304 ? 5_555 83.7  ? 
110 OD1 ? A ASP 126 ? A ASP 213 ? 1_555 CA ? C CA . ? A CA 302 ? 1_555 O1  ? E SO4 .   ? A SO4 304 ? 5_555 156.5 ? 
111 S   ? E SO4 .   ? A SO4 304 ? 1_555 CA ? C CA . ? A CA 302 ? 1_555 O1  ? E SO4 .   ? A SO4 304 ? 5_555 26.8  ? 
112 O4  ? E SO4 .   ? A SO4 304 ? 1_555 CA ? C CA . ? A CA 302 ? 1_555 O1  ? E SO4 .   ? A SO4 304 ? 5_555 0.0   ? 
113 O2  ? E SO4 .   ? A SO4 304 ? 1_555 CA ? C CA . ? A CA 302 ? 1_555 O1  ? E SO4 .   ? A SO4 304 ? 5_555 54.4  ? 
114 S   ? E SO4 .   ? A SO4 304 ? 5_555 CA ? C CA . ? A CA 302 ? 1_555 O1  ? E SO4 .   ? A SO4 304 ? 5_555 26.8  ? 
115 OE1 ? A GLU 105 ? A GLU 192 ? 1_555 CA ? C CA . ? A CA 302 ? 1_555 O3  ? E SO4 .   ? A SO4 304 ? 5_555 73.9  ? 
116 OD1 ? A ASN 107 ? A ASN 194 ? 1_555 CA ? C CA . ? A CA 302 ? 1_555 O3  ? E SO4 .   ? A SO4 304 ? 5_555 82.2  ? 
117 OE1 ? A GLU 113 ? A GLU 200 ? 1_555 CA ? C CA . ? A CA 302 ? 1_555 O3  ? E SO4 .   ? A SO4 304 ? 5_555 118.3 ? 
118 OD1 ? A ASN 125 ? A ASN 212 ? 1_555 CA ? C CA . ? A CA 302 ? 1_555 O3  ? E SO4 .   ? A SO4 304 ? 5_555 81.4  ? 
119 O   ? A ASP 126 ? A ASP 213 ? 1_555 CA ? C CA . ? A CA 302 ? 1_555 O3  ? E SO4 .   ? A SO4 304 ? 5_555 130.7 ? 
120 OD1 ? A ASP 126 ? A ASP 213 ? 1_555 CA ? C CA . ? A CA 302 ? 1_555 O3  ? E SO4 .   ? A SO4 304 ? 5_555 149.1 ? 
121 S   ? E SO4 .   ? A SO4 304 ? 1_555 CA ? C CA . ? A CA 302 ? 1_555 O3  ? E SO4 .   ? A SO4 304 ? 5_555 27.9  ? 
122 O4  ? E SO4 .   ? A SO4 304 ? 1_555 CA ? C CA . ? A CA 302 ? 1_555 O3  ? E SO4 .   ? A SO4 304 ? 5_555 54.4  ? 
123 O2  ? E SO4 .   ? A SO4 304 ? 1_555 CA ? C CA . ? A CA 302 ? 1_555 O3  ? E SO4 .   ? A SO4 304 ? 5_555 0.0   ? 
124 S   ? E SO4 .   ? A SO4 304 ? 5_555 CA ? C CA . ? A CA 302 ? 1_555 O3  ? E SO4 .   ? A SO4 304 ? 5_555 27.9  ? 
125 O1  ? E SO4 .   ? A SO4 304 ? 5_555 CA ? C CA . ? A CA 302 ? 1_555 O3  ? E SO4 .   ? A SO4 304 ? 5_555 54.4  ? 
# 
loop_
_pdbx_modification_feature.ordinal 
_pdbx_modification_feature.label_comp_id 
_pdbx_modification_feature.label_asym_id 
_pdbx_modification_feature.label_seq_id 
_pdbx_modification_feature.label_alt_id 
_pdbx_modification_feature.modified_residue_label_comp_id 
_pdbx_modification_feature.modified_residue_label_asym_id 
_pdbx_modification_feature.modified_residue_label_seq_id 
_pdbx_modification_feature.modified_residue_label_alt_id 
_pdbx_modification_feature.auth_comp_id 
_pdbx_modification_feature.auth_asym_id 
_pdbx_modification_feature.auth_seq_id 
_pdbx_modification_feature.PDB_ins_code 
_pdbx_modification_feature.symmetry 
_pdbx_modification_feature.modified_residue_auth_comp_id 
_pdbx_modification_feature.modified_residue_auth_asym_id 
_pdbx_modification_feature.modified_residue_auth_seq_id 
_pdbx_modification_feature.modified_residue_PDB_ins_code 
_pdbx_modification_feature.modified_residue_symmetry 
_pdbx_modification_feature.comp_id_linking_atom 
_pdbx_modification_feature.modified_residue_id_linking_atom 
_pdbx_modification_feature.modified_residue_id 
_pdbx_modification_feature.ref_pcm_id 
_pdbx_modification_feature.ref_comp_id 
_pdbx_modification_feature.type 
_pdbx_modification_feature.category 
1 CYS A 48  ? CYS A 137 ? CYS A 135 ? 1_555 CYS A 224 ? 1_555 SG SG . . . None 'Disulfide bridge' 
2 CYS A 115 ? CYS A 129 ? CYS A 202 ? 1_555 CYS A 216 ? 1_555 SG SG . . . None 'Disulfide bridge' 
# 
_struct_mon_prot_cis.pdbx_id                1 
_struct_mon_prot_cis.label_comp_id          GLU 
_struct_mon_prot_cis.label_seq_id           105 
_struct_mon_prot_cis.label_asym_id          A 
_struct_mon_prot_cis.label_alt_id           . 
_struct_mon_prot_cis.pdbx_PDB_ins_code      ? 
_struct_mon_prot_cis.auth_comp_id           GLU 
_struct_mon_prot_cis.auth_seq_id            192 
_struct_mon_prot_cis.auth_asym_id           A 
_struct_mon_prot_cis.pdbx_label_comp_id_2   PRO 
_struct_mon_prot_cis.pdbx_label_seq_id_2    106 
_struct_mon_prot_cis.pdbx_label_asym_id_2   A 
_struct_mon_prot_cis.pdbx_PDB_ins_code_2    ? 
_struct_mon_prot_cis.pdbx_auth_comp_id_2    PRO 
_struct_mon_prot_cis.pdbx_auth_seq_id_2     193 
_struct_mon_prot_cis.pdbx_auth_asym_id_2    A 
_struct_mon_prot_cis.pdbx_PDB_model_num     1 
_struct_mon_prot_cis.pdbx_omega_angle       0.17 
# 
loop_
_struct_sheet.id 
_struct_sheet.type 
_struct_sheet.number_strands 
_struct_sheet.details 
A ? 3 ? 
B ? 2 ? 
C ? 2 ? 
# 
loop_
_struct_sheet_order.sheet_id 
_struct_sheet_order.range_id_1 
_struct_sheet_order.range_id_2 
_struct_sheet_order.offset 
_struct_sheet_order.sense 
A 1 2 ? anti-parallel 
A 2 3 ? anti-parallel 
B 1 2 ? anti-parallel 
C 1 2 ? anti-parallel 
# 
loop_
_struct_sheet_range.sheet_id 
_struct_sheet_range.id 
_struct_sheet_range.beg_label_comp_id 
_struct_sheet_range.beg_label_asym_id 
_struct_sheet_range.beg_label_seq_id 
_struct_sheet_range.pdbx_beg_PDB_ins_code 
_struct_sheet_range.end_label_comp_id 
_struct_sheet_range.end_label_asym_id 
_struct_sheet_range.end_label_seq_id 
_struct_sheet_range.pdbx_end_PDB_ins_code 
_struct_sheet_range.beg_auth_comp_id 
_struct_sheet_range.beg_auth_asym_id 
_struct_sheet_range.beg_auth_seq_id 
_struct_sheet_range.end_auth_comp_id 
_struct_sheet_range.end_auth_asym_id 
_struct_sheet_range.end_auth_seq_id 
A 1 LYS A 25  ? VAL A 27  ? LYS A 112 VAL A 114 
A 2 LYS A 30  ? THR A 34  ? LYS A 117 THR A 121 
A 3 VAL A 136 ? PRO A 140 ? VAL A 223 PRO A 227 
B 1 ILE A 38  ? THR A 40  ? ILE A 125 THR A 127 
B 2 SER A 132 ? LEU A 134 ? SER A 219 LEU A 221 
C 1 CYS A 115 ? LEU A 118 ? CYS A 202 LEU A 205 
C 2 TRP A 124 ? VAL A 127 ? TRP A 211 VAL A 214 
# 
loop_
_pdbx_struct_sheet_hbond.sheet_id 
_pdbx_struct_sheet_hbond.range_id_1 
_pdbx_struct_sheet_hbond.range_id_2 
_pdbx_struct_sheet_hbond.range_1_label_atom_id 
_pdbx_struct_sheet_hbond.range_1_label_comp_id 
_pdbx_struct_sheet_hbond.range_1_label_asym_id 
_pdbx_struct_sheet_hbond.range_1_label_seq_id 
_pdbx_struct_sheet_hbond.range_1_PDB_ins_code 
_pdbx_struct_sheet_hbond.range_1_auth_atom_id 
_pdbx_struct_sheet_hbond.range_1_auth_comp_id 
_pdbx_struct_sheet_hbond.range_1_auth_asym_id 
_pdbx_struct_sheet_hbond.range_1_auth_seq_id 
_pdbx_struct_sheet_hbond.range_2_label_atom_id 
_pdbx_struct_sheet_hbond.range_2_label_comp_id 
_pdbx_struct_sheet_hbond.range_2_label_asym_id 
_pdbx_struct_sheet_hbond.range_2_label_seq_id 
_pdbx_struct_sheet_hbond.range_2_PDB_ins_code 
_pdbx_struct_sheet_hbond.range_2_auth_atom_id 
_pdbx_struct_sheet_hbond.range_2_auth_comp_id 
_pdbx_struct_sheet_hbond.range_2_auth_asym_id 
_pdbx_struct_sheet_hbond.range_2_auth_seq_id 
A 1 2 O LYS A 25  ? O LYS A 112 N PHE A 32  ? N PHE A 119 
A 2 3 O PHE A 31  ? O PHE A 118 N PHE A 139 ? N PHE A 226 
B 1 2 O MET A 39  ? O MET A 126 N HIS A 133 ? N HIS A 220 
C 1 2 O CYS A 115 ? O CYS A 202 N VAL A 127 ? N VAL A 214 
# 
loop_
_struct_site.id 
_struct_site.pdbx_evidence_code 
_struct_site.pdbx_auth_asym_id 
_struct_site.pdbx_auth_comp_id 
_struct_site.pdbx_auth_seq_id 
_struct_site.pdbx_auth_ins_code 
_struct_site.pdbx_num_residues 
_struct_site.details 
AC1 Software A CA  301 ? 6  'BINDING SITE FOR RESIDUE CA A 301'  
AC2 Software A CA  302 ? 7  'BINDING SITE FOR RESIDUE CA A 302'  
AC3 Software A CA  303 ? 2  'BINDING SITE FOR RESIDUE CA A 303'  
AC4 Software A SO4 304 ? 12 'BINDING SITE FOR RESIDUE SO4 A 304' 
AC5 Software A CA  305 ? 8  'BINDING SITE FOR RESIDUE CA A 305'  
# 
loop_
_struct_site_gen.id 
_struct_site_gen.site_id 
_struct_site_gen.pdbx_num_res 
_struct_site_gen.label_comp_id 
_struct_site_gen.label_asym_id 
_struct_site_gen.label_seq_id 
_struct_site_gen.pdbx_auth_ins_code 
_struct_site_gen.auth_comp_id 
_struct_site_gen.auth_asym_id 
_struct_site_gen.auth_seq_id 
_struct_site_gen.label_atom_id 
_struct_site_gen.label_alt_id 
_struct_site_gen.symmetry 
_struct_site_gen.details 
1  AC1 6  ASP A 81  ? ASP A 168 . ? 1_555 ? 
2  AC1 6  GLU A 85  ? GLU A 172 . ? 1_555 ? 
3  AC1 6  ASN A 108 ? ASN A 195 . ? 1_555 ? 
4  AC1 6  GLU A 113 ? GLU A 200 . ? 1_555 ? 
5  AC1 6  ASP A 114 ? ASP A 201 . ? 1_555 ? 
6  AC1 6  HOH G .   ? HOH A 339 . ? 1_555 ? 
7  AC2 7  GLU A 105 ? GLU A 192 . ? 1_555 ? 
8  AC2 7  ASN A 107 ? ASN A 194 . ? 1_555 ? 
9  AC2 7  GLU A 113 ? GLU A 200 . ? 1_555 ? 
10 AC2 7  ASN A 125 ? ASN A 212 . ? 1_555 ? 
11 AC2 7  ASP A 126 ? ASP A 213 . ? 1_555 ? 
12 AC2 7  SO4 E .   ? SO4 A 304 . ? 5_555 ? 
13 AC2 7  SO4 E .   ? SO4 A 304 . ? 1_555 ? 
14 AC3 2  GLU A 85  ? GLU A 172 . ? 1_555 ? 
15 AC3 2  ASP A 114 ? ASP A 201 . ? 1_555 ? 
16 AC4 12 GLU A 105 ? GLU A 192 . ? 5_555 ? 
17 AC4 12 GLU A 105 ? GLU A 192 . ? 1_555 ? 
18 AC4 12 ASN A 107 ? ASN A 194 . ? 1_555 ? 
19 AC4 12 ASN A 107 ? ASN A 194 . ? 5_555 ? 
20 AC4 12 GLU A 113 ? GLU A 200 . ? 1_555 ? 
21 AC4 12 GLU A 113 ? GLU A 200 . ? 5_555 ? 
22 AC4 12 ASN A 125 ? ASN A 212 . ? 5_555 ? 
23 AC4 12 ASN A 125 ? ASN A 212 . ? 1_555 ? 
24 AC4 12 ASP A 126 ? ASP A 213 . ? 5_555 ? 
25 AC4 12 ASP A 126 ? ASP A 213 . ? 1_555 ? 
26 AC4 12 CA  C .   ? CA  A 302 . ? 1_555 ? 
27 AC4 12 CA  C .   ? CA  A 302 . ? 5_555 ? 
28 AC5 8  ASN A 102 ? ASN A 189 . ? 5_555 ? 
29 AC5 8  ASN A 102 ? ASN A 189 . ? 1_555 ? 
30 AC5 8  GLU A 103 ? GLU A 190 . ? 1_555 ? 
31 AC5 8  GLU A 103 ? GLU A 190 . ? 5_555 ? 
32 AC5 8  GLN A 123 ? GLN A 210 . ? 1_555 ? 
33 AC5 8  GLN A 123 ? GLN A 210 . ? 5_555 ? 
34 AC5 8  HOH G .   ? HOH A 306 . ? 5_555 ? 
35 AC5 8  HOH G .   ? HOH A 306 . ? 1_555 ? 
# 
_pdbx_entry_details.entry_id                   1HUP 
_pdbx_entry_details.compound_details           ? 
_pdbx_entry_details.source_details             ? 
_pdbx_entry_details.nonpolymer_details         ? 
_pdbx_entry_details.sequence_details           ? 
_pdbx_entry_details.has_ligand_of_interest     ? 
_pdbx_entry_details.has_protein_modification   Y 
# 
loop_
_pdbx_validate_symm_contact.id 
_pdbx_validate_symm_contact.PDB_model_num 
_pdbx_validate_symm_contact.auth_atom_id_1 
_pdbx_validate_symm_contact.auth_asym_id_1 
_pdbx_validate_symm_contact.auth_comp_id_1 
_pdbx_validate_symm_contact.auth_seq_id_1 
_pdbx_validate_symm_contact.PDB_ins_code_1 
_pdbx_validate_symm_contact.label_alt_id_1 
_pdbx_validate_symm_contact.site_symmetry_1 
_pdbx_validate_symm_contact.auth_atom_id_2 
_pdbx_validate_symm_contact.auth_asym_id_2 
_pdbx_validate_symm_contact.auth_comp_id_2 
_pdbx_validate_symm_contact.auth_seq_id_2 
_pdbx_validate_symm_contact.PDB_ins_code_2 
_pdbx_validate_symm_contact.label_alt_id_2 
_pdbx_validate_symm_contact.site_symmetry_2 
_pdbx_validate_symm_contact.dist 
1 1 S A SO4 304 ? ? 1_555 O3 A SO4 304 ? ? 5_555 1.47 
2 1 S A SO4 304 ? ? 1_555 O2 A SO4 304 ? ? 5_555 1.47 
3 1 S A SO4 304 ? ? 1_555 O4 A SO4 304 ? ? 5_555 1.47 
4 1 S A SO4 304 ? ? 1_555 O1 A SO4 304 ? ? 5_555 1.47 
# 
loop_
_pdbx_validate_torsion.id 
_pdbx_validate_torsion.PDB_model_num 
_pdbx_validate_torsion.auth_comp_id 
_pdbx_validate_torsion.auth_asym_id 
_pdbx_validate_torsion.auth_seq_id 
_pdbx_validate_torsion.PDB_ins_code 
_pdbx_validate_torsion.label_alt_id 
_pdbx_validate_torsion.phi 
_pdbx_validate_torsion.psi 
1 1 ALA A 89  ? ? -77.77  43.60 
2 1 ASN A 187 ? ? -142.51 58.77 
3 1 ASP A 199 ? ? -144.30 54.93 
# 
loop_
_pdbx_struct_special_symmetry.id 
_pdbx_struct_special_symmetry.PDB_model_num 
_pdbx_struct_special_symmetry.auth_asym_id 
_pdbx_struct_special_symmetry.auth_comp_id 
_pdbx_struct_special_symmetry.auth_seq_id 
_pdbx_struct_special_symmetry.PDB_ins_code 
_pdbx_struct_special_symmetry.label_asym_id 
_pdbx_struct_special_symmetry.label_comp_id 
_pdbx_struct_special_symmetry.label_seq_id 
1 1 A SO4 304 ? E SO4 . 
2 1 A CA  305 ? F CA  . 
3 1 A HOH 306 ? G HOH . 
# 
loop_
_chem_comp_atom.comp_id 
_chem_comp_atom.atom_id 
_chem_comp_atom.type_symbol 
_chem_comp_atom.pdbx_aromatic_flag 
_chem_comp_atom.pdbx_stereo_config 
_chem_comp_atom.pdbx_ordinal 
ALA N    N  N N 1   
ALA CA   C  N S 2   
ALA C    C  N N 3   
ALA O    O  N N 4   
ALA CB   C  N N 5   
ALA OXT  O  N N 6   
ALA H    H  N N 7   
ALA H2   H  N N 8   
ALA HA   H  N N 9   
ALA HB1  H  N N 10  
ALA HB2  H  N N 11  
ALA HB3  H  N N 12  
ALA HXT  H  N N 13  
ARG N    N  N N 14  
ARG CA   C  N S 15  
ARG C    C  N N 16  
ARG O    O  N N 17  
ARG CB   C  N N 18  
ARG CG   C  N N 19  
ARG CD   C  N N 20  
ARG NE   N  N N 21  
ARG CZ   C  N N 22  
ARG NH1  N  N N 23  
ARG NH2  N  N N 24  
ARG OXT  O  N N 25  
ARG H    H  N N 26  
ARG H2   H  N N 27  
ARG HA   H  N N 28  
ARG HB2  H  N N 29  
ARG HB3  H  N N 30  
ARG HG2  H  N N 31  
ARG HG3  H  N N 32  
ARG HD2  H  N N 33  
ARG HD3  H  N N 34  
ARG HE   H  N N 35  
ARG HH11 H  N N 36  
ARG HH12 H  N N 37  
ARG HH21 H  N N 38  
ARG HH22 H  N N 39  
ARG HXT  H  N N 40  
ASN N    N  N N 41  
ASN CA   C  N S 42  
ASN C    C  N N 43  
ASN O    O  N N 44  
ASN CB   C  N N 45  
ASN CG   C  N N 46  
ASN OD1  O  N N 47  
ASN ND2  N  N N 48  
ASN OXT  O  N N 49  
ASN H    H  N N 50  
ASN H2   H  N N 51  
ASN HA   H  N N 52  
ASN HB2  H  N N 53  
ASN HB3  H  N N 54  
ASN HD21 H  N N 55  
ASN HD22 H  N N 56  
ASN HXT  H  N N 57  
ASP N    N  N N 58  
ASP CA   C  N S 59  
ASP C    C  N N 60  
ASP O    O  N N 61  
ASP CB   C  N N 62  
ASP CG   C  N N 63  
ASP OD1  O  N N 64  
ASP OD2  O  N N 65  
ASP OXT  O  N N 66  
ASP H    H  N N 67  
ASP H2   H  N N 68  
ASP HA   H  N N 69  
ASP HB2  H  N N 70  
ASP HB3  H  N N 71  
ASP HD2  H  N N 72  
ASP HXT  H  N N 73  
CA  CA   CA N N 74  
CYS N    N  N N 75  
CYS CA   C  N R 76  
CYS C    C  N N 77  
CYS O    O  N N 78  
CYS CB   C  N N 79  
CYS SG   S  N N 80  
CYS OXT  O  N N 81  
CYS H    H  N N 82  
CYS H2   H  N N 83  
CYS HA   H  N N 84  
CYS HB2  H  N N 85  
CYS HB3  H  N N 86  
CYS HG   H  N N 87  
CYS HXT  H  N N 88  
GLN N    N  N N 89  
GLN CA   C  N S 90  
GLN C    C  N N 91  
GLN O    O  N N 92  
GLN CB   C  N N 93  
GLN CG   C  N N 94  
GLN CD   C  N N 95  
GLN OE1  O  N N 96  
GLN NE2  N  N N 97  
GLN OXT  O  N N 98  
GLN H    H  N N 99  
GLN H2   H  N N 100 
GLN HA   H  N N 101 
GLN HB2  H  N N 102 
GLN HB3  H  N N 103 
GLN HG2  H  N N 104 
GLN HG3  H  N N 105 
GLN HE21 H  N N 106 
GLN HE22 H  N N 107 
GLN HXT  H  N N 108 
GLU N    N  N N 109 
GLU CA   C  N S 110 
GLU C    C  N N 111 
GLU O    O  N N 112 
GLU CB   C  N N 113 
GLU CG   C  N N 114 
GLU CD   C  N N 115 
GLU OE1  O  N N 116 
GLU OE2  O  N N 117 
GLU OXT  O  N N 118 
GLU H    H  N N 119 
GLU H2   H  N N 120 
GLU HA   H  N N 121 
GLU HB2  H  N N 122 
GLU HB3  H  N N 123 
GLU HG2  H  N N 124 
GLU HG3  H  N N 125 
GLU HE2  H  N N 126 
GLU HXT  H  N N 127 
GLY N    N  N N 128 
GLY CA   C  N N 129 
GLY C    C  N N 130 
GLY O    O  N N 131 
GLY OXT  O  N N 132 
GLY H    H  N N 133 
GLY H2   H  N N 134 
GLY HA2  H  N N 135 
GLY HA3  H  N N 136 
GLY HXT  H  N N 137 
HIS N    N  N N 138 
HIS CA   C  N S 139 
HIS C    C  N N 140 
HIS O    O  N N 141 
HIS CB   C  N N 142 
HIS CG   C  Y N 143 
HIS ND1  N  Y N 144 
HIS CD2  C  Y N 145 
HIS CE1  C  Y N 146 
HIS NE2  N  Y N 147 
HIS OXT  O  N N 148 
HIS H    H  N N 149 
HIS H2   H  N N 150 
HIS HA   H  N N 151 
HIS HB2  H  N N 152 
HIS HB3  H  N N 153 
HIS HD1  H  N N 154 
HIS HD2  H  N N 155 
HIS HE1  H  N N 156 
HIS HE2  H  N N 157 
HIS HXT  H  N N 158 
HOH O    O  N N 159 
HOH H1   H  N N 160 
HOH H2   H  N N 161 
ILE N    N  N N 162 
ILE CA   C  N S 163 
ILE C    C  N N 164 
ILE O    O  N N 165 
ILE CB   C  N S 166 
ILE CG1  C  N N 167 
ILE CG2  C  N N 168 
ILE CD1  C  N N 169 
ILE OXT  O  N N 170 
ILE H    H  N N 171 
ILE H2   H  N N 172 
ILE HA   H  N N 173 
ILE HB   H  N N 174 
ILE HG12 H  N N 175 
ILE HG13 H  N N 176 
ILE HG21 H  N N 177 
ILE HG22 H  N N 178 
ILE HG23 H  N N 179 
ILE HD11 H  N N 180 
ILE HD12 H  N N 181 
ILE HD13 H  N N 182 
ILE HXT  H  N N 183 
LEU N    N  N N 184 
LEU CA   C  N S 185 
LEU C    C  N N 186 
LEU O    O  N N 187 
LEU CB   C  N N 188 
LEU CG   C  N N 189 
LEU CD1  C  N N 190 
LEU CD2  C  N N 191 
LEU OXT  O  N N 192 
LEU H    H  N N 193 
LEU H2   H  N N 194 
LEU HA   H  N N 195 
LEU HB2  H  N N 196 
LEU HB3  H  N N 197 
LEU HG   H  N N 198 
LEU HD11 H  N N 199 
LEU HD12 H  N N 200 
LEU HD13 H  N N 201 
LEU HD21 H  N N 202 
LEU HD22 H  N N 203 
LEU HD23 H  N N 204 
LEU HXT  H  N N 205 
LYS N    N  N N 206 
LYS CA   C  N S 207 
LYS C    C  N N 208 
LYS O    O  N N 209 
LYS CB   C  N N 210 
LYS CG   C  N N 211 
LYS CD   C  N N 212 
LYS CE   C  N N 213 
LYS NZ   N  N N 214 
LYS OXT  O  N N 215 
LYS H    H  N N 216 
LYS H2   H  N N 217 
LYS HA   H  N N 218 
LYS HB2  H  N N 219 
LYS HB3  H  N N 220 
LYS HG2  H  N N 221 
LYS HG3  H  N N 222 
LYS HD2  H  N N 223 
LYS HD3  H  N N 224 
LYS HE2  H  N N 225 
LYS HE3  H  N N 226 
LYS HZ1  H  N N 227 
LYS HZ2  H  N N 228 
LYS HZ3  H  N N 229 
LYS HXT  H  N N 230 
MET N    N  N N 231 
MET CA   C  N S 232 
MET C    C  N N 233 
MET O    O  N N 234 
MET CB   C  N N 235 
MET CG   C  N N 236 
MET SD   S  N N 237 
MET CE   C  N N 238 
MET OXT  O  N N 239 
MET H    H  N N 240 
MET H2   H  N N 241 
MET HA   H  N N 242 
MET HB2  H  N N 243 
MET HB3  H  N N 244 
MET HG2  H  N N 245 
MET HG3  H  N N 246 
MET HE1  H  N N 247 
MET HE2  H  N N 248 
MET HE3  H  N N 249 
MET HXT  H  N N 250 
PHE N    N  N N 251 
PHE CA   C  N S 252 
PHE C    C  N N 253 
PHE O    O  N N 254 
PHE CB   C  N N 255 
PHE CG   C  Y N 256 
PHE CD1  C  Y N 257 
PHE CD2  C  Y N 258 
PHE CE1  C  Y N 259 
PHE CE2  C  Y N 260 
PHE CZ   C  Y N 261 
PHE OXT  O  N N 262 
PHE H    H  N N 263 
PHE H2   H  N N 264 
PHE HA   H  N N 265 
PHE HB2  H  N N 266 
PHE HB3  H  N N 267 
PHE HD1  H  N N 268 
PHE HD2  H  N N 269 
PHE HE1  H  N N 270 
PHE HE2  H  N N 271 
PHE HZ   H  N N 272 
PHE HXT  H  N N 273 
PRO N    N  N N 274 
PRO CA   C  N S 275 
PRO C    C  N N 276 
PRO O    O  N N 277 
PRO CB   C  N N 278 
PRO CG   C  N N 279 
PRO CD   C  N N 280 
PRO OXT  O  N N 281 
PRO H    H  N N 282 
PRO HA   H  N N 283 
PRO HB2  H  N N 284 
PRO HB3  H  N N 285 
PRO HG2  H  N N 286 
PRO HG3  H  N N 287 
PRO HD2  H  N N 288 
PRO HD3  H  N N 289 
PRO HXT  H  N N 290 
SER N    N  N N 291 
SER CA   C  N S 292 
SER C    C  N N 293 
SER O    O  N N 294 
SER CB   C  N N 295 
SER OG   O  N N 296 
SER OXT  O  N N 297 
SER H    H  N N 298 
SER H2   H  N N 299 
SER HA   H  N N 300 
SER HB2  H  N N 301 
SER HB3  H  N N 302 
SER HG   H  N N 303 
SER HXT  H  N N 304 
SO4 S    S  N N 305 
SO4 O1   O  N N 306 
SO4 O2   O  N N 307 
SO4 O3   O  N N 308 
SO4 O4   O  N N 309 
THR N    N  N N 310 
THR CA   C  N S 311 
THR C    C  N N 312 
THR O    O  N N 313 
THR CB   C  N R 314 
THR OG1  O  N N 315 
THR CG2  C  N N 316 
THR OXT  O  N N 317 
THR H    H  N N 318 
THR H2   H  N N 319 
THR HA   H  N N 320 
THR HB   H  N N 321 
THR HG1  H  N N 322 
THR HG21 H  N N 323 
THR HG22 H  N N 324 
THR HG23 H  N N 325 
THR HXT  H  N N 326 
TRP N    N  N N 327 
TRP CA   C  N S 328 
TRP C    C  N N 329 
TRP O    O  N N 330 
TRP CB   C  N N 331 
TRP CG   C  Y N 332 
TRP CD1  C  Y N 333 
TRP CD2  C  Y N 334 
TRP NE1  N  Y N 335 
TRP CE2  C  Y N 336 
TRP CE3  C  Y N 337 
TRP CZ2  C  Y N 338 
TRP CZ3  C  Y N 339 
TRP CH2  C  Y N 340 
TRP OXT  O  N N 341 
TRP H    H  N N 342 
TRP H2   H  N N 343 
TRP HA   H  N N 344 
TRP HB2  H  N N 345 
TRP HB3  H  N N 346 
TRP HD1  H  N N 347 
TRP HE1  H  N N 348 
TRP HE3  H  N N 349 
TRP HZ2  H  N N 350 
TRP HZ3  H  N N 351 
TRP HH2  H  N N 352 
TRP HXT  H  N N 353 
TYR N    N  N N 354 
TYR CA   C  N S 355 
TYR C    C  N N 356 
TYR O    O  N N 357 
TYR CB   C  N N 358 
TYR CG   C  Y N 359 
TYR CD1  C  Y N 360 
TYR CD2  C  Y N 361 
TYR CE1  C  Y N 362 
TYR CE2  C  Y N 363 
TYR CZ   C  Y N 364 
TYR OH   O  N N 365 
TYR OXT  O  N N 366 
TYR H    H  N N 367 
TYR H2   H  N N 368 
TYR HA   H  N N 369 
TYR HB2  H  N N 370 
TYR HB3  H  N N 371 
TYR HD1  H  N N 372 
TYR HD2  H  N N 373 
TYR HE1  H  N N 374 
TYR HE2  H  N N 375 
TYR HH   H  N N 376 
TYR HXT  H  N N 377 
VAL N    N  N N 378 
VAL CA   C  N S 379 
VAL C    C  N N 380 
VAL O    O  N N 381 
VAL CB   C  N N 382 
VAL CG1  C  N N 383 
VAL CG2  C  N N 384 
VAL OXT  O  N N 385 
VAL H    H  N N 386 
VAL H2   H  N N 387 
VAL HA   H  N N 388 
VAL HB   H  N N 389 
VAL HG11 H  N N 390 
VAL HG12 H  N N 391 
VAL HG13 H  N N 392 
VAL HG21 H  N N 393 
VAL HG22 H  N N 394 
VAL HG23 H  N N 395 
VAL HXT  H  N N 396 
# 
loop_
_chem_comp_bond.comp_id 
_chem_comp_bond.atom_id_1 
_chem_comp_bond.atom_id_2 
_chem_comp_bond.value_order 
_chem_comp_bond.pdbx_aromatic_flag 
_chem_comp_bond.pdbx_stereo_config 
_chem_comp_bond.pdbx_ordinal 
ALA N   CA   sing N N 1   
ALA N   H    sing N N 2   
ALA N   H2   sing N N 3   
ALA CA  C    sing N N 4   
ALA CA  CB   sing N N 5   
ALA CA  HA   sing N N 6   
ALA C   O    doub N N 7   
ALA C   OXT  sing N N 8   
ALA CB  HB1  sing N N 9   
ALA CB  HB2  sing N N 10  
ALA CB  HB3  sing N N 11  
ALA OXT HXT  sing N N 12  
ARG N   CA   sing N N 13  
ARG N   H    sing N N 14  
ARG N   H2   sing N N 15  
ARG CA  C    sing N N 16  
ARG CA  CB   sing N N 17  
ARG CA  HA   sing N N 18  
ARG C   O    doub N N 19  
ARG C   OXT  sing N N 20  
ARG CB  CG   sing N N 21  
ARG CB  HB2  sing N N 22  
ARG CB  HB3  sing N N 23  
ARG CG  CD   sing N N 24  
ARG CG  HG2  sing N N 25  
ARG CG  HG3  sing N N 26  
ARG CD  NE   sing N N 27  
ARG CD  HD2  sing N N 28  
ARG CD  HD3  sing N N 29  
ARG NE  CZ   sing N N 30  
ARG NE  HE   sing N N 31  
ARG CZ  NH1  sing N N 32  
ARG CZ  NH2  doub N N 33  
ARG NH1 HH11 sing N N 34  
ARG NH1 HH12 sing N N 35  
ARG NH2 HH21 sing N N 36  
ARG NH2 HH22 sing N N 37  
ARG OXT HXT  sing N N 38  
ASN N   CA   sing N N 39  
ASN N   H    sing N N 40  
ASN N   H2   sing N N 41  
ASN CA  C    sing N N 42  
ASN CA  CB   sing N N 43  
ASN CA  HA   sing N N 44  
ASN C   O    doub N N 45  
ASN C   OXT  sing N N 46  
ASN CB  CG   sing N N 47  
ASN CB  HB2  sing N N 48  
ASN CB  HB3  sing N N 49  
ASN CG  OD1  doub N N 50  
ASN CG  ND2  sing N N 51  
ASN ND2 HD21 sing N N 52  
ASN ND2 HD22 sing N N 53  
ASN OXT HXT  sing N N 54  
ASP N   CA   sing N N 55  
ASP N   H    sing N N 56  
ASP N   H2   sing N N 57  
ASP CA  C    sing N N 58  
ASP CA  CB   sing N N 59  
ASP CA  HA   sing N N 60  
ASP C   O    doub N N 61  
ASP C   OXT  sing N N 62  
ASP CB  CG   sing N N 63  
ASP CB  HB2  sing N N 64  
ASP CB  HB3  sing N N 65  
ASP CG  OD1  doub N N 66  
ASP CG  OD2  sing N N 67  
ASP OD2 HD2  sing N N 68  
ASP OXT HXT  sing N N 69  
CYS N   CA   sing N N 70  
CYS N   H    sing N N 71  
CYS N   H2   sing N N 72  
CYS CA  C    sing N N 73  
CYS CA  CB   sing N N 74  
CYS CA  HA   sing N N 75  
CYS C   O    doub N N 76  
CYS C   OXT  sing N N 77  
CYS CB  SG   sing N N 78  
CYS CB  HB2  sing N N 79  
CYS CB  HB3  sing N N 80  
CYS SG  HG   sing N N 81  
CYS OXT HXT  sing N N 82  
GLN N   CA   sing N N 83  
GLN N   H    sing N N 84  
GLN N   H2   sing N N 85  
GLN CA  C    sing N N 86  
GLN CA  CB   sing N N 87  
GLN CA  HA   sing N N 88  
GLN C   O    doub N N 89  
GLN C   OXT  sing N N 90  
GLN CB  CG   sing N N 91  
GLN CB  HB2  sing N N 92  
GLN CB  HB3  sing N N 93  
GLN CG  CD   sing N N 94  
GLN CG  HG2  sing N N 95  
GLN CG  HG3  sing N N 96  
GLN CD  OE1  doub N N 97  
GLN CD  NE2  sing N N 98  
GLN NE2 HE21 sing N N 99  
GLN NE2 HE22 sing N N 100 
GLN OXT HXT  sing N N 101 
GLU N   CA   sing N N 102 
GLU N   H    sing N N 103 
GLU N   H2   sing N N 104 
GLU CA  C    sing N N 105 
GLU CA  CB   sing N N 106 
GLU CA  HA   sing N N 107 
GLU C   O    doub N N 108 
GLU C   OXT  sing N N 109 
GLU CB  CG   sing N N 110 
GLU CB  HB2  sing N N 111 
GLU CB  HB3  sing N N 112 
GLU CG  CD   sing N N 113 
GLU CG  HG2  sing N N 114 
GLU CG  HG3  sing N N 115 
GLU CD  OE1  doub N N 116 
GLU CD  OE2  sing N N 117 
GLU OE2 HE2  sing N N 118 
GLU OXT HXT  sing N N 119 
GLY N   CA   sing N N 120 
GLY N   H    sing N N 121 
GLY N   H2   sing N N 122 
GLY CA  C    sing N N 123 
GLY CA  HA2  sing N N 124 
GLY CA  HA3  sing N N 125 
GLY C   O    doub N N 126 
GLY C   OXT  sing N N 127 
GLY OXT HXT  sing N N 128 
HIS N   CA   sing N N 129 
HIS N   H    sing N N 130 
HIS N   H2   sing N N 131 
HIS CA  C    sing N N 132 
HIS CA  CB   sing N N 133 
HIS CA  HA   sing N N 134 
HIS C   O    doub N N 135 
HIS C   OXT  sing N N 136 
HIS CB  CG   sing N N 137 
HIS CB  HB2  sing N N 138 
HIS CB  HB3  sing N N 139 
HIS CG  ND1  sing Y N 140 
HIS CG  CD2  doub Y N 141 
HIS ND1 CE1  doub Y N 142 
HIS ND1 HD1  sing N N 143 
HIS CD2 NE2  sing Y N 144 
HIS CD2 HD2  sing N N 145 
HIS CE1 NE2  sing Y N 146 
HIS CE1 HE1  sing N N 147 
HIS NE2 HE2  sing N N 148 
HIS OXT HXT  sing N N 149 
HOH O   H1   sing N N 150 
HOH O   H2   sing N N 151 
ILE N   CA   sing N N 152 
ILE N   H    sing N N 153 
ILE N   H2   sing N N 154 
ILE CA  C    sing N N 155 
ILE CA  CB   sing N N 156 
ILE CA  HA   sing N N 157 
ILE C   O    doub N N 158 
ILE C   OXT  sing N N 159 
ILE CB  CG1  sing N N 160 
ILE CB  CG2  sing N N 161 
ILE CB  HB   sing N N 162 
ILE CG1 CD1  sing N N 163 
ILE CG1 HG12 sing N N 164 
ILE CG1 HG13 sing N N 165 
ILE CG2 HG21 sing N N 166 
ILE CG2 HG22 sing N N 167 
ILE CG2 HG23 sing N N 168 
ILE CD1 HD11 sing N N 169 
ILE CD1 HD12 sing N N 170 
ILE CD1 HD13 sing N N 171 
ILE OXT HXT  sing N N 172 
LEU N   CA   sing N N 173 
LEU N   H    sing N N 174 
LEU N   H2   sing N N 175 
LEU CA  C    sing N N 176 
LEU CA  CB   sing N N 177 
LEU CA  HA   sing N N 178 
LEU C   O    doub N N 179 
LEU C   OXT  sing N N 180 
LEU CB  CG   sing N N 181 
LEU CB  HB2  sing N N 182 
LEU CB  HB3  sing N N 183 
LEU CG  CD1  sing N N 184 
LEU CG  CD2  sing N N 185 
LEU CG  HG   sing N N 186 
LEU CD1 HD11 sing N N 187 
LEU CD1 HD12 sing N N 188 
LEU CD1 HD13 sing N N 189 
LEU CD2 HD21 sing N N 190 
LEU CD2 HD22 sing N N 191 
LEU CD2 HD23 sing N N 192 
LEU OXT HXT  sing N N 193 
LYS N   CA   sing N N 194 
LYS N   H    sing N N 195 
LYS N   H2   sing N N 196 
LYS CA  C    sing N N 197 
LYS CA  CB   sing N N 198 
LYS CA  HA   sing N N 199 
LYS C   O    doub N N 200 
LYS C   OXT  sing N N 201 
LYS CB  CG   sing N N 202 
LYS CB  HB2  sing N N 203 
LYS CB  HB3  sing N N 204 
LYS CG  CD   sing N N 205 
LYS CG  HG2  sing N N 206 
LYS CG  HG3  sing N N 207 
LYS CD  CE   sing N N 208 
LYS CD  HD2  sing N N 209 
LYS CD  HD3  sing N N 210 
LYS CE  NZ   sing N N 211 
LYS CE  HE2  sing N N 212 
LYS CE  HE3  sing N N 213 
LYS NZ  HZ1  sing N N 214 
LYS NZ  HZ2  sing N N 215 
LYS NZ  HZ3  sing N N 216 
LYS OXT HXT  sing N N 217 
MET N   CA   sing N N 218 
MET N   H    sing N N 219 
MET N   H2   sing N N 220 
MET CA  C    sing N N 221 
MET CA  CB   sing N N 222 
MET CA  HA   sing N N 223 
MET C   O    doub N N 224 
MET C   OXT  sing N N 225 
MET CB  CG   sing N N 226 
MET CB  HB2  sing N N 227 
MET CB  HB3  sing N N 228 
MET CG  SD   sing N N 229 
MET CG  HG2  sing N N 230 
MET CG  HG3  sing N N 231 
MET SD  CE   sing N N 232 
MET CE  HE1  sing N N 233 
MET CE  HE2  sing N N 234 
MET CE  HE3  sing N N 235 
MET OXT HXT  sing N N 236 
PHE N   CA   sing N N 237 
PHE N   H    sing N N 238 
PHE N   H2   sing N N 239 
PHE CA  C    sing N N 240 
PHE CA  CB   sing N N 241 
PHE CA  HA   sing N N 242 
PHE C   O    doub N N 243 
PHE C   OXT  sing N N 244 
PHE CB  CG   sing N N 245 
PHE CB  HB2  sing N N 246 
PHE CB  HB3  sing N N 247 
PHE CG  CD1  doub Y N 248 
PHE CG  CD2  sing Y N 249 
PHE CD1 CE1  sing Y N 250 
PHE CD1 HD1  sing N N 251 
PHE CD2 CE2  doub Y N 252 
PHE CD2 HD2  sing N N 253 
PHE CE1 CZ   doub Y N 254 
PHE CE1 HE1  sing N N 255 
PHE CE2 CZ   sing Y N 256 
PHE CE2 HE2  sing N N 257 
PHE CZ  HZ   sing N N 258 
PHE OXT HXT  sing N N 259 
PRO N   CA   sing N N 260 
PRO N   CD   sing N N 261 
PRO N   H    sing N N 262 
PRO CA  C    sing N N 263 
PRO CA  CB   sing N N 264 
PRO CA  HA   sing N N 265 
PRO C   O    doub N N 266 
PRO C   OXT  sing N N 267 
PRO CB  CG   sing N N 268 
PRO CB  HB2  sing N N 269 
PRO CB  HB3  sing N N 270 
PRO CG  CD   sing N N 271 
PRO CG  HG2  sing N N 272 
PRO CG  HG3  sing N N 273 
PRO CD  HD2  sing N N 274 
PRO CD  HD3  sing N N 275 
PRO OXT HXT  sing N N 276 
SER N   CA   sing N N 277 
SER N   H    sing N N 278 
SER N   H2   sing N N 279 
SER CA  C    sing N N 280 
SER CA  CB   sing N N 281 
SER CA  HA   sing N N 282 
SER C   O    doub N N 283 
SER C   OXT  sing N N 284 
SER CB  OG   sing N N 285 
SER CB  HB2  sing N N 286 
SER CB  HB3  sing N N 287 
SER OG  HG   sing N N 288 
SER OXT HXT  sing N N 289 
SO4 S   O1   doub N N 290 
SO4 S   O2   doub N N 291 
SO4 S   O3   sing N N 292 
SO4 S   O4   sing N N 293 
THR N   CA   sing N N 294 
THR N   H    sing N N 295 
THR N   H2   sing N N 296 
THR CA  C    sing N N 297 
THR CA  CB   sing N N 298 
THR CA  HA   sing N N 299 
THR C   O    doub N N 300 
THR C   OXT  sing N N 301 
THR CB  OG1  sing N N 302 
THR CB  CG2  sing N N 303 
THR CB  HB   sing N N 304 
THR OG1 HG1  sing N N 305 
THR CG2 HG21 sing N N 306 
THR CG2 HG22 sing N N 307 
THR CG2 HG23 sing N N 308 
THR OXT HXT  sing N N 309 
TRP N   CA   sing N N 310 
TRP N   H    sing N N 311 
TRP N   H2   sing N N 312 
TRP CA  C    sing N N 313 
TRP CA  CB   sing N N 314 
TRP CA  HA   sing N N 315 
TRP C   O    doub N N 316 
TRP C   OXT  sing N N 317 
TRP CB  CG   sing N N 318 
TRP CB  HB2  sing N N 319 
TRP CB  HB3  sing N N 320 
TRP CG  CD1  doub Y N 321 
TRP CG  CD2  sing Y N 322 
TRP CD1 NE1  sing Y N 323 
TRP CD1 HD1  sing N N 324 
TRP CD2 CE2  doub Y N 325 
TRP CD2 CE3  sing Y N 326 
TRP NE1 CE2  sing Y N 327 
TRP NE1 HE1  sing N N 328 
TRP CE2 CZ2  sing Y N 329 
TRP CE3 CZ3  doub Y N 330 
TRP CE3 HE3  sing N N 331 
TRP CZ2 CH2  doub Y N 332 
TRP CZ2 HZ2  sing N N 333 
TRP CZ3 CH2  sing Y N 334 
TRP CZ3 HZ3  sing N N 335 
TRP CH2 HH2  sing N N 336 
TRP OXT HXT  sing N N 337 
TYR N   CA   sing N N 338 
TYR N   H    sing N N 339 
TYR N   H2   sing N N 340 
TYR CA  C    sing N N 341 
TYR CA  CB   sing N N 342 
TYR CA  HA   sing N N 343 
TYR C   O    doub N N 344 
TYR C   OXT  sing N N 345 
TYR CB  CG   sing N N 346 
TYR CB  HB2  sing N N 347 
TYR CB  HB3  sing N N 348 
TYR CG  CD1  doub Y N 349 
TYR CG  CD2  sing Y N 350 
TYR CD1 CE1  sing Y N 351 
TYR CD1 HD1  sing N N 352 
TYR CD2 CE2  doub Y N 353 
TYR CD2 HD2  sing N N 354 
TYR CE1 CZ   doub Y N 355 
TYR CE1 HE1  sing N N 356 
TYR CE2 CZ   sing Y N 357 
TYR CE2 HE2  sing N N 358 
TYR CZ  OH   sing N N 359 
TYR OH  HH   sing N N 360 
TYR OXT HXT  sing N N 361 
VAL N   CA   sing N N 362 
VAL N   H    sing N N 363 
VAL N   H2   sing N N 364 
VAL CA  C    sing N N 365 
VAL CA  CB   sing N N 366 
VAL CA  HA   sing N N 367 
VAL C   O    doub N N 368 
VAL C   OXT  sing N N 369 
VAL CB  CG1  sing N N 370 
VAL CB  CG2  sing N N 371 
VAL CB  HB   sing N N 372 
VAL CG1 HG11 sing N N 373 
VAL CG1 HG12 sing N N 374 
VAL CG1 HG13 sing N N 375 
VAL CG2 HG21 sing N N 376 
VAL CG2 HG22 sing N N 377 
VAL CG2 HG23 sing N N 378 
VAL OXT HXT  sing N N 379 
# 
_atom_sites.entry_id                    1HUP 
_atom_sites.fract_transf_matrix[1][1]   -0.00022567 
_atom_sites.fract_transf_matrix[1][2]   0.00749164 
_atom_sites.fract_transf_matrix[1][3]   0.01306055 
_atom_sites.fract_transf_matrix[2][1]   -0.00503847 
_atom_sites.fract_transf_matrix[2][2]   0.01418370 
_atom_sites.fract_transf_matrix[2][3]   0.00045810 
_atom_sites.fract_transf_matrix[3][1]   -0.01580454 
_atom_sites.fract_transf_matrix[3][2]   -0.00571123 
_atom_sites.fract_transf_matrix[3][3]   0.00300293 
_atom_sites.fract_transf_vector[1]      0.374188 
_atom_sites.fract_transf_vector[2]      -0.092899 
_atom_sites.fract_transf_vector[3]      0.316673 
# 
_atom_sites_footnote.id     1 
_atom_sites_footnote.text   'CIS PROLINE - PRO     193' 
# 
loop_
_atom_type.symbol 
C  
CA 
N  
O  
S  
# 
loop_
_atom_site.group_PDB 
_atom_site.id 
_atom_site.type_symbol 
_atom_site.label_atom_id 
_atom_site.label_alt_id 
_atom_site.label_comp_id 
_atom_site.label_asym_id 
_atom_site.label_entity_id 
_atom_site.label_seq_id 
_atom_site.pdbx_PDB_ins_code 
_atom_site.Cartn_x 
_atom_site.Cartn_y 
_atom_site.Cartn_z 
_atom_site.occupancy 
_atom_site.B_iso_or_equiv 
_atom_site.pdbx_formal_charge 
_atom_site.auth_seq_id 
_atom_site.auth_comp_id 
_atom_site.auth_asym_id 
_atom_site.auth_atom_id 
_atom_site.pdbx_PDB_model_num 
ATOM   1    N  N   . ALA A 1 1   ? -23.905 -30.434 20.210  1.00 77.37 ? 88  ALA A N   1 
ATOM   2    C  CA  . ALA A 1 1   ? -24.736 -29.345 19.615  1.00 77.43 ? 88  ALA A CA  1 
ATOM   3    C  C   . ALA A 1 1   ? -23.849 -28.586 18.632  1.00 77.11 ? 88  ALA A C   1 
ATOM   4    O  O   . ALA A 1 1   ? -23.051 -29.204 17.922  1.00 77.14 ? 88  ALA A O   1 
ATOM   5    C  CB  . ALA A 1 1   ? -25.253 -28.413 20.719  1.00 77.10 ? 88  ALA A CB  1 
ATOM   6    N  N   . ALA A 1 2   ? -23.956 -27.258 18.613  1.00 77.70 ? 89  ALA A N   1 
ATOM   7    C  CA  . ALA A 1 2   ? -23.138 -26.426 17.727  1.00 77.61 ? 89  ALA A CA  1 
ATOM   8    C  C   . ALA A 1 2   ? -21.736 -26.307 18.329  1.00 77.56 ? 89  ALA A C   1 
ATOM   9    O  O   . ALA A 1 2   ? -21.137 -25.231 18.357  1.00 77.45 ? 89  ALA A O   1 
ATOM   10   C  CB  . ALA A 1 2   ? -23.772 -25.041 17.555  1.00 77.53 ? 89  ALA A CB  1 
ATOM   11   N  N   . SER A 1 3   ? -21.225 -27.436 18.804  1.00 76.80 ? 90  SER A N   1 
ATOM   12   C  CA  . SER A 1 3   ? -19.912 -27.518 19.416  1.00 77.06 ? 90  SER A CA  1 
ATOM   13   C  C   . SER A 1 3   ? -18.868 -27.349 18.323  1.00 76.48 ? 90  SER A C   1 
ATOM   14   O  O   . SER A 1 3   ? -17.860 -26.670 18.510  1.00 77.21 ? 90  SER A O   1 
ATOM   15   C  CB  . SER A 1 3   ? -19.764 -28.884 20.086  1.00 76.74 ? 90  SER A CB  1 
ATOM   16   O  OG  . SER A 1 3   ? -20.951 -29.206 20.801  1.00 77.94 ? 90  SER A OG  1 
ATOM   17   N  N   . GLU A 1 4   ? -19.147 -27.949 17.169  1.00 75.92 ? 91  GLU A N   1 
ATOM   18   C  CA  . GLU A 1 4   ? -18.255 -27.875 16.021  1.00 75.10 ? 91  GLU A CA  1 
ATOM   19   C  C   . GLU A 1 4   ? -18.146 -26.406 15.635  1.00 74.02 ? 91  GLU A C   1 
ATOM   20   O  O   . GLU A 1 4   ? -17.068 -25.824 15.710  1.00 74.30 ? 91  GLU A O   1 
ATOM   21   C  CB  . GLU A 1 4   ? -18.824 -28.683 14.853  1.00 75.07 ? 91  GLU A CB  1 
ATOM   22   C  CG  . GLU A 1 4   ? -19.430 -30.036 15.244  1.00 76.08 ? 91  GLU A CG  1 
ATOM   23   C  CD  . GLU A 1 4   ? -18.404 -31.056 15.718  1.00 75.52 ? 91  GLU A CD  1 
ATOM   24   O  OE1 . GLU A 1 4   ? -17.662 -31.600 14.871  1.00 75.67 ? 91  GLU A OE1 1 
ATOM   25   O  OE2 . GLU A 1 4   ? -18.359 -31.331 16.939  1.00 76.63 ? 91  GLU A OE2 1 
ATOM   26   N  N   . ARG A 1 5   ? -19.286 -25.798 15.306  1.00 72.30 ? 92  ARG A N   1 
ATOM   27   C  CA  . ARG A 1 5   ? -19.358 -24.386 14.921  1.00 70.21 ? 92  ARG A CA  1 
ATOM   28   C  C   . ARG A 1 5   ? -18.588 -23.535 15.924  1.00 68.33 ? 92  ARG A C   1 
ATOM   29   O  O   . ARG A 1 5   ? -17.899 -22.584 15.553  1.00 68.16 ? 92  ARG A O   1 
ATOM   30   C  CB  . ARG A 1 5   ? -20.824 -23.936 14.863  1.00 72.04 ? 92  ARG A CB  1 
ATOM   31   C  CG  . ARG A 1 5   ? -21.037 -22.422 14.831  1.00 73.33 ? 92  ARG A CG  1 
ATOM   32   C  CD  . ARG A 1 5   ? -22.505 -22.055 15.045  1.00 73.84 ? 92  ARG A CD  1 
ATOM   33   N  NE  . ARG A 1 5   ? -22.645 -20.712 15.606  1.00 75.12 ? 92  ARG A NE  1 
ATOM   34   C  CZ  . ARG A 1 5   ? -22.826 -20.452 16.900  1.00 75.81 ? 92  ARG A CZ  1 
ATOM   35   N  NH1 . ARG A 1 5   ? -22.875 -21.442 17.781  1.00 76.45 ? 92  ARG A NH1 1 
ATOM   36   N  NH2 . ARG A 1 5   ? -22.941 -19.197 17.317  1.00 76.37 ? 92  ARG A NH2 1 
ATOM   37   N  N   . LYS A 1 6   ? -18.708 -23.902 17.194  1.00 66.11 ? 93  LYS A N   1 
ATOM   38   C  CA  . LYS A 1 6   ? -18.032 -23.214 18.281  1.00 64.39 ? 93  LYS A CA  1 
ATOM   39   C  C   . LYS A 1 6   ? -16.525 -23.330 18.065  1.00 62.46 ? 93  LYS A C   1 
ATOM   40   O  O   . LYS A 1 6   ? -15.800 -22.330 18.089  1.00 61.48 ? 93  LYS A O   1 
ATOM   41   C  CB  . LYS A 1 6   ? -18.441 -23.851 19.619  1.00 65.27 ? 93  LYS A CB  1 
ATOM   42   C  CG  . LYS A 1 6   ? -17.895 -23.168 20.866  1.00 66.65 ? 93  LYS A CG  1 
ATOM   43   C  CD  . LYS A 1 6   ? -16.526 -23.714 21.293  1.00 66.66 ? 93  LYS A CD  1 
ATOM   44   C  CE  . LYS A 1 6   ? -15.991 -22.955 22.506  1.00 66.84 ? 93  LYS A CE  1 
ATOM   45   N  NZ  . LYS A 1 6   ? -14.718 -23.523 23.016  1.00 67.58 ? 93  LYS A NZ  1 
ATOM   46   N  N   . ALA A 1 7   ? -16.077 -24.556 17.808  1.00 59.88 ? 94  ALA A N   1 
ATOM   47   C  CA  . ALA A 1 7   ? -14.667 -24.852 17.583  1.00 57.92 ? 94  ALA A CA  1 
ATOM   48   C  C   . ALA A 1 7   ? -14.140 -24.236 16.292  1.00 56.41 ? 94  ALA A C   1 
ATOM   49   O  O   . ALA A 1 7   ? -12.989 -23.810 16.237  1.00 56.35 ? 94  ALA A O   1 
ATOM   50   C  CB  . ALA A 1 7   ? -14.444 -26.354 17.578  1.00 58.68 ? 94  ALA A CB  1 
ATOM   51   N  N   . LEU A 1 8   ? -14.978 -24.183 15.260  1.00 54.38 ? 95  LEU A N   1 
ATOM   52   C  CA  . LEU A 1 8   ? -14.582 -23.606 13.984  1.00 53.04 ? 95  LEU A CA  1 
ATOM   53   C  C   . LEU A 1 8   ? -14.291 -22.118 14.165  1.00 52.26 ? 95  LEU A C   1 
ATOM   54   O  O   . LEU A 1 8   ? -13.246 -21.622 13.738  1.00 52.09 ? 95  LEU A O   1 
ATOM   55   C  CB  . LEU A 1 8   ? -15.676 -23.810 12.927  1.00 54.70 ? 95  LEU A CB  1 
ATOM   56   C  CG  . LEU A 1 8   ? -15.720 -25.116 12.113  1.00 55.62 ? 95  LEU A CG  1 
ATOM   57   C  CD1 . LEU A 1 8   ? -14.430 -25.293 11.319  1.00 56.28 ? 95  LEU A CD1 1 
ATOM   58   C  CD2 . LEU A 1 8   ? -15.961 -26.322 13.007  1.00 57.13 ? 95  LEU A CD2 1 
ATOM   59   N  N   . GLN A 1 9   ? -15.193 -21.419 14.842  1.00 50.48 ? 96  GLN A N   1 
ATOM   60   C  CA  . GLN A 1 9   ? -15.023 -19.994 15.082  1.00 49.06 ? 96  GLN A CA  1 
ATOM   61   C  C   . GLN A 1 9   ? -13.825 -19.709 15.992  1.00 47.50 ? 96  GLN A C   1 
ATOM   62   O  O   . GLN A 1 9   ? -13.152 -18.691 15.832  1.00 47.23 ? 96  GLN A O   1 
ATOM   63   C  CB  . GLN A 1 9   ? -16.314 -19.392 15.647  1.00 50.83 ? 96  GLN A CB  1 
ATOM   64   C  CG  . GLN A 1 9   ? -17.499 -19.493 14.673  1.00 54.40 ? 96  GLN A CG  1 
ATOM   65   C  CD  . GLN A 1 9   ? -18.819 -18.955 15.233  1.00 57.52 ? 96  GLN A CD  1 
ATOM   66   O  OE1 . GLN A 1 9   ? -19.704 -18.544 14.476  1.00 58.47 ? 96  GLN A OE1 1 
ATOM   67   N  NE2 . GLN A 1 9   ? -18.959 -18.966 16.560  1.00 59.39 ? 96  GLN A NE2 1 
ATOM   68   N  N   . THR A 1 10  ? -13.544 -20.614 16.926  1.00 45.98 ? 97  THR A N   1 
ATOM   69   C  CA  . THR A 1 10  ? -12.407 -20.430 17.827  1.00 44.95 ? 97  THR A CA  1 
ATOM   70   C  C   . THR A 1 10  ? -11.107 -20.676 17.068  1.00 42.76 ? 97  THR A C   1 
ATOM   71   O  O   . THR A 1 10  ? -10.114 -19.971 17.265  1.00 42.30 ? 97  THR A O   1 
ATOM   72   C  CB  . THR A 1 10  ? -12.484 -21.378 19.048  1.00 46.08 ? 97  THR A CB  1 
ATOM   73   O  OG1 . THR A 1 10  ? -13.583 -20.991 19.888  1.00 48.43 ? 97  THR A OG1 1 
ATOM   74   C  CG2 . THR A 1 10  ? -11.197 -21.322 19.861  1.00 45.27 ? 97  THR A CG2 1 
ATOM   75   N  N   . GLU A 1 11  ? -11.134 -21.666 16.181  1.00 40.17 ? 98  GLU A N   1 
ATOM   76   C  CA  . GLU A 1 11  ? -9.987  -22.033 15.369  1.00 38.88 ? 98  GLU A CA  1 
ATOM   77   C  C   . GLU A 1 11  ? -9.655  -20.900 14.400  1.00 37.41 ? 98  GLU A C   1 
ATOM   78   O  O   . GLU A 1 11  ? -8.487  -20.566 14.187  1.00 35.63 ? 98  GLU A O   1 
ATOM   79   C  CB  . GLU A 1 11  ? -10.305 -23.307 14.589  1.00 40.53 ? 98  GLU A CB  1 
ATOM   80   C  CG  . GLU A 1 11  ? -9.106  -23.970 13.955  1.00 44.24 ? 98  GLU A CG  1 
ATOM   81   C  CD  . GLU A 1 11  ? -8.124  -24.504 14.978  1.00 45.10 ? 98  GLU A CD  1 
ATOM   82   O  OE1 . GLU A 1 11  ? -8.358  -25.608 15.511  1.00 45.02 ? 98  GLU A OE1 1 
ATOM   83   O  OE2 . GLU A 1 11  ? -7.110  -23.824 15.241  1.00 45.90 ? 98  GLU A OE2 1 
ATOM   84   N  N   . MET A 1 12  ? -10.699 -20.305 13.835  1.00 36.09 ? 99  MET A N   1 
ATOM   85   C  CA  . MET A 1 12  ? -10.573 -19.205 12.886  1.00 35.71 ? 99  MET A CA  1 
ATOM   86   C  C   . MET A 1 12  ? -10.017 -17.945 13.548  1.00 33.03 ? 99  MET A C   1 
ATOM   87   O  O   . MET A 1 12  ? -9.182  -17.244 12.972  1.00 31.25 ? 99  MET A O   1 
ATOM   88   C  CB  . MET A 1 12  ? -11.942 -18.892 12.283  1.00 38.38 ? 99  MET A CB  1 
ATOM   89   C  CG  . MET A 1 12  ? -11.897 -18.242 10.914  1.00 43.76 ? 99  MET A CG  1 
ATOM   90   S  SD  . MET A 1 12  ? -11.671 -19.453 9.590   1.00 49.83 ? 99  MET A SD  1 
ATOM   91   C  CE  . MET A 1 12  ? -13.375 -19.723 9.090   1.00 50.09 ? 99  MET A CE  1 
ATOM   92   N  N   . ALA A 1 13  ? -10.486 -17.663 14.759  1.00 31.60 ? 100 ALA A N   1 
ATOM   93   C  CA  . ALA A 1 13  ? -10.050 -16.488 15.503  1.00 30.48 ? 100 ALA A CA  1 
ATOM   94   C  C   . ALA A 1 13  ? -8.555  -16.545 15.834  1.00 31.18 ? 100 ALA A C   1 
ATOM   95   O  O   . ALA A 1 13  ? -7.885  -15.507 15.864  1.00 31.12 ? 100 ALA A O   1 
ATOM   96   C  CB  . ALA A 1 13  ? -10.881 -16.328 16.770  1.00 27.63 ? 100 ALA A CB  1 
ATOM   97   N  N   . ARG A 1 14  ? -8.031  -17.744 16.089  1.00 30.33 ? 101 ARG A N   1 
ATOM   98   C  CA  . ARG A 1 14  ? -6.610  -17.859 16.379  1.00 30.04 ? 101 ARG A CA  1 
ATOM   99   C  C   . ARG A 1 14  ? -5.785  -17.829 15.096  1.00 28.28 ? 101 ARG A C   1 
ATOM   100  O  O   . ARG A 1 14  ? -4.750  -17.191 15.050  1.00 27.97 ? 101 ARG A O   1 
ATOM   101  C  CB  . ARG A 1 14  ? -6.288  -19.054 17.289  1.00 32.11 ? 101 ARG A CB  1 
ATOM   102  C  CG  . ARG A 1 14  ? -6.256  -20.445 16.695  1.00 35.70 ? 101 ARG A CG  1 
ATOM   103  C  CD  . ARG A 1 14  ? -6.007  -21.435 17.843  1.00 38.62 ? 101 ARG A CD  1 
ATOM   104  N  NE  . ARG A 1 14  ? -5.743  -22.807 17.405  1.00 42.76 ? 101 ARG A NE  1 
ATOM   105  C  CZ  . ARG A 1 14  ? -5.402  -23.806 18.222  1.00 43.69 ? 101 ARG A CZ  1 
ATOM   106  N  NH1 . ARG A 1 14  ? -5.267  -23.591 19.527  1.00 44.61 ? 101 ARG A NH1 1 
ATOM   107  N  NH2 . ARG A 1 14  ? -5.183  -25.024 17.734  1.00 43.17 ? 101 ARG A NH2 1 
ATOM   108  N  N   . ILE A 1 15  ? -6.291  -18.440 14.032  1.00 28.13 ? 102 ILE A N   1 
ATOM   109  C  CA  . ILE A 1 15  ? -5.599  -18.413 12.748  1.00 27.96 ? 102 ILE A CA  1 
ATOM   110  C  C   . ILE A 1 15  ? -5.477  -16.945 12.324  1.00 29.54 ? 102 ILE A C   1 
ATOM   111  O  O   . ILE A 1 15  ? -4.422  -16.513 11.856  1.00 30.51 ? 102 ILE A O   1 
ATOM   112  C  CB  . ILE A 1 15  ? -6.372  -19.222 11.658  1.00 28.46 ? 102 ILE A CB  1 
ATOM   113  C  CG1 . ILE A 1 15  ? -6.180  -20.729 11.866  1.00 28.47 ? 102 ILE A CG1 1 
ATOM   114  C  CG2 . ILE A 1 15  ? -5.932  -18.809 10.255  1.00 27.62 ? 102 ILE A CG2 1 
ATOM   115  C  CD1 . ILE A 1 15  ? -7.048  -21.590 10.950  1.00 27.98 ? 102 ILE A CD1 1 
ATOM   116  N  N   . LYS A 1 16  ? -6.538  -16.173 12.533  1.00 29.21 ? 103 LYS A N   1 
ATOM   117  C  CA  . LYS A 1 16  ? -6.535  -14.760 12.177  1.00 28.67 ? 103 LYS A CA  1 
ATOM   118  C  C   . LYS A 1 16  ? -5.577  -13.966 13.042  1.00 27.47 ? 103 LYS A C   1 
ATOM   119  O  O   . LYS A 1 16  ? -4.979  -12.982 12.592  1.00 27.06 ? 103 LYS A O   1 
ATOM   120  C  CB  . LYS A 1 16  ? -7.935  -14.165 12.279  1.00 30.35 ? 103 LYS A CB  1 
ATOM   121  C  CG  . LYS A 1 16  ? -8.823  -14.512 11.102  1.00 33.86 ? 103 LYS A CG  1 
ATOM   122  C  CD  . LYS A 1 16  ? -10.016 -13.575 11.009  1.00 36.94 ? 103 LYS A CD  1 
ATOM   123  C  CE  . LYS A 1 16  ? -9.577  -12.132 10.799  1.00 37.83 ? 103 LYS A CE  1 
ATOM   124  N  NZ  . LYS A 1 16  ? -10.747 -11.212 10.698  1.00 41.32 ? 103 LYS A NZ  1 
ATOM   125  N  N   . LYS A 1 17  ? -5.422  -14.406 14.282  1.00 27.92 ? 104 LYS A N   1 
ATOM   126  C  CA  . LYS A 1 17  ? -4.527  -13.752 15.224  1.00 27.47 ? 104 LYS A CA  1 
ATOM   127  C  C   . LYS A 1 17  ? -3.072  -13.940 14.774  1.00 25.80 ? 104 LYS A C   1 
ATOM   128  O  O   . LYS A 1 17  ? -2.278  -13.006 14.833  1.00 26.33 ? 104 LYS A O   1 
ATOM   129  C  CB  . LYS A 1 17  ? -4.721  -14.348 16.613  1.00 29.24 ? 104 LYS A CB  1 
ATOM   130  C  CG  . LYS A 1 17  ? -4.371  -13.399 17.728  1.00 34.00 ? 104 LYS A CG  1 
ATOM   131  C  CD  . LYS A 1 17  ? -4.318  -14.117 19.054  1.00 37.08 ? 104 LYS A CD  1 
ATOM   132  C  CE  . LYS A 1 17  ? -5.647  -14.746 19.407  1.00 40.00 ? 104 LYS A CE  1 
ATOM   133  N  NZ  . LYS A 1 17  ? -5.573  -15.406 20.731  1.00 41.78 ? 104 LYS A NZ  1 
ATOM   134  N  N   . TRP A 1 18  ? -2.740  -15.151 14.328  1.00 22.68 ? 105 TRP A N   1 
ATOM   135  C  CA  . TRP A 1 18  ? -1.403  -15.470 13.850  1.00 21.25 ? 105 TRP A CA  1 
ATOM   136  C  C   . TRP A 1 18  ? -1.041  -14.622 12.638  1.00 23.06 ? 105 TRP A C   1 
ATOM   137  O  O   . TRP A 1 18  ? 0.036   -14.016 12.585  1.00 24.19 ? 105 TRP A O   1 
ATOM   138  C  CB  . TRP A 1 18  ? -1.323  -16.931 13.426  1.00 19.52 ? 105 TRP A CB  1 
ATOM   139  C  CG  . TRP A 1 18  ? -1.507  -17.904 14.515  1.00 19.96 ? 105 TRP A CG  1 
ATOM   140  C  CD1 . TRP A 1 18  ? -1.453  -17.661 15.858  1.00 19.67 ? 105 TRP A CD1 1 
ATOM   141  C  CD2 . TRP A 1 18  ? -1.802  -19.293 14.368  1.00 20.38 ? 105 TRP A CD2 1 
ATOM   142  N  NE1 . TRP A 1 18  ? -1.704  -18.814 16.553  1.00 19.95 ? 105 TRP A NE1 1 
ATOM   143  C  CE2 . TRP A 1 18  ? -1.926  -19.831 15.666  1.00 20.68 ? 105 TRP A CE2 1 
ATOM   144  C  CE3 . TRP A 1 18  ? -1.982  -20.136 13.264  1.00 22.09 ? 105 TRP A CE3 1 
ATOM   145  C  CZ2 . TRP A 1 18  ? -2.229  -21.178 15.894  1.00 22.52 ? 105 TRP A CZ2 1 
ATOM   146  C  CZ3 . TRP A 1 18  ? -2.283  -21.481 13.486  1.00 22.45 ? 105 TRP A CZ3 1 
ATOM   147  C  CH2 . TRP A 1 18  ? -2.404  -21.987 14.790  1.00 23.35 ? 105 TRP A CH2 1 
ATOM   148  N  N   . LEU A 1 19  ? -1.956  -14.592 11.670  1.00 23.21 ? 106 LEU A N   1 
ATOM   149  C  CA  . LEU A 1 19  ? -1.781  -13.854 10.427  1.00 22.35 ? 106 LEU A CA  1 
ATOM   150  C  C   . LEU A 1 19  ? -1.564  -12.368 10.623  1.00 22.73 ? 106 LEU A C   1 
ATOM   151  O  O   . LEU A 1 19  ? -0.694  -11.786 9.978   1.00 23.78 ? 106 LEU A O   1 
ATOM   152  C  CB  . LEU A 1 19  ? -2.975  -14.065 9.496   1.00 21.76 ? 106 LEU A CB  1 
ATOM   153  C  CG  . LEU A 1 19  ? -3.269  -15.495 9.055   1.00 22.35 ? 106 LEU A CG  1 
ATOM   154  C  CD1 . LEU A 1 19  ? -4.117  -15.431 7.801   1.00 21.52 ? 106 LEU A CD1 1 
ATOM   155  C  CD2 . LEU A 1 19  ? -1.983  -16.247 8.784   1.00 20.42 ? 106 LEU A CD2 1 
ATOM   156  N  N   . THR A 1 20  ? -2.356  -11.750 11.490  1.00 23.09 ? 107 THR A N   1 
ATOM   157  C  CA  . THR A 1 20  ? -2.214  -10.322 11.719  1.00 23.07 ? 107 THR A CA  1 
ATOM   158  C  C   . THR A 1 20  ? -0.940  -10.041 12.480  1.00 22.48 ? 107 THR A C   1 
ATOM   159  O  O   . THR A 1 20  ? -0.445  -8.919  12.461  1.00 24.16 ? 107 THR A O   1 
ATOM   160  C  CB  . THR A 1 20  ? -3.427  -9.722  12.465  1.00 23.22 ? 107 THR A CB  1 
ATOM   161  O  OG1 . THR A 1 20  ? -3.661  -10.459 13.662  1.00 23.98 ? 107 THR A OG1 1 
ATOM   162  C  CG2 . THR A 1 20  ? -4.663  -9.774  11.594  1.00 24.15 ? 107 THR A CG2 1 
ATOM   163  N  N   . PHE A 1 21  ? -0.404  -11.061 13.142  1.00 21.21 ? 108 PHE A N   1 
ATOM   164  C  CA  . PHE A 1 21  ? 0.829   -10.905 13.895  1.00 21.03 ? 108 PHE A CA  1 
ATOM   165  C  C   . PHE A 1 21  ? 2.047   -11.008 12.986  1.00 21.60 ? 108 PHE A C   1 
ATOM   166  O  O   . PHE A 1 21  ? 2.912   -10.127 13.002  1.00 22.33 ? 108 PHE A O   1 
ATOM   167  C  CB  . PHE A 1 21  ? 0.931   -11.957 15.007  1.00 20.33 ? 108 PHE A CB  1 
ATOM   168  C  CG  . PHE A 1 21  ? 2.150   -11.805 15.890  1.00 20.26 ? 108 PHE A CG  1 
ATOM   169  C  CD1 . PHE A 1 21  ? 2.262   -10.731 16.777  1.00 20.73 ? 108 PHE A CD1 1 
ATOM   170  C  CD2 . PHE A 1 21  ? 3.174   -12.747 15.854  1.00 18.69 ? 108 PHE A CD2 1 
ATOM   171  C  CE1 . PHE A 1 21  ? 3.381   -10.605 17.624  1.00 19.47 ? 108 PHE A CE1 1 
ATOM   172  C  CE2 . PHE A 1 21  ? 4.295   -12.632 16.691  1.00 18.98 ? 108 PHE A CE2 1 
ATOM   173  C  CZ  . PHE A 1 21  ? 4.397   -11.558 17.577  1.00 19.53 ? 108 PHE A CZ  1 
ATOM   174  N  N   . SER A 1 22  ? 2.098   -12.056 12.167  1.00 21.47 ? 109 SER A N   1 
ATOM   175  C  CA  . SER A 1 22  ? 3.250   -12.260 11.307  1.00 21.70 ? 109 SER A CA  1 
ATOM   176  C  C   . SER A 1 22  ? 3.104   -12.180 9.783   1.00 21.72 ? 109 SER A C   1 
ATOM   177  O  O   . SER A 1 22  ? 4.110   -11.998 9.101   1.00 23.17 ? 109 SER A O   1 
ATOM   178  C  CB  . SER A 1 22  ? 3.940   -13.569 11.678  1.00 22.81 ? 109 SER A CB  1 
ATOM   179  O  OG  . SER A 1 22  ? 3.054   -14.655 11.505  1.00 28.67 ? 109 SER A OG  1 
ATOM   180  N  N   . LEU A 1 23  ? 1.901   -12.317 9.229   1.00 19.98 ? 110 LEU A N   1 
ATOM   181  C  CA  . LEU A 1 23  ? 1.789   -12.255 7.776   1.00 19.53 ? 110 LEU A CA  1 
ATOM   182  C  C   . LEU A 1 23  ? 1.825   -10.842 7.206   1.00 19.32 ? 110 LEU A C   1 
ATOM   183  O  O   . LEU A 1 23  ? 2.347   -10.618 6.112   1.00 19.46 ? 110 LEU A O   1 
ATOM   184  C  CB  . LEU A 1 23  ? 0.549   -12.992 7.258   1.00 18.56 ? 110 LEU A CB  1 
ATOM   185  C  CG  . LEU A 1 23  ? 0.509   -13.170 5.735   1.00 17.39 ? 110 LEU A CG  1 
ATOM   186  C  CD1 . LEU A 1 23  ? 1.589   -14.129 5.286   1.00 18.18 ? 110 LEU A CD1 1 
ATOM   187  C  CD2 . LEU A 1 23  ? -0.836  -13.671 5.294   1.00 20.39 ? 110 LEU A CD2 1 
ATOM   188  N  N   . GLY A 1 24  ? 1.227   -9.896  7.914   1.00 19.20 ? 111 GLY A N   1 
ATOM   189  C  CA  . GLY A 1 24  ? 1.207   -8.532  7.429   1.00 18.00 ? 111 GLY A CA  1 
ATOM   190  C  C   . GLY A 1 24  ? 1.092   -7.541  8.560   1.00 19.05 ? 111 GLY A C   1 
ATOM   191  O  O   . GLY A 1 24  ? 1.326   -7.877  9.715   1.00 17.29 ? 111 GLY A O   1 
ATOM   192  N  N   . LYS A 1 25  ? 0.706   -6.319  8.226   1.00 19.71 ? 112 LYS A N   1 
ATOM   193  C  CA  . LYS A 1 25  ? 0.570   -5.271  9.216   1.00 20.09 ? 112 LYS A CA  1 
ATOM   194  C  C   . LYS A 1 25  ? -0.852  -4.747  9.226   1.00 21.56 ? 112 LYS A C   1 
ATOM   195  O  O   . LYS A 1 25  ? -1.378  -4.331  8.194   1.00 22.84 ? 112 LYS A O   1 
ATOM   196  C  CB  . LYS A 1 25  ? 1.525   -4.126  8.871   1.00 21.76 ? 112 LYS A CB  1 
ATOM   197  C  CG  . LYS A 1 25  ? 2.976   -4.554  8.690   1.00 21.91 ? 112 LYS A CG  1 
ATOM   198  C  CD  . LYS A 1 25  ? 3.619   -4.936  10.015  1.00 22.27 ? 112 LYS A CD  1 
ATOM   199  C  CE  . LYS A 1 25  ? 5.012   -5.487  9.795   1.00 23.65 ? 112 LYS A CE  1 
ATOM   200  N  NZ  . LYS A 1 25  ? 5.631   -5.886  11.078  1.00 24.88 ? 112 LYS A NZ  1 
ATOM   201  N  N   . GLN A 1 26  ? -1.478  -4.766  10.389  1.00 22.51 ? 113 GLN A N   1 
ATOM   202  C  CA  . GLN A 1 26  ? -2.829  -4.262  10.493  1.00 23.49 ? 113 GLN A CA  1 
ATOM   203  C  C   . GLN A 1 26  ? -2.831  -2.898  11.172  1.00 23.73 ? 113 GLN A C   1 
ATOM   204  O  O   . GLN A 1 26  ? -2.207  -2.717  12.217  1.00 22.66 ? 113 GLN A O   1 
ATOM   205  C  CB  . GLN A 1 26  ? -3.704  -5.216  11.296  1.00 25.51 ? 113 GLN A CB  1 
ATOM   206  C  CG  . GLN A 1 26  ? -5.171  -4.843  11.248  1.00 28.83 ? 113 GLN A CG  1 
ATOM   207  C  CD  . GLN A 1 26  ? -5.979  -5.483  12.343  1.00 30.79 ? 113 GLN A CD  1 
ATOM   208  O  OE1 . GLN A 1 26  ? -5.614  -6.533  12.867  1.00 33.04 ? 113 GLN A OE1 1 
ATOM   209  N  NE2 . GLN A 1 26  ? -7.088  -4.849  12.702  1.00 32.82 ? 113 GLN A NE2 1 
ATOM   210  N  N   . VAL A 1 27  ? -3.496  -1.932  10.555  1.00 23.51 ? 114 VAL A N   1 
ATOM   211  C  CA  . VAL A 1 27  ? -3.612  -0.596  11.114  1.00 23.99 ? 114 VAL A CA  1 
ATOM   212  C  C   . VAL A 1 27  ? -5.077  -0.244  10.914  1.00 25.44 ? 114 VAL A C   1 
ATOM   213  O  O   . VAL A 1 27  ? -5.519  0.032   9.788   1.00 26.71 ? 114 VAL A O   1 
ATOM   214  C  CB  . VAL A 1 27  ? -2.704  0.440   10.400  1.00 24.76 ? 114 VAL A CB  1 
ATOM   215  C  CG1 . VAL A 1 27  ? -2.999  1.849   10.918  1.00 23.42 ? 114 VAL A CG1 1 
ATOM   216  C  CG2 . VAL A 1 27  ? -1.252  0.110   10.636  1.00 23.79 ? 114 VAL A CG2 1 
ATOM   217  N  N   . GLY A 1 28  ? -5.850  -0.373  11.990  1.00 25.86 ? 115 GLY A N   1 
ATOM   218  C  CA  . GLY A 1 28  ? -7.269  -0.076  11.927  1.00 24.97 ? 115 GLY A CA  1 
ATOM   219  C  C   . GLY A 1 28  ? -8.013  -1.125  11.125  1.00 24.46 ? 115 GLY A C   1 
ATOM   220  O  O   . GLY A 1 28  ? -7.975  -2.309  11.458  1.00 24.73 ? 115 GLY A O   1 
ATOM   221  N  N   . ASN A 1 29  ? -8.647  -0.701  10.040  1.00 25.54 ? 116 ASN A N   1 
ATOM   222  C  CA  . ASN A 1 29  ? -9.401  -1.632  9.220   1.00 26.68 ? 116 ASN A CA  1 
ATOM   223  C  C   . ASN A 1 29  ? -8.661  -2.028  7.943   1.00 26.28 ? 116 ASN A C   1 
ATOM   224  O  O   . ASN A 1 29  ? -9.260  -2.560  7.009   1.00 26.82 ? 116 ASN A O   1 
ATOM   225  C  CB  . ASN A 1 29  ? -10.791 -1.070  8.893   1.00 29.75 ? 116 ASN A CB  1 
ATOM   226  C  CG  . ASN A 1 29  ? -10.736 0.313   8.237   1.00 35.55 ? 116 ASN A CG  1 
ATOM   227  O  OD1 . ASN A 1 29  ? -9.683  0.749   7.739   1.00 39.40 ? 116 ASN A OD1 1 
ATOM   228  N  ND2 . ASN A 1 29  ? -11.868 1.022   8.255   1.00 36.55 ? 116 ASN A ND2 1 
ATOM   229  N  N   . LYS A 1 30  ? -7.356  -1.772  7.910   1.00 24.28 ? 117 LYS A N   1 
ATOM   230  C  CA  . LYS A 1 30  ? -6.537  -2.131  6.750   1.00 21.76 ? 117 LYS A CA  1 
ATOM   231  C  C   . LYS A 1 30  ? -5.532  -3.191  7.127   1.00 20.24 ? 117 LYS A C   1 
ATOM   232  O  O   . LYS A 1 30  ? -5.038  -3.217  8.254   1.00 21.17 ? 117 LYS A O   1 
ATOM   233  C  CB  . LYS A 1 30  ? -5.766  -0.935  6.218   1.00 20.99 ? 117 LYS A CB  1 
ATOM   234  C  CG  . LYS A 1 30  ? -6.583  0.103   5.533   1.00 17.57 ? 117 LYS A CG  1 
ATOM   235  C  CD  . LYS A 1 30  ? -5.643  1.128   4.971   1.00 17.74 ? 117 LYS A CD  1 
ATOM   236  C  CE  . LYS A 1 30  ? -6.338  2.380   4.505   1.00 17.20 ? 117 LYS A CE  1 
ATOM   237  N  NZ  . LYS A 1 30  ? -5.340  3.238   3.831   1.00 20.20 ? 117 LYS A NZ  1 
ATOM   238  N  N   . PHE A 1 31  ? -5.217  -4.051  6.169   1.00 20.58 ? 118 PHE A N   1 
ATOM   239  C  CA  . PHE A 1 31  ? -4.251  -5.123  6.361   1.00 19.25 ? 118 PHE A CA  1 
ATOM   240  C  C   . PHE A 1 31  ? -3.295  -5.034  5.174   1.00 18.32 ? 118 PHE A C   1 
ATOM   241  O  O   . PHE A 1 31  ? -3.675  -5.353  4.056   1.00 19.35 ? 118 PHE A O   1 
ATOM   242  C  CB  . PHE A 1 31  ? -4.967  -6.478  6.366   1.00 20.37 ? 118 PHE A CB  1 
ATOM   243  C  CG  . PHE A 1 31  ? -4.111  -7.625  6.831   1.00 21.71 ? 118 PHE A CG  1 
ATOM   244  C  CD1 . PHE A 1 31  ? -3.148  -7.446  7.818   1.00 22.24 ? 118 PHE A CD1 1 
ATOM   245  C  CD2 . PHE A 1 31  ? -4.293  -8.896  6.307   1.00 21.38 ? 118 PHE A CD2 1 
ATOM   246  C  CE1 . PHE A 1 31  ? -2.387  -8.515  8.273   1.00 21.36 ? 118 PHE A CE1 1 
ATOM   247  C  CE2 . PHE A 1 31  ? -3.533  -9.971  6.760   1.00 19.72 ? 118 PHE A CE2 1 
ATOM   248  C  CZ  . PHE A 1 31  ? -2.585  -9.778  7.740   1.00 19.60 ? 118 PHE A CZ  1 
ATOM   249  N  N   . PHE A 1 32  ? -2.081  -4.544  5.414   1.00 18.19 ? 119 PHE A N   1 
ATOM   250  C  CA  . PHE A 1 32  ? -1.073  -4.401  4.353   1.00 16.67 ? 119 PHE A CA  1 
ATOM   251  C  C   . PHE A 1 32  ? -0.333  -5.710  4.084   1.00 14.82 ? 119 PHE A C   1 
ATOM   252  O  O   . PHE A 1 32  ? 0.196   -6.327  5.006   1.00 15.37 ? 119 PHE A O   1 
ATOM   253  C  CB  . PHE A 1 32  ? -0.062  -3.300  4.714   1.00 16.16 ? 119 PHE A CB  1 
ATOM   254  C  CG  . PHE A 1 32  ? -0.683  -1.941  4.894   1.00 15.32 ? 119 PHE A CG  1 
ATOM   255  C  CD1 . PHE A 1 32  ? -1.219  -1.255  3.797   1.00 14.76 ? 119 PHE A CD1 1 
ATOM   256  C  CD2 . PHE A 1 32  ? -0.753  -1.353  6.157   1.00 14.46 ? 119 PHE A CD2 1 
ATOM   257  C  CE1 . PHE A 1 32  ? -1.819  -0.001  3.956   1.00 12.50 ? 119 PHE A CE1 1 
ATOM   258  C  CE2 . PHE A 1 32  ? -1.347  -0.103  6.334   1.00 12.91 ? 119 PHE A CE2 1 
ATOM   259  C  CZ  . PHE A 1 32  ? -1.883  0.574   5.225   1.00 12.60 ? 119 PHE A CZ  1 
ATOM   260  N  N   . LEU A 1 33  ? -0.279  -6.116  2.821   1.00 14.45 ? 120 LEU A N   1 
ATOM   261  C  CA  . LEU A 1 33  ? 0.386   -7.347  2.435   1.00 15.85 ? 120 LEU A CA  1 
ATOM   262  C  C   . LEU A 1 33  ? 1.136   -7.148  1.127   1.00 17.11 ? 120 LEU A C   1 
ATOM   263  O  O   . LEU A 1 33  ? 0.733   -6.342  0.280   1.00 17.59 ? 120 LEU A O   1 
ATOM   264  C  CB  . LEU A 1 33  ? -0.641  -8.480  2.253   1.00 17.35 ? 120 LEU A CB  1 
ATOM   265  C  CG  . LEU A 1 33  ? -1.392  -9.049  3.466   1.00 18.46 ? 120 LEU A CG  1 
ATOM   266  C  CD1 . LEU A 1 33  ? -2.606  -9.841  3.023   1.00 16.82 ? 120 LEU A CD1 1 
ATOM   267  C  CD2 . LEU A 1 33  ? -0.460  -9.913  4.286   1.00 16.35 ? 120 LEU A CD2 1 
ATOM   268  N  N   . THR A 1 34  ? 2.227   -7.888  0.964   1.00 17.09 ? 121 THR A N   1 
ATOM   269  C  CA  . THR A 1 34  ? 3.034   -7.814  -0.247  1.00 18.75 ? 121 THR A CA  1 
ATOM   270  C  C   . THR A 1 34  ? 3.266   -9.223  -0.776  1.00 19.22 ? 121 THR A C   1 
ATOM   271  O  O   . THR A 1 34  ? 3.343   -10.181 0.001   1.00 19.27 ? 121 THR A O   1 
ATOM   272  C  CB  . THR A 1 34  ? 4.415   -7.122  0.026   1.00 18.70 ? 121 THR A CB  1 
ATOM   273  O  OG1 . THR A 1 34  ? 5.160   -7.030  -1.194  1.00 18.29 ? 121 THR A OG1 1 
ATOM   274  C  CG2 . THR A 1 34  ? 5.234   -7.902  1.048   1.00 15.84 ? 121 THR A CG2 1 
ATOM   275  N  N   . ASN A 1 35  ? 3.268   -9.371  -2.096  1.00 19.55 ? 122 ASN A N   1 
ATOM   276  C  CA  . ASN A 1 35  ? 3.532   -10.680 -2.671  1.00 20.02 ? 122 ASN A CA  1 
ATOM   277  C  C   . ASN A 1 35  ? 5.028   -10.818 -2.952  1.00 20.27 ? 122 ASN A C   1 
ATOM   278  O  O   . ASN A 1 35  ? 5.479   -11.845 -3.448  1.00 20.60 ? 122 ASN A O   1 
ATOM   279  C  CB  . ASN A 1 35  ? 2.693   -10.939 -3.931  1.00 20.48 ? 122 ASN A CB  1 
ATOM   280  C  CG  . ASN A 1 35  ? 3.050   -10.022 -5.083  1.00 21.64 ? 122 ASN A CG  1 
ATOM   281  O  OD1 . ASN A 1 35  ? 3.886   -9.133  -4.949  1.00 21.89 ? 122 ASN A OD1 1 
ATOM   282  N  ND2 . ASN A 1 35  ? 2.410   -10.231 -6.223  1.00 21.07 ? 122 ASN A ND2 1 
ATOM   283  N  N   . GLY A 1 36  ? 5.793   -9.786  -2.597  1.00 20.88 ? 123 GLY A N   1 
ATOM   284  C  CA  . GLY A 1 36  ? 7.231   -9.795  -2.809  1.00 21.52 ? 123 GLY A CA  1 
ATOM   285  C  C   . GLY A 1 36  ? 7.678   -9.672  -4.260  1.00 23.25 ? 123 GLY A C   1 
ATOM   286  O  O   . GLY A 1 36  ? 8.834   -9.937  -4.579  1.00 25.46 ? 123 GLY A O   1 
ATOM   287  N  N   . GLU A 1 37  ? 6.797   -9.218  -5.140  1.00 24.30 ? 124 GLU A N   1 
ATOM   288  C  CA  . GLU A 1 37  ? 7.140   -9.089  -6.544  1.00 24.47 ? 124 GLU A CA  1 
ATOM   289  C  C   . GLU A 1 37  ? 7.126   -7.642  -6.994  1.00 25.08 ? 124 GLU A C   1 
ATOM   290  O  O   . GLU A 1 37  ? 6.342   -6.834  -6.491  1.00 25.71 ? 124 GLU A O   1 
ATOM   291  C  CB  . GLU A 1 37  ? 6.184   -9.914  -7.386  1.00 24.88 ? 124 GLU A CB  1 
ATOM   292  C  CG  . GLU A 1 37  ? 6.190   -11.384 -7.015  1.00 28.48 ? 124 GLU A CG  1 
ATOM   293  C  CD  . GLU A 1 37  ? 5.262   -12.217 -7.875  1.00 31.78 ? 124 GLU A CD  1 
ATOM   294  O  OE1 . GLU A 1 37  ? 4.796   -11.728 -8.925  1.00 34.75 ? 124 GLU A OE1 1 
ATOM   295  O  OE2 . GLU A 1 37  ? 5.004   -13.378 -7.505  1.00 34.77 ? 124 GLU A OE2 1 
ATOM   296  N  N   . ILE A 1 38  ? 8.031   -7.308  -7.907  1.00 25.54 ? 125 ILE A N   1 
ATOM   297  C  CA  . ILE A 1 38  ? 8.124   -5.952  -8.417  1.00 25.64 ? 125 ILE A CA  1 
ATOM   298  C  C   . ILE A 1 38  ? 7.551   -5.925  -9.826  1.00 25.71 ? 125 ILE A C   1 
ATOM   299  O  O   . ILE A 1 38  ? 7.743   -6.850  -10.608 1.00 25.19 ? 125 ILE A O   1 
ATOM   300  C  CB  . ILE A 1 38  ? 9.592   -5.394  -8.380  1.00 26.16 ? 125 ILE A CB  1 
ATOM   301  C  CG1 . ILE A 1 38  ? 10.400  -5.877  -9.578  1.00 26.38 ? 125 ILE A CG1 1 
ATOM   302  C  CG2 . ILE A 1 38  ? 10.299  -5.817  -7.078  1.00 23.85 ? 125 ILE A CG2 1 
ATOM   303  C  CD1 . ILE A 1 38  ? 11.755  -5.209  -9.701  1.00 28.90 ? 125 ILE A CD1 1 
ATOM   304  N  N   . MET A 1 39  ? 6.785   -4.891  -10.124 1.00 26.41 ? 126 MET A N   1 
ATOM   305  C  CA  . MET A 1 39  ? 6.163   -4.761  -11.426 1.00 25.66 ? 126 MET A CA  1 
ATOM   306  C  C   . MET A 1 39  ? 5.811   -3.301  -11.618 1.00 25.38 ? 126 MET A C   1 
ATOM   307  O  O   . MET A 1 39  ? 5.993   -2.491  -10.706 1.00 24.94 ? 126 MET A O   1 
ATOM   308  C  CB  . MET A 1 39  ? 4.909   -5.627  -11.472 1.00 26.68 ? 126 MET A CB  1 
ATOM   309  C  CG  . MET A 1 39  ? 3.989   -5.424  -10.277 1.00 29.19 ? 126 MET A CG  1 
ATOM   310  S  SD  . MET A 1 39  ? 2.709   -6.696  -10.123 1.00 31.41 ? 126 MET A SD  1 
ATOM   311  C  CE  . MET A 1 39  ? 3.587   -7.936  -9.174  1.00 31.33 ? 126 MET A CE  1 
ATOM   312  N  N   . THR A 1 40  ? 5.291   -2.971  -12.792 1.00 25.39 ? 127 THR A N   1 
ATOM   313  C  CA  . THR A 1 40  ? 4.929   -1.601  -13.113 1.00 25.58 ? 127 THR A CA  1 
ATOM   314  C  C   . THR A 1 40  ? 3.655   -1.244  -12.381 1.00 25.51 ? 127 THR A C   1 
ATOM   315  O  O   . THR A 1 40  ? 2.874   -2.126  -12.027 1.00 26.34 ? 127 THR A O   1 
ATOM   316  C  CB  . THR A 1 40  ? 4.716   -1.434  -14.616 1.00 26.08 ? 127 THR A CB  1 
ATOM   317  O  OG1 . THR A 1 40  ? 3.653   -2.297  -15.046 1.00 28.70 ? 127 THR A OG1 1 
ATOM   318  C  CG2 . THR A 1 40  ? 5.989   -1.800  -15.369 1.00 25.54 ? 127 THR A CG2 1 
ATOM   319  N  N   . PHE A 1 41  ? 3.416   0.048   -12.201 1.00 25.40 ? 128 PHE A N   1 
ATOM   320  C  CA  . PHE A 1 41  ? 2.232   0.512   -11.498 1.00 25.54 ? 128 PHE A CA  1 
ATOM   321  C  C   . PHE A 1 41  ? 0.918   -0.107  -11.956 1.00 26.34 ? 128 PHE A C   1 
ATOM   322  O  O   . PHE A 1 41  ? 0.161   -0.631  -11.135 1.00 27.18 ? 128 PHE A O   1 
ATOM   323  C  CB  . PHE A 1 41  ? 2.112   2.022   -11.574 1.00 24.43 ? 128 PHE A CB  1 
ATOM   324  C  CG  . PHE A 1 41  ? 1.031   2.574   -10.704 1.00 24.21 ? 128 PHE A CG  1 
ATOM   325  C  CD1 . PHE A 1 41  ? 1.077   2.391   -9.324  1.00 24.34 ? 128 PHE A CD1 1 
ATOM   326  C  CD2 . PHE A 1 41  ? -0.030  3.274   -11.256 1.00 23.83 ? 128 PHE A CD2 1 
ATOM   327  C  CE1 . PHE A 1 41  ? 0.082   2.901   -8.505  1.00 24.41 ? 128 PHE A CE1 1 
ATOM   328  C  CE2 . PHE A 1 41  ? -1.030  3.788   -10.453 1.00 24.97 ? 128 PHE A CE2 1 
ATOM   329  C  CZ  . PHE A 1 41  ? -0.979  3.604   -9.072  1.00 25.26 ? 128 PHE A CZ  1 
ATOM   330  N  N   . GLU A 1 42  ? 0.632   -0.030  -13.252 1.00 27.08 ? 129 GLU A N   1 
ATOM   331  C  CA  . GLU A 1 42  ? -0.605  -0.588  -13.790 1.00 27.94 ? 129 GLU A CA  1 
ATOM   332  C  C   . GLU A 1 42  ? -0.792  -2.039  -13.374 1.00 27.30 ? 129 GLU A C   1 
ATOM   333  O  O   . GLU A 1 42  ? -1.902  -2.443  -13.034 1.00 27.90 ? 129 GLU A O   1 
ATOM   334  C  CB  . GLU A 1 42  ? -0.651  -0.458  -15.316 1.00 30.83 ? 129 GLU A CB  1 
ATOM   335  C  CG  . GLU A 1 42  ? -0.665  0.989   -15.826 1.00 37.80 ? 129 GLU A CG  1 
ATOM   336  C  CD  . GLU A 1 42  ? -1.860  1.808   -15.322 1.00 42.76 ? 129 GLU A CD  1 
ATOM   337  O  OE1 . GLU A 1 42  ? -3.018  1.341   -15.478 1.00 44.36 ? 129 GLU A OE1 1 
ATOM   338  O  OE2 . GLU A 1 42  ? -1.633  2.926   -14.784 1.00 45.01 ? 129 GLU A OE2 1 
ATOM   339  N  N   . LYS A 1 43  ? 0.301   -2.800  -13.358 1.00 26.57 ? 130 LYS A N   1 
ATOM   340  C  CA  . LYS A 1 43  ? 0.256   -4.200  -12.965 1.00 27.64 ? 130 LYS A CA  1 
ATOM   341  C  C   . LYS A 1 43  ? -0.165  -4.350  -11.506 1.00 27.38 ? 130 LYS A C   1 
ATOM   342  O  O   . LYS A 1 43  ? -1.036  -5.164  -11.195 1.00 28.56 ? 130 LYS A O   1 
ATOM   343  C  CB  . LYS A 1 43  ? 1.606   -4.867  -13.162 1.00 29.66 ? 130 LYS A CB  1 
ATOM   344  C  CG  . LYS A 1 43  ? 2.038   -4.990  -14.591 1.00 33.81 ? 130 LYS A CG  1 
ATOM   345  C  CD  . LYS A 1 43  ? 1.150   -5.935  -15.346 1.00 36.63 ? 130 LYS A CD  1 
ATOM   346  C  CE  . LYS A 1 43  ? 1.741   -6.246  -16.713 1.00 40.64 ? 130 LYS A CE  1 
ATOM   347  N  NZ  . LYS A 1 43  ? 0.819   -7.099  -17.511 1.00 41.60 ? 130 LYS A NZ  1 
ATOM   348  N  N   . VAL A 1 44  ? 0.469   -3.586  -10.615 1.00 26.21 ? 131 VAL A N   1 
ATOM   349  C  CA  . VAL A 1 44  ? 0.136   -3.634  -9.186  1.00 25.17 ? 131 VAL A CA  1 
ATOM   350  C  C   . VAL A 1 44  ? -1.332  -3.267  -9.009  1.00 24.27 ? 131 VAL A C   1 
ATOM   351  O  O   . VAL A 1 44  ? -2.039  -3.885  -8.223  1.00 24.57 ? 131 VAL A O   1 
ATOM   352  C  CB  . VAL A 1 44  ? 0.997   -2.663  -8.333  1.00 23.18 ? 131 VAL A CB  1 
ATOM   353  C  CG1 . VAL A 1 44  ? 0.556   -2.710  -6.886  1.00 23.50 ? 131 VAL A CG1 1 
ATOM   354  C  CG2 . VAL A 1 44  ? 2.464   -3.016  -8.436  1.00 22.44 ? 131 VAL A CG2 1 
ATOM   355  N  N   . LYS A 1 45  ? -1.802  -2.283  -9.763  1.00 23.98 ? 132 LYS A N   1 
ATOM   356  C  CA  . LYS A 1 45  ? -3.189  -1.885  -9.647  1.00 26.68 ? 132 LYS A CA  1 
ATOM   357  C  C   . LYS A 1 45  ? -4.086  -3.065  -9.956  1.00 27.18 ? 132 LYS A C   1 
ATOM   358  O  O   . LYS A 1 45  ? -4.982  -3.402  -9.177  1.00 28.82 ? 132 LYS A O   1 
ATOM   359  C  CB  . LYS A 1 45  ? -3.525  -0.726  -10.581 1.00 27.32 ? 132 LYS A CB  1 
ATOM   360  C  CG  . LYS A 1 45  ? -3.230  0.629   -9.982  1.00 28.46 ? 132 LYS A CG  1 
ATOM   361  C  CD  . LYS A 1 45  ? -4.024  1.711   -10.675 1.00 30.18 ? 132 LYS A CD  1 
ATOM   362  C  CE  . LYS A 1 45  ? -3.657  1.811   -12.136 1.00 32.82 ? 132 LYS A CE  1 
ATOM   363  N  NZ  . LYS A 1 45  ? -4.382  2.930   -12.796 1.00 35.86 ? 132 LYS A NZ  1 
ATOM   364  N  N   . ALA A 1 46  ? -3.823  -3.707  -11.085 1.00 25.75 ? 133 ALA A N   1 
ATOM   365  C  CA  . ALA A 1 46  ? -4.605  -4.853  -11.511 1.00 25.36 ? 133 ALA A CA  1 
ATOM   366  C  C   . ALA A 1 46  ? -4.548  -5.956  -10.468 1.00 25.71 ? 133 ALA A C   1 
ATOM   367  O  O   . ALA A 1 46  ? -5.572  -6.529  -10.111 1.00 27.85 ? 133 ALA A O   1 
ATOM   368  C  CB  . ALA A 1 46  ? -4.095  -5.352  -12.834 1.00 25.59 ? 133 ALA A CB  1 
ATOM   369  N  N   . LEU A 1 47  ? -3.342  -6.221  -9.976  1.00 25.59 ? 134 LEU A N   1 
ATOM   370  C  CA  . LEU A 1 47  ? -3.081  -7.247  -8.973  1.00 24.74 ? 134 LEU A CA  1 
ATOM   371  C  C   . LEU A 1 47  ? -3.942  -7.090  -7.724  1.00 25.40 ? 134 LEU A C   1 
ATOM   372  O  O   . LEU A 1 47  ? -4.689  -8.002  -7.354  1.00 27.08 ? 134 LEU A O   1 
ATOM   373  C  CB  . LEU A 1 47  ? -1.607  -7.213  -8.569  1.00 24.07 ? 134 LEU A CB  1 
ATOM   374  C  CG  . LEU A 1 47  ? -1.192  -8.161  -7.446  1.00 23.89 ? 134 LEU A CG  1 
ATOM   375  C  CD1 . LEU A 1 47  ? -1.337  -9.580  -7.917  1.00 25.25 ? 134 LEU A CD1 1 
ATOM   376  C  CD2 . LEU A 1 47  ? 0.229   -7.895  -7.034  1.00 23.78 ? 134 LEU A CD2 1 
ATOM   377  N  N   . CYS A 1 48  ? -3.823  -5.947  -7.056  1.00 24.51 ? 135 CYS A N   1 
ATOM   378  C  CA  . CYS A 1 48  ? -4.597  -5.702  -5.850  1.00 23.09 ? 135 CYS A CA  1 
ATOM   379  C  C   . CYS A 1 48  ? -6.080  -5.852  -6.136  1.00 24.53 ? 135 CYS A C   1 
ATOM   380  O  O   . CYS A 1 48  ? -6.791  -6.526  -5.390  1.00 25.41 ? 135 CYS A O   1 
ATOM   381  C  CB  . CYS A 1 48  ? -4.307  -4.311  -5.300  1.00 21.08 ? 135 CYS A CB  1 
ATOM   382  S  SG  . CYS A 1 48  ? -2.579  -4.051  -4.819  1.00 17.27 ? 135 CYS A SG  1 
ATOM   383  N  N   . VAL A 1 49  ? -6.525  -5.251  -7.238  1.00 25.18 ? 136 VAL A N   1 
ATOM   384  C  CA  . VAL A 1 49  ? -7.919  -5.316  -7.658  1.00 26.36 ? 136 VAL A CA  1 
ATOM   385  C  C   . VAL A 1 49  ? -8.361  -6.767  -7.817  1.00 26.90 ? 136 VAL A C   1 
ATOM   386  O  O   . VAL A 1 49  ? -9.450  -7.153  -7.396  1.00 27.28 ? 136 VAL A O   1 
ATOM   387  C  CB  . VAL A 1 49  ? -8.124  -4.557  -8.982  1.00 26.23 ? 136 VAL A CB  1 
ATOM   388  C  CG1 . VAL A 1 49  ? -9.439  -4.954  -9.632  1.00 26.57 ? 136 VAL A CG1 1 
ATOM   389  C  CG2 . VAL A 1 49  ? -8.113  -3.061  -8.719  1.00 23.33 ? 136 VAL A CG2 1 
ATOM   390  N  N   . LYS A 1 50  ? -7.486  -7.557  -8.415  1.00 27.58 ? 137 LYS A N   1 
ATOM   391  C  CA  . LYS A 1 50  ? -7.702  -8.974  -8.648  1.00 29.46 ? 137 LYS A CA  1 
ATOM   392  C  C   . LYS A 1 50  ? -7.945  -9.717  -7.330  1.00 30.05 ? 137 LYS A C   1 
ATOM   393  O  O   . LYS A 1 50  ? -8.541  -10.792 -7.316  1.00 31.72 ? 137 LYS A O   1 
ATOM   394  C  CB  . LYS A 1 50  ? -6.474  -9.552  -9.362  1.00 30.80 ? 137 LYS A CB  1 
ATOM   395  C  CG  . LYS A 1 50  ? -6.574  -11.001 -9.754  1.00 32.47 ? 137 LYS A CG  1 
ATOM   396  C  CD  . LYS A 1 50  ? -5.247  -11.484 -10.316 1.00 36.18 ? 137 LYS A CD  1 
ATOM   397  C  CE  . LYS A 1 50  ? -5.263  -12.990 -10.600 1.00 37.59 ? 137 LYS A CE  1 
ATOM   398  N  NZ  . LYS A 1 50  ? -5.484  -13.824 -9.375  1.00 38.24 ? 137 LYS A NZ  1 
ATOM   399  N  N   . PHE A 1 51  ? -7.475  -9.146  -6.227  1.00 30.44 ? 138 PHE A N   1 
ATOM   400  C  CA  . PHE A 1 51  ? -7.653  -9.760  -4.912  1.00 28.85 ? 138 PHE A CA  1 
ATOM   401  C  C   . PHE A 1 51  ? -8.657  -9.026  -4.014  1.00 28.14 ? 138 PHE A C   1 
ATOM   402  O  O   . PHE A 1 51  ? -8.678  -9.252  -2.810  1.00 28.77 ? 138 PHE A O   1 
ATOM   403  C  CB  . PHE A 1 51  ? -6.301  -9.851  -4.204  1.00 29.40 ? 138 PHE A CB  1 
ATOM   404  C  CG  . PHE A 1 51  ? -5.494  -11.056 -4.594  1.00 30.59 ? 138 PHE A CG  1 
ATOM   405  C  CD1 . PHE A 1 51  ? -4.816  -11.099 -5.811  1.00 31.27 ? 138 PHE A CD1 1 
ATOM   406  C  CD2 . PHE A 1 51  ? -5.411  -12.156 -3.738  1.00 30.60 ? 138 PHE A CD2 1 
ATOM   407  C  CE1 . PHE A 1 51  ? -4.063  -12.222 -6.170  1.00 31.89 ? 138 PHE A CE1 1 
ATOM   408  C  CE2 . PHE A 1 51  ? -4.668  -13.280 -4.082  1.00 30.39 ? 138 PHE A CE2 1 
ATOM   409  C  CZ  . PHE A 1 51  ? -3.990  -13.316 -5.301  1.00 31.43 ? 138 PHE A CZ  1 
ATOM   410  N  N   . GLN A 1 52  ? -9.504  -8.180  -4.599  1.00 27.85 ? 139 GLN A N   1 
ATOM   411  C  CA  . GLN A 1 52  ? -10.486 -7.393  -3.842  1.00 28.28 ? 139 GLN A CA  1 
ATOM   412  C  C   . GLN A 1 52  ? -9.812  -6.406  -2.896  1.00 27.89 ? 139 GLN A C   1 
ATOM   413  O  O   . GLN A 1 52  ? -10.424 -5.944  -1.922  1.00 28.11 ? 139 GLN A O   1 
ATOM   414  C  CB  . GLN A 1 52  ? -11.425 -8.287  -3.035  1.00 30.87 ? 139 GLN A CB  1 
ATOM   415  C  CG  . GLN A 1 52  ? -12.676 -8.672  -3.766  1.00 34.82 ? 139 GLN A CG  1 
ATOM   416  C  CD  . GLN A 1 52  ? -12.381 -9.502  -4.978  1.00 36.89 ? 139 GLN A CD  1 
ATOM   417  O  OE1 . GLN A 1 52  ? -12.604 -9.068  -6.106  1.00 39.94 ? 139 GLN A OE1 1 
ATOM   418  N  NE2 . GLN A 1 52  ? -11.843 -10.697 -4.759  1.00 38.52 ? 139 GLN A NE2 1 
ATOM   419  N  N   . ALA A 1 53  ? -8.546  -6.101  -3.181  1.00 26.62 ? 140 ALA A N   1 
ATOM   420  C  CA  . ALA A 1 53  ? -7.747  -5.180  -2.377  1.00 25.65 ? 140 ALA A CA  1 
ATOM   421  C  C   . ALA A 1 53  ? -7.452  -3.944  -3.215  1.00 26.50 ? 140 ALA A C   1 
ATOM   422  O  O   . ALA A 1 53  ? -7.862  -3.849  -4.374  1.00 27.49 ? 140 ALA A O   1 
ATOM   423  C  CB  . ALA A 1 53  ? -6.454  -5.851  -1.977  1.00 23.42 ? 140 ALA A CB  1 
ATOM   424  N  N   . SER A 1 54  ? -6.748  -2.991  -2.627  1.00 25.91 ? 141 SER A N   1 
ATOM   425  C  CA  . SER A 1 54  ? -6.375  -1.792  -3.352  1.00 24.88 ? 141 SER A CA  1 
ATOM   426  C  C   . SER A 1 54  ? -4.912  -1.548  -3.059  1.00 23.17 ? 141 SER A C   1 
ATOM   427  O  O   . SER A 1 54  ? -4.398  -2.079  -2.083  1.00 24.14 ? 141 SER A O   1 
ATOM   428  C  CB  . SER A 1 54  ? -7.200  -0.605  -2.880  1.00 26.08 ? 141 SER A CB  1 
ATOM   429  O  OG  . SER A 1 54  ? -6.922  0.530   -3.679  1.00 30.08 ? 141 SER A OG  1 
ATOM   430  N  N   . VAL A 1 55  ? -4.223  -0.809  -3.921  1.00 22.11 ? 142 VAL A N   1 
ATOM   431  C  CA  . VAL A 1 55  ? -2.810  -0.502  -3.692  1.00 19.64 ? 142 VAL A CA  1 
ATOM   432  C  C   . VAL A 1 55  ? -2.674  0.240   -2.365  1.00 19.11 ? 142 VAL A C   1 
ATOM   433  O  O   . VAL A 1 55  ? -3.497  1.102   -2.031  1.00 19.17 ? 142 VAL A O   1 
ATOM   434  C  CB  . VAL A 1 55  ? -2.222  0.375   -4.817  1.00 20.76 ? 142 VAL A CB  1 
ATOM   435  C  CG1 . VAL A 1 55  ? -0.718  0.574   -4.601  1.00 23.67 ? 142 VAL A CG1 1 
ATOM   436  C  CG2 . VAL A 1 55  ? -2.462  -0.273  -6.167  1.00 20.73 ? 142 VAL A CG2 1 
ATOM   437  N  N   . ALA A 1 56  ? -1.650  -0.113  -1.599  1.00 18.30 ? 143 ALA A N   1 
ATOM   438  C  CA  . ALA A 1 56  ? -1.410  0.507   -0.308  1.00 17.98 ? 143 ALA A CA  1 
ATOM   439  C  C   . ALA A 1 56  ? -1.289  2.028   -0.440  1.00 19.59 ? 143 ALA A C   1 
ATOM   440  O  O   . ALA A 1 56  ? -0.532  2.547   -1.269  1.00 19.11 ? 143 ALA A O   1 
ATOM   441  C  CB  . ALA A 1 56  ? -0.170  -0.072  0.325   1.00 18.20 ? 143 ALA A CB  1 
ATOM   442  N  N   . THR A 1 57  ? -2.101  2.729   0.338   1.00 21.23 ? 144 THR A N   1 
ATOM   443  C  CA  . THR A 1 57  ? -2.137  4.187   0.352   1.00 23.74 ? 144 THR A CA  1 
ATOM   444  C  C   . THR A 1 57  ? -2.130  4.650   1.801   1.00 26.31 ? 144 THR A C   1 
ATOM   445  O  O   . THR A 1 57  ? -3.172  4.634   2.469   1.00 28.57 ? 144 THR A O   1 
ATOM   446  C  CB  . THR A 1 57  ? -3.422  4.701   -0.297  1.00 23.54 ? 144 THR A CB  1 
ATOM   447  O  OG1 . THR A 1 57  ? -3.518  4.188   -1.631  1.00 25.84 ? 144 THR A OG1 1 
ATOM   448  C  CG2 . THR A 1 57  ? -3.452  6.215   -0.318  1.00 25.03 ? 144 THR A CG2 1 
ATOM   449  N  N   . PRO A 1 58  ? -0.955  5.019   2.323   1.00 26.53 ? 145 PRO A N   1 
ATOM   450  C  CA  . PRO A 1 58  ? -0.878  5.474   3.707   1.00 27.30 ? 145 PRO A CA  1 
ATOM   451  C  C   . PRO A 1 58  ? -1.649  6.784   3.862   1.00 28.68 ? 145 PRO A C   1 
ATOM   452  O  O   . PRO A 1 58  ? -1.457  7.732   3.093   1.00 31.25 ? 145 PRO A O   1 
ATOM   453  C  CB  . PRO A 1 58  ? 0.626   5.654   3.914   1.00 27.41 ? 145 PRO A CB  1 
ATOM   454  C  CG  . PRO A 1 58  ? 1.090   6.096   2.566   1.00 26.45 ? 145 PRO A CG  1 
ATOM   455  C  CD  . PRO A 1 58  ? 0.348   5.162   1.646   1.00 27.86 ? 145 PRO A CD  1 
ATOM   456  N  N   . ARG A 1 59  ? -2.560  6.820   4.823   1.00 27.56 ? 146 ARG A N   1 
ATOM   457  C  CA  . ARG A 1 59  ? -3.355  8.016   5.049   1.00 27.52 ? 146 ARG A CA  1 
ATOM   458  C  C   . ARG A 1 59  ? -2.950  8.734   6.331   1.00 27.02 ? 146 ARG A C   1 
ATOM   459  O  O   . ARG A 1 59  ? -3.554  9.731   6.724   1.00 27.42 ? 146 ARG A O   1 
ATOM   460  C  CB  . ARG A 1 59  ? -4.848  7.672   5.007   1.00 28.01 ? 146 ARG A CB  1 
ATOM   461  C  CG  . ARG A 1 59  ? -5.267  7.231   3.607   1.00 31.15 ? 146 ARG A CG  1 
ATOM   462  C  CD  . ARG A 1 59  ? -6.754  7.339   3.355   1.00 36.33 ? 146 ARG A CD  1 
ATOM   463  N  NE  . ARG A 1 59  ? -7.076  7.046   1.954   1.00 42.04 ? 146 ARG A NE  1 
ATOM   464  C  CZ  . ARG A 1 59  ? -7.058  5.827   1.403   1.00 45.13 ? 146 ARG A CZ  1 
ATOM   465  N  NH1 . ARG A 1 59  ? -6.743  4.750   2.119   1.00 44.49 ? 146 ARG A NH1 1 
ATOM   466  N  NH2 . ARG A 1 59  ? -7.336  5.679   0.114   1.00 45.93 ? 146 ARG A NH2 1 
ATOM   467  N  N   . ASN A 1 60  ? -1.877  8.247   6.943   1.00 26.46 ? 147 ASN A N   1 
ATOM   468  C  CA  . ASN A 1 60  ? -1.340  8.823   8.165   1.00 25.96 ? 147 ASN A CA  1 
ATOM   469  C  C   . ASN A 1 60  ? -0.002  8.160   8.502   1.00 25.96 ? 147 ASN A C   1 
ATOM   470  O  O   . ASN A 1 60  ? 0.374   7.150   7.902   1.00 27.65 ? 147 ASN A O   1 
ATOM   471  C  CB  . ASN A 1 60  ? -2.333  8.692   9.321   1.00 25.53 ? 147 ASN A CB  1 
ATOM   472  C  CG  . ASN A 1 60  ? -2.631  7.255   9.672   1.00 28.39 ? 147 ASN A CG  1 
ATOM   473  O  OD1 . ASN A 1 60  ? -1.739  6.493   10.057  1.00 28.64 ? 147 ASN A OD1 1 
ATOM   474  N  ND2 . ASN A 1 60  ? -3.889  6.871   9.540   1.00 30.02 ? 147 ASN A ND2 1 
ATOM   475  N  N   . ALA A 1 61  ? 0.718   8.751   9.445   1.00 25.06 ? 148 ALA A N   1 
ATOM   476  C  CA  . ALA A 1 61  ? 2.022   8.261   9.867   1.00 24.78 ? 148 ALA A CA  1 
ATOM   477  C  C   . ALA A 1 61  ? 2.036   6.796   10.290  1.00 25.16 ? 148 ALA A C   1 
ATOM   478  O  O   . ALA A 1 61  ? 2.987   6.072   9.987   1.00 25.52 ? 148 ALA A O   1 
ATOM   479  C  CB  . ALA A 1 61  ? 2.558   9.140   10.993  1.00 23.52 ? 148 ALA A CB  1 
ATOM   480  N  N   . ALA A 1 62  ? 1.001   6.372   11.012  1.00 24.49 ? 149 ALA A N   1 
ATOM   481  C  CA  . ALA A 1 62  ? 0.897   4.997   11.492  1.00 22.63 ? 149 ALA A CA  1 
ATOM   482  C  C   . ALA A 1 62  ? 0.899   4.025   10.325  1.00 22.77 ? 149 ALA A C   1 
ATOM   483  O  O   . ALA A 1 62  ? 1.649   3.048   10.316  1.00 22.66 ? 149 ALA A O   1 
ATOM   484  C  CB  . ALA A 1 62  ? -0.360  4.827   12.303  1.00 21.70 ? 149 ALA A CB  1 
ATOM   485  N  N   . GLU A 1 63  ? 0.060   4.310   9.337   1.00 22.57 ? 150 GLU A N   1 
ATOM   486  C  CA  . GLU A 1 63  ? -0.037  3.481   8.146   1.00 24.25 ? 150 GLU A CA  1 
ATOM   487  C  C   . GLU A 1 63  ? 1.270   3.497   7.345   1.00 25.26 ? 150 GLU A C   1 
ATOM   488  O  O   . GLU A 1 63  ? 1.724   2.454   6.857   1.00 26.12 ? 150 GLU A O   1 
ATOM   489  C  CB  . GLU A 1 63  ? -1.193  3.961   7.270   1.00 24.60 ? 150 GLU A CB  1 
ATOM   490  C  CG  . GLU A 1 63  ? -2.542  3.863   7.946   1.00 25.36 ? 150 GLU A CG  1 
ATOM   491  C  CD  . GLU A 1 63  ? -3.698  4.184   7.028   1.00 26.82 ? 150 GLU A CD  1 
ATOM   492  O  OE1 . GLU A 1 63  ? -3.496  4.342   5.805   1.00 26.29 ? 150 GLU A OE1 1 
ATOM   493  O  OE2 . GLU A 1 63  ? -4.832  4.266   7.535   1.00 29.66 ? 150 GLU A OE2 1 
ATOM   494  N  N   . ASN A 1 64  ? 1.867   4.681   7.212   1.00 25.37 ? 151 ASN A N   1 
ATOM   495  C  CA  . ASN A 1 64  ? 3.123   4.847   6.477   1.00 24.09 ? 151 ASN A CA  1 
ATOM   496  C  C   . ASN A 1 64  ? 4.212   4.009   7.150   1.00 23.29 ? 151 ASN A C   1 
ATOM   497  O  O   . ASN A 1 64  ? 4.956   3.277   6.491   1.00 23.22 ? 151 ASN A O   1 
ATOM   498  C  CB  . ASN A 1 64  ? 3.530   6.325   6.455   1.00 24.28 ? 151 ASN A CB  1 
ATOM   499  C  CG  . ASN A 1 64  ? 4.542   6.639   5.365   1.00 24.71 ? 151 ASN A CG  1 
ATOM   500  O  OD1 . ASN A 1 64  ? 4.184   6.767   4.194   1.00 24.43 ? 151 ASN A OD1 1 
ATOM   501  N  ND2 . ASN A 1 64  ? 5.805   6.804   5.748   1.00 23.50 ? 151 ASN A ND2 1 
ATOM   502  N  N   . GLY A 1 65  ? 4.276   4.101   8.472   1.00 20.74 ? 152 GLY A N   1 
ATOM   503  C  CA  . GLY A 1 65  ? 5.256   3.346   9.220   1.00 22.30 ? 152 GLY A CA  1 
ATOM   504  C  C   . GLY A 1 65  ? 5.015   1.858   9.098   1.00 22.33 ? 152 GLY A C   1 
ATOM   505  O  O   . GLY A 1 65  ? 5.967   1.083   9.021   1.00 23.41 ? 152 GLY A O   1 
ATOM   506  N  N   . ALA A 1 66  ? 3.742   1.463   9.055   1.00 22.51 ? 153 ALA A N   1 
ATOM   507  C  CA  . ALA A 1 66  ? 3.353   0.057   8.939   1.00 21.36 ? 153 ALA A CA  1 
ATOM   508  C  C   . ALA A 1 66  ? 3.847   -0.521  7.621   1.00 21.12 ? 153 ALA A C   1 
ATOM   509  O  O   . ALA A 1 66  ? 4.383   -1.631  7.573   1.00 20.89 ? 153 ALA A O   1 
ATOM   510  C  CB  . ALA A 1 66  ? 1.835   -0.083  9.040   1.00 21.85 ? 153 ALA A CB  1 
ATOM   511  N  N   . ILE A 1 67  ? 3.612   0.224   6.548   1.00 20.96 ? 154 ILE A N   1 
ATOM   512  C  CA  . ILE A 1 67  ? 4.053   -0.181  5.219   1.00 22.46 ? 154 ILE A CA  1 
ATOM   513  C  C   . ILE A 1 67  ? 5.591   -0.209  5.214   1.00 23.48 ? 154 ILE A C   1 
ATOM   514  O  O   . ILE A 1 67  ? 6.223   -1.145  4.711   1.00 23.33 ? 154 ILE A O   1 
ATOM   515  C  CB  . ILE A 1 67  ? 3.550   0.808   4.138   1.00 21.49 ? 154 ILE A CB  1 
ATOM   516  C  CG1 . ILE A 1 67  ? 2.025   0.882   4.162   1.00 20.26 ? 154 ILE A CG1 1 
ATOM   517  C  CG2 . ILE A 1 67  ? 4.026   0.366   2.759   1.00 21.14 ? 154 ILE A CG2 1 
ATOM   518  C  CD1 . ILE A 1 67  ? 1.434   1.801   3.111   1.00 19.34 ? 154 ILE A CD1 1 
ATOM   519  N  N   . GLN A 1 68  ? 6.181   0.817   5.817   1.00 25.17 ? 155 GLN A N   1 
ATOM   520  C  CA  . GLN A 1 68  ? 7.624   0.933   5.911   1.00 26.05 ? 155 GLN A CA  1 
ATOM   521  C  C   . GLN A 1 68  ? 8.194   -0.334  6.542   1.00 27.30 ? 155 GLN A C   1 
ATOM   522  O  O   . GLN A 1 68  ? 9.100   -0.944  5.982   1.00 26.98 ? 155 GLN A O   1 
ATOM   523  C  CB  . GLN A 1 68  ? 7.983   2.154   6.751   1.00 26.32 ? 155 GLN A CB  1 
ATOM   524  C  CG  . GLN A 1 68  ? 9.405   2.612   6.570   1.00 26.43 ? 155 GLN A CG  1 
ATOM   525  C  CD  . GLN A 1 68  ? 9.816   3.678   7.567   1.00 28.13 ? 155 GLN A CD  1 
ATOM   526  O  OE1 . GLN A 1 68  ? 10.956  3.680   8.029   1.00 28.62 ? 155 GLN A OE1 1 
ATOM   527  N  NE2 . GLN A 1 68  ? 8.904   4.599   7.894   1.00 25.56 ? 155 GLN A NE2 1 
ATOM   528  N  N   . ASN A 1 69  ? 7.630   -0.731  7.684   1.00 27.38 ? 156 ASN A N   1 
ATOM   529  C  CA  . ASN A 1 69  ? 8.043   -1.933  8.410   1.00 28.86 ? 156 ASN A CA  1 
ATOM   530  C  C   . ASN A 1 69  ? 7.921   -3.203  7.576   1.00 29.97 ? 156 ASN A C   1 
ATOM   531  O  O   . ASN A 1 69  ? 8.760   -4.095  7.656   1.00 30.55 ? 156 ASN A O   1 
ATOM   532  C  CB  . ASN A 1 69  ? 7.170   -2.149  9.653   1.00 31.74 ? 156 ASN A CB  1 
ATOM   533  C  CG  . ASN A 1 69  ? 7.444   -1.150  10.758  1.00 34.46 ? 156 ASN A CG  1 
ATOM   534  O  OD1 . ASN A 1 69  ? 8.356   -0.321  10.664  1.00 35.62 ? 156 ASN A OD1 1 
ATOM   535  N  ND2 . ASN A 1 69  ? 6.643   -1.220  11.821  1.00 33.97 ? 156 ASN A ND2 1 
ATOM   536  N  N   . LEU A 1 70  ? 6.836   -3.303  6.822   1.00 29.25 ? 157 LEU A N   1 
ATOM   537  C  CA  . LEU A 1 70  ? 6.558   -4.479  6.014   1.00 28.19 ? 157 LEU A CA  1 
ATOM   538  C  C   . LEU A 1 70  ? 7.517   -4.728  4.848   1.00 28.12 ? 157 LEU A C   1 
ATOM   539  O  O   . LEU A 1 70  ? 7.971   -5.856  4.638   1.00 27.74 ? 157 LEU A O   1 
ATOM   540  C  CB  . LEU A 1 70  ? 5.109   -4.401  5.500   1.00 26.80 ? 157 LEU A CB  1 
ATOM   541  C  CG  . LEU A 1 70  ? 4.501   -5.546  4.685   1.00 23.96 ? 157 LEU A CG  1 
ATOM   542  C  CD1 . LEU A 1 70  ? 4.191   -6.722  5.583   1.00 21.09 ? 157 LEU A CD1 1 
ATOM   543  C  CD2 . LEU A 1 70  ? 3.238   -5.047  3.990   1.00 22.92 ? 157 LEU A CD2 1 
ATOM   544  N  N   . ILE A 1 71  ? 7.831   -3.672  4.108   1.00 29.07 ? 158 ILE A N   1 
ATOM   545  C  CA  . ILE A 1 71  ? 8.682   -3.778  2.921   1.00 30.11 ? 158 ILE A CA  1 
ATOM   546  C  C   . ILE A 1 71  ? 10.197  -3.993  3.073   1.00 30.80 ? 158 ILE A C   1 
ATOM   547  O  O   . ILE A 1 71  ? 10.817  -3.607  4.064   1.00 30.24 ? 158 ILE A O   1 
ATOM   548  C  CB  . ILE A 1 71  ? 8.455   -2.580  1.976   1.00 29.47 ? 158 ILE A CB  1 
ATOM   549  C  CG1 . ILE A 1 71  ? 8.819   -1.272  2.677   1.00 29.56 ? 158 ILE A CG1 1 
ATOM   550  C  CG2 . ILE A 1 71  ? 7.017   -2.542  1.521   1.00 30.76 ? 158 ILE A CG2 1 
ATOM   551  C  CD1 . ILE A 1 71  ? 8.908   -0.089  1.750   1.00 30.05 ? 158 ILE A CD1 1 
ATOM   552  N  N   . LYS A 1 72  ? 10.774  -4.614  2.048   1.00 32.35 ? 159 LYS A N   1 
ATOM   553  C  CA  . LYS A 1 72  ? 12.204  -4.885  1.977   1.00 34.65 ? 159 LYS A CA  1 
ATOM   554  C  C   . LYS A 1 72  ? 12.777  -4.133  0.777   1.00 34.79 ? 159 LYS A C   1 
ATOM   555  O  O   . LYS A 1 72  ? 13.979  -4.130  0.557   1.00 36.33 ? 159 LYS A O   1 
ATOM   556  C  CB  . LYS A 1 72  ? 12.448  -6.380  1.809   1.00 35.47 ? 159 LYS A CB  1 
ATOM   557  C  CG  . LYS A 1 72  ? 11.756  -7.228  2.860   1.00 40.29 ? 159 LYS A CG  1 
ATOM   558  C  CD  . LYS A 1 72  ? 12.269  -6.946  4.268   1.00 43.48 ? 159 LYS A CD  1 
ATOM   559  C  CE  . LYS A 1 72  ? 13.505  -7.772  4.587   1.00 45.99 ? 159 LYS A CE  1 
ATOM   560  N  NZ  . LYS A 1 72  ? 14.685  -7.432  3.730   1.00 47.75 ? 159 LYS A NZ  1 
ATOM   561  N  N   . GLU A 1 73  ? 11.896  -3.501  0.007   1.00 35.17 ? 160 GLU A N   1 
ATOM   562  C  CA  . GLU A 1 73  ? 12.268  -2.743  -1.180  1.00 36.06 ? 160 GLU A CA  1 
ATOM   563  C  C   . GLU A 1 73  ? 11.278  -1.606  -1.351  1.00 35.23 ? 160 GLU A C   1 
ATOM   564  O  O   . GLU A 1 73  ? 10.209  -1.622  -0.747  1.00 35.21 ? 160 GLU A O   1 
ATOM   565  C  CB  . GLU A 1 73  ? 12.180  -3.623  -2.420  1.00 38.44 ? 160 GLU A CB  1 
ATOM   566  C  CG  . GLU A 1 73  ? 13.210  -4.716  -2.507  1.00 44.30 ? 160 GLU A CG  1 
ATOM   567  C  CD  . GLU A 1 73  ? 12.981  -5.612  -3.703  1.00 48.49 ? 160 GLU A CD  1 
ATOM   568  O  OE1 . GLU A 1 73  ? 12.633  -5.088  -4.788  1.00 51.90 ? 160 GLU A OE1 1 
ATOM   569  O  OE2 . GLU A 1 73  ? 13.138  -6.846  -3.558  1.00 51.29 ? 160 GLU A OE2 1 
ATOM   570  N  N   . GLU A 1 74  ? 11.628  -0.642  -2.199  1.00 33.74 ? 161 GLU A N   1 
ATOM   571  C  CA  . GLU A 1 74  ? 10.765  0.501   -2.486  1.00 31.90 ? 161 GLU A CA  1 
ATOM   572  C  C   . GLU A 1 74  ? 9.445   0.001   -3.057  1.00 28.77 ? 161 GLU A C   1 
ATOM   573  O  O   . GLU A 1 74  ? 9.433   -0.788  -4.013  1.00 27.72 ? 161 GLU A O   1 
ATOM   574  C  CB  . GLU A 1 74  ? 11.422  1.435   -3.508  1.00 34.87 ? 161 GLU A CB  1 
ATOM   575  C  CG  . GLU A 1 74  ? 12.500  2.359   -2.955  1.00 41.50 ? 161 GLU A CG  1 
ATOM   576  C  CD  . GLU A 1 74  ? 13.790  1.647   -2.578  1.00 44.34 ? 161 GLU A CD  1 
ATOM   577  O  OE1 . GLU A 1 74  ? 14.217  0.735   -3.327  1.00 44.90 ? 161 GLU A OE1 1 
ATOM   578  O  OE2 . GLU A 1 74  ? 14.380  2.014   -1.532  1.00 46.31 ? 161 GLU A OE2 1 
ATOM   579  N  N   . ALA A 1 75  ? 8.341   0.497   -2.511  1.00 25.69 ? 162 ALA A N   1 
ATOM   580  C  CA  . ALA A 1 75  ? 7.019   0.080   -2.955  1.00 24.04 ? 162 ALA A CA  1 
ATOM   581  C  C   . ALA A 1 75  ? 6.197   1.223   -3.509  1.00 22.37 ? 162 ALA A C   1 
ATOM   582  O  O   . ALA A 1 75  ? 6.241   2.334   -2.991  1.00 21.14 ? 162 ALA A O   1 
ATOM   583  C  CB  . ALA A 1 75  ? 6.267   -0.575  -1.798  1.00 22.19 ? 162 ALA A CB  1 
ATOM   584  N  N   . PHE A 1 76  ? 5.452   0.948   -4.573  1.00 21.28 ? 163 PHE A N   1 
ATOM   585  C  CA  . PHE A 1 76  ? 4.574   1.945   -5.176  1.00 21.12 ? 163 PHE A CA  1 
ATOM   586  C  C   . PHE A 1 76  ? 3.427   2.189   -4.186  1.00 21.00 ? 163 PHE A C   1 
ATOM   587  O  O   . PHE A 1 76  ? 3.047   1.289   -3.428  1.00 20.95 ? 163 PHE A O   1 
ATOM   588  C  CB  . PHE A 1 76  ? 3.947   1.393   -6.465  1.00 22.24 ? 163 PHE A CB  1 
ATOM   589  C  CG  . PHE A 1 76  ? 4.765   1.610   -7.715  1.00 23.19 ? 163 PHE A CG  1 
ATOM   590  C  CD1 . PHE A 1 76  ? 5.005   2.903   -8.201  1.00 23.77 ? 163 PHE A CD1 1 
ATOM   591  C  CD2 . PHE A 1 76  ? 5.218   0.519   -8.457  1.00 21.65 ? 163 PHE A CD2 1 
ATOM   592  C  CE1 . PHE A 1 76  ? 5.681   3.106   -9.413  1.00 23.23 ? 163 PHE A CE1 1 
ATOM   593  C  CE2 . PHE A 1 76  ? 5.894   0.707   -9.670  1.00 22.83 ? 163 PHE A CE2 1 
ATOM   594  C  CZ  . PHE A 1 76  ? 6.125   2.003   -10.151 1.00 23.01 ? 163 PHE A CZ  1 
ATOM   595  N  N   . LEU A 1 77  ? 2.889   3.403   -4.177  1.00 22.13 ? 164 LEU A N   1 
ATOM   596  C  CA  . LEU A 1 77  ? 1.753   3.732   -3.327  1.00 20.85 ? 164 LEU A CA  1 
ATOM   597  C  C   . LEU A 1 77  ? 0.566   3.999   -4.255  1.00 22.48 ? 164 LEU A C   1 
ATOM   598  O  O   . LEU A 1 77  ? 0.751   4.202   -5.460  1.00 21.92 ? 164 LEU A O   1 
ATOM   599  C  CB  . LEU A 1 77  ? 2.032   4.966   -2.469  1.00 18.82 ? 164 LEU A CB  1 
ATOM   600  C  CG  . LEU A 1 77  ? 3.142   4.838   -1.426  1.00 18.44 ? 164 LEU A CG  1 
ATOM   601  C  CD1 . LEU A 1 77  ? 3.202   6.113   -0.593  1.00 15.05 ? 164 LEU A CD1 1 
ATOM   602  C  CD2 . LEU A 1 77  ? 2.924   3.596   -0.548  1.00 14.80 ? 164 LEU A CD2 1 
ATOM   603  N  N   . GLY A 1 78  ? -0.648  3.975   -3.711  1.00 22.44 ? 165 GLY A N   1 
ATOM   604  C  CA  . GLY A 1 78  ? -1.820  4.230   -4.526  1.00 22.33 ? 165 GLY A CA  1 
ATOM   605  C  C   . GLY A 1 78  ? -2.060  5.721   -4.590  1.00 23.03 ? 165 GLY A C   1 
ATOM   606  O  O   . GLY A 1 78  ? -3.086  6.208   -4.114  1.00 24.33 ? 165 GLY A O   1 
ATOM   607  N  N   . ILE A 1 79  ? -1.092  6.444   -5.152  1.00 23.23 ? 166 ILE A N   1 
ATOM   608  C  CA  . ILE A 1 79  ? -1.145  7.902   -5.281  1.00 22.66 ? 166 ILE A CA  1 
ATOM   609  C  C   . ILE A 1 79  ? -0.532  8.312   -6.619  1.00 23.08 ? 166 ILE A C   1 
ATOM   610  O  O   . ILE A 1 79  ? 0.458   7.718   -7.052  1.00 23.59 ? 166 ILE A O   1 
ATOM   611  C  CB  . ILE A 1 79  ? -0.342  8.597   -4.140  1.00 21.42 ? 166 ILE A CB  1 
ATOM   612  C  CG1 . ILE A 1 79  ? -0.875  8.142   -2.774  1.00 21.73 ? 166 ILE A CG1 1 
ATOM   613  C  CG2 . ILE A 1 79  ? -0.421  10.119  -4.286  1.00 22.10 ? 166 ILE A CG2 1 
ATOM   614  C  CD1 . ILE A 1 79  ? -0.122  8.678   -1.575  1.00 21.65 ? 166 ILE A CD1 1 
ATOM   615  N  N   . THR A 1 80  ? -1.156  9.264   -7.309  1.00 22.96 ? 167 THR A N   1 
ATOM   616  C  CA  . THR A 1 80  ? -0.640  9.747   -8.590  1.00 23.23 ? 167 THR A CA  1 
ATOM   617  C  C   . THR A 1 80  ? -1.152  11.161  -8.861  1.00 24.36 ? 167 THR A C   1 
ATOM   618  O  O   . THR A 1 80  ? -2.020  11.664  -8.141  1.00 23.59 ? 167 THR A O   1 
ATOM   619  C  CB  . THR A 1 80  ? -1.083  8.874   -9.812  1.00 23.03 ? 167 THR A CB  1 
ATOM   620  O  OG1 . THR A 1 80  ? -2.370  9.302   -10.263 1.00 25.11 ? 167 THR A OG1 1 
ATOM   621  C  CG2 . THR A 1 80  ? -1.152  7.397   -9.476  1.00 22.28 ? 167 THR A CG2 1 
ATOM   622  N  N   . ASP A 1 81  ? -0.579  11.804  -9.876  1.00 26.69 ? 168 ASP A N   1 
ATOM   623  C  CA  . ASP A 1 81  ? -1.010  13.139  -10.317 1.00 29.26 ? 168 ASP A CA  1 
ATOM   624  C  C   . ASP A 1 81  ? -1.154  13.057  -11.843 1.00 31.36 ? 168 ASP A C   1 
ATOM   625  O  O   . ASP A 1 81  ? -0.891  14.014  -12.570 1.00 31.97 ? 168 ASP A O   1 
ATOM   626  C  CB  . ASP A 1 81  ? -0.052  14.268  -9.868  1.00 28.84 ? 168 ASP A CB  1 
ATOM   627  C  CG  . ASP A 1 81  ? 1.341   14.166  -10.485 1.00 29.24 ? 168 ASP A CG  1 
ATOM   628  O  OD1 . ASP A 1 81  ? 1.778   13.066  -10.860 1.00 28.24 ? 168 ASP A OD1 1 
ATOM   629  O  OD2 . ASP A 1 81  ? 2.022   15.197  -10.575 1.00 28.97 ? 168 ASP A OD2 1 
ATOM   630  N  N   . GLU A 1 82  ? -1.571  11.882  -12.311 1.00 34.42 ? 169 GLU A N   1 
ATOM   631  C  CA  . GLU A 1 82  ? -1.769  11.626  -13.725 1.00 38.18 ? 169 GLU A CA  1 
ATOM   632  C  C   . GLU A 1 82  ? -2.729  12.625  -14.368 1.00 39.98 ? 169 GLU A C   1 
ATOM   633  O  O   . GLU A 1 82  ? -2.378  13.276  -15.350 1.00 41.79 ? 169 GLU A O   1 
ATOM   634  C  CB  . GLU A 1 82  ? -2.301  10.207  -13.939 1.00 40.31 ? 169 GLU A CB  1 
ATOM   635  C  CG  . GLU A 1 82  ? -1.307  9.100   -13.576 1.00 45.73 ? 169 GLU A CG  1 
ATOM   636  C  CD  . GLU A 1 82  ? -1.922  7.693   -13.577 1.00 49.11 ? 169 GLU A CD  1 
ATOM   637  O  OE1 . GLU A 1 82  ? -3.168  7.562   -13.622 1.00 50.91 ? 169 GLU A OE1 1 
ATOM   638  O  OE2 . GLU A 1 82  ? -1.152  6.705   -13.512 1.00 50.83 ? 169 GLU A OE2 1 
ATOM   639  N  N   . LYS A 1 83  ? -3.917  12.782  -13.791 1.00 41.74 ? 170 LYS A N   1 
ATOM   640  C  CA  . LYS A 1 83  ? -4.910  13.681  -14.370 1.00 43.23 ? 170 LYS A CA  1 
ATOM   641  C  C   . LYS A 1 83  ? -4.580  15.157  -14.247 1.00 42.38 ? 170 LYS A C   1 
ATOM   642  O  O   . LYS A 1 83  ? -4.762  15.909  -15.202 1.00 43.22 ? 170 LYS A O   1 
ATOM   643  C  CB  . LYS A 1 83  ? -6.322  13.377  -13.844 1.00 46.04 ? 170 LYS A CB  1 
ATOM   644  C  CG  . LYS A 1 83  ? -6.770  14.178  -12.632 1.00 49.25 ? 170 LYS A CG  1 
ATOM   645  C  CD  . LYS A 1 83  ? -8.138  13.710  -12.153 1.00 52.81 ? 170 LYS A CD  1 
ATOM   646  C  CE  . LYS A 1 83  ? -9.227  13.921  -13.208 1.00 54.92 ? 170 LYS A CE  1 
ATOM   647  N  NZ  . LYS A 1 83  ? -10.578 13.445  -12.745 1.00 56.88 ? 170 LYS A NZ  1 
ATOM   648  N  N   . THR A 1 84  ? -4.104  15.579  -13.084 1.00 41.55 ? 171 THR A N   1 
ATOM   649  C  CA  . THR A 1 84  ? -3.751  16.977  -12.889 1.00 40.87 ? 171 THR A CA  1 
ATOM   650  C  C   . THR A 1 84  ? -2.363  17.076  -12.285 1.00 39.43 ? 171 THR A C   1 
ATOM   651  O  O   . THR A 1 84  ? -2.174  16.894  -11.076 1.00 39.40 ? 171 THR A O   1 
ATOM   652  C  CB  . THR A 1 84  ? -4.776  17.702  -12.005 1.00 42.97 ? 171 THR A CB  1 
ATOM   653  O  OG1 . THR A 1 84  ? -6.072  17.605  -12.613 1.00 46.46 ? 171 THR A OG1 1 
ATOM   654  C  CG2 . THR A 1 84  ? -4.413  19.171  -11.854 1.00 43.19 ? 171 THR A CG2 1 
ATOM   655  N  N   . GLU A 1 85  ? -1.391  17.332  -13.155 1.00 38.04 ? 172 GLU A N   1 
ATOM   656  C  CA  . GLU A 1 85  ? 0.010   17.462  -12.770 1.00 36.06 ? 172 GLU A CA  1 
ATOM   657  C  C   . GLU A 1 85  ? 0.220   18.315  -11.530 1.00 35.80 ? 172 GLU A C   1 
ATOM   658  O  O   . GLU A 1 85  ? -0.283  19.436  -11.439 1.00 35.52 ? 172 GLU A O   1 
ATOM   659  C  CB  . GLU A 1 85  ? 0.825   18.038  -13.925 1.00 35.03 ? 172 GLU A CB  1 
ATOM   660  C  CG  . GLU A 1 85  ? 2.290   18.225  -13.603 1.00 32.31 ? 172 GLU A CG  1 
ATOM   661  C  CD  . GLU A 1 85  ? 2.940   16.940  -13.166 1.00 31.92 ? 172 GLU A CD  1 
ATOM   662  O  OE1 . GLU A 1 85  ? 2.768   15.917  -13.866 1.00 32.67 ? 172 GLU A OE1 1 
ATOM   663  O  OE2 . GLU A 1 85  ? 3.617   16.943  -12.120 1.00 31.51 ? 172 GLU A OE2 1 
ATOM   664  N  N   . GLY A 1 86  ? 0.953   17.757  -10.576 1.00 35.37 ? 173 GLY A N   1 
ATOM   665  C  CA  . GLY A 1 86  ? 1.245   18.451  -9.342  1.00 36.84 ? 173 GLY A CA  1 
ATOM   666  C  C   . GLY A 1 86  ? 0.210   18.208  -8.266  1.00 38.34 ? 173 GLY A C   1 
ATOM   667  O  O   . GLY A 1 86  ? 0.502   18.356  -7.077  1.00 39.10 ? 173 GLY A O   1 
ATOM   668  N  N   . GLN A 1 87  ? -1.001  17.843  -8.674  1.00 39.13 ? 174 GLN A N   1 
ATOM   669  C  CA  . GLN A 1 87  ? -2.079  17.579  -7.729  1.00 38.58 ? 174 GLN A CA  1 
ATOM   670  C  C   . GLN A 1 87  ? -2.122  16.075  -7.475  1.00 37.18 ? 174 GLN A C   1 
ATOM   671  O  O   . GLN A 1 87  ? -2.696  15.325  -8.259  1.00 37.92 ? 174 GLN A O   1 
ATOM   672  C  CB  . GLN A 1 87  ? -3.408  18.083  -8.302  1.00 41.48 ? 174 GLN A CB  1 
ATOM   673  C  CG  . GLN A 1 87  ? -4.548  18.118  -7.292  1.00 46.66 ? 174 GLN A CG  1 
ATOM   674  C  CD  . GLN A 1 87  ? -5.826  18.743  -7.847  1.00 49.87 ? 174 GLN A CD  1 
ATOM   675  O  OE1 . GLN A 1 87  ? -6.817  18.053  -8.094  1.00 50.71 ? 174 GLN A OE1 1 
ATOM   676  N  NE2 . GLN A 1 87  ? -5.809  20.056  -8.031  1.00 51.78 ? 174 GLN A NE2 1 
ATOM   677  N  N   . PHE A 1 88  ? -1.452  15.636  -6.412  1.00 36.10 ? 175 PHE A N   1 
ATOM   678  C  CA  . PHE A 1 88  ? -1.405  14.216  -6.067  1.00 35.11 ? 175 PHE A CA  1 
ATOM   679  C  C   . PHE A 1 88  ? -2.689  13.785  -5.396  1.00 35.79 ? 175 PHE A C   1 
ATOM   680  O  O   . PHE A 1 88  ? -3.200  14.468  -4.499  1.00 35.29 ? 175 PHE A O   1 
ATOM   681  C  CB  . PHE A 1 88  ? -0.172  13.876  -5.238  1.00 31.52 ? 175 PHE A CB  1 
ATOM   682  C  CG  . PHE A 1 88  ? 1.079   13.806  -6.058  1.00 30.24 ? 175 PHE A CG  1 
ATOM   683  C  CD1 . PHE A 1 88  ? 1.395   12.654  -6.756  1.00 30.74 ? 175 PHE A CD1 1 
ATOM   684  C  CD2 . PHE A 1 88  ? 1.922   14.900  -6.164  1.00 28.13 ? 175 PHE A CD2 1 
ATOM   685  C  CE1 . PHE A 1 88  ? 2.529   12.597  -7.548  1.00 31.00 ? 175 PHE A CE1 1 
ATOM   686  C  CE2 . PHE A 1 88  ? 3.050   14.848  -6.947  1.00 27.48 ? 175 PHE A CE2 1 
ATOM   687  C  CZ  . PHE A 1 88  ? 3.357   13.699  -7.640  1.00 29.17 ? 175 PHE A CZ  1 
ATOM   688  N  N   . VAL A 1 89  ? -3.154  12.596  -5.757  1.00 36.16 ? 176 VAL A N   1 
ATOM   689  C  CA  . VAL A 1 89  ? -4.431  12.158  -5.265  1.00 35.80 ? 176 VAL A CA  1 
ATOM   690  C  C   . VAL A 1 89  ? -4.596  10.633  -5.163  1.00 36.94 ? 176 VAL A C   1 
ATOM   691  O  O   . VAL A 1 89  ? -3.831  9.865   -5.754  1.00 36.27 ? 176 VAL A O   1 
ATOM   692  C  CB  . VAL A 1 89  ? -5.501  12.799  -6.210  1.00 33.85 ? 176 VAL A CB  1 
ATOM   693  C  CG1 . VAL A 1 89  ? -5.969  11.825  -7.263  1.00 31.71 ? 176 VAL A CG1 1 
ATOM   694  C  CG2 . VAL A 1 89  ? -6.611  13.438  -5.444  1.00 33.20 ? 176 VAL A CG2 1 
ATOM   695  N  N   . ASP A 1 90  ? -5.579  10.241  -4.352  1.00 38.54 ? 177 ASP A N   1 
ATOM   696  C  CA  . ASP A 1 90  ? -5.992  8.857   -4.084  1.00 39.23 ? 177 ASP A CA  1 
ATOM   697  C  C   . ASP A 1 90  ? -6.409  8.141   -5.363  1.00 39.12 ? 177 ASP A C   1 
ATOM   698  O  O   . ASP A 1 90  ? -6.748  8.777   -6.360  1.00 39.67 ? 177 ASP A O   1 
ATOM   699  C  CB  . ASP A 1 90  ? -7.256  8.888   -3.208  1.00 40.42 ? 177 ASP A CB  1 
ATOM   700  C  CG  . ASP A 1 90  ? -7.026  8.361   -1.822  1.00 42.48 ? 177 ASP A CG  1 
ATOM   701  O  OD1 . ASP A 1 90  ? -6.131  7.511   -1.654  1.00 46.32 ? 177 ASP A OD1 1 
ATOM   702  O  OD2 . ASP A 1 90  ? -7.747  8.783   -0.896  1.00 42.83 ? 177 ASP A OD2 1 
ATOM   703  N  N   . LEU A 1 91  ? -6.508  6.820   -5.294  1.00 38.77 ? 178 LEU A N   1 
ATOM   704  C  CA  . LEU A 1 91  ? -6.973  6.053   -6.445  1.00 38.38 ? 178 LEU A CA  1 
ATOM   705  C  C   . LEU A 1 91  ? -8.497  6.278   -6.581  1.00 39.62 ? 178 LEU A C   1 
ATOM   706  O  O   . LEU A 1 91  ? -9.121  5.840   -7.547  1.00 40.99 ? 178 LEU A O   1 
ATOM   707  C  CB  . LEU A 1 91  ? -6.648  4.563   -6.279  1.00 36.25 ? 178 LEU A CB  1 
ATOM   708  C  CG  . LEU A 1 91  ? -5.163  4.183   -6.379  1.00 37.37 ? 178 LEU A CG  1 
ATOM   709  C  CD1 . LEU A 1 91  ? -4.944  2.744   -5.961  1.00 36.63 ? 178 LEU A CD1 1 
ATOM   710  C  CD2 . LEU A 1 91  ? -4.658  4.401   -7.789  1.00 34.82 ? 178 LEU A CD2 1 
ATOM   711  N  N   . THR A 1 92  ? -9.083  6.971   -5.602  1.00 39.06 ? 179 THR A N   1 
ATOM   712  C  CA  . THR A 1 92  ? -10.510 7.273   -5.605  1.00 38.26 ? 179 THR A CA  1 
ATOM   713  C  C   . THR A 1 92  ? -10.729 8.754   -5.913  1.00 39.54 ? 179 THR A C   1 
ATOM   714  O  O   . THR A 1 92  ? -11.857 9.243   -5.848  1.00 40.61 ? 179 THR A O   1 
ATOM   715  C  CB  . THR A 1 92  ? -11.171 6.950   -4.238  1.00 37.00 ? 179 THR A CB  1 
ATOM   716  O  OG1 . THR A 1 92  ? -10.729 7.886   -3.242  1.00 37.33 ? 179 THR A OG1 1 
ATOM   717  C  CG2 . THR A 1 92  ? -10.800 5.551   -3.785  1.00 37.75 ? 179 THR A CG2 1 
ATOM   718  N  N   . GLY A 1 93  ? -9.644  9.474   -6.193  1.00 39.21 ? 180 GLY A N   1 
ATOM   719  C  CA  . GLY A 1 93  ? -9.751  10.888  -6.508  1.00 38.33 ? 180 GLY A CA  1 
ATOM   720  C  C   . GLY A 1 93  ? -9.664  11.822  -5.315  1.00 38.68 ? 180 GLY A C   1 
ATOM   721  O  O   . GLY A 1 93  ? -9.699  13.038  -5.473  1.00 38.62 ? 180 GLY A O   1 
ATOM   722  N  N   . ASN A 1 94  ? -9.567  11.266  -4.115  1.00 38.98 ? 181 ASN A N   1 
ATOM   723  C  CA  . ASN A 1 94  ? -9.467  12.086  -2.915  1.00 38.76 ? 181 ASN A CA  1 
ATOM   724  C  C   . ASN A 1 94  ? -8.082  12.681  -2.702  1.00 39.46 ? 181 ASN A C   1 
ATOM   725  O  O   . ASN A 1 94  ? -7.070  11.989  -2.800  1.00 38.21 ? 181 ASN A O   1 
ATOM   726  C  CB  . ASN A 1 94  ? -9.885  11.285  -1.688  1.00 39.45 ? 181 ASN A CB  1 
ATOM   727  C  CG  . ASN A 1 94  ? -11.382 11.238  -1.519  1.00 39.73 ? 181 ASN A CG  1 
ATOM   728  O  OD1 . ASN A 1 94  ? -12.012 12.263  -1.253  1.00 40.06 ? 181 ASN A OD1 1 
ATOM   729  N  ND2 . ASN A 1 94  ? -11.968 10.060  -1.701  1.00 38.17 ? 181 ASN A ND2 1 
ATOM   730  N  N   . ARG A 1 95  ? -8.042  13.976  -2.406  1.00 39.84 ? 182 ARG A N   1 
ATOM   731  C  CA  . ARG A 1 95  ? -6.778  14.657  -2.188  1.00 39.83 ? 182 ARG A CA  1 
ATOM   732  C  C   . ARG A 1 95  ? -6.154  14.212  -0.876  1.00 38.91 ? 182 ARG A C   1 
ATOM   733  O  O   . ARG A 1 95  ? -6.859  13.793  0.038   1.00 39.50 ? 182 ARG A O   1 
ATOM   734  C  CB  . ARG A 1 95  ? -6.960  16.174  -2.284  1.00 41.81 ? 182 ARG A CB  1 
ATOM   735  C  CG  . ARG A 1 95  ? -6.919  16.664  -3.739  1.00 43.64 ? 182 ARG A CG  1 
ATOM   736  C  CD  . ARG A 1 95  ? -7.548  18.033  -3.926  1.00 46.69 ? 182 ARG A CD  1 
ATOM   737  N  NE  . ARG A 1 95  ? -6.849  19.090  -3.203  1.00 49.45 ? 182 ARG A NE  1 
ATOM   738  C  CZ  . ARG A 1 95  ? -7.344  20.307  -2.995  1.00 50.59 ? 182 ARG A CZ  1 
ATOM   739  N  NH1 . ARG A 1 95  ? -8.552  20.629  -3.454  1.00 50.96 ? 182 ARG A NH1 1 
ATOM   740  N  NH2 . ARG A 1 95  ? -6.630  21.206  -2.327  1.00 50.78 ? 182 ARG A NH2 1 
ATOM   741  N  N   . LEU A 1 96  ? -4.829  14.266  -0.804  1.00 38.71 ? 183 LEU A N   1 
ATOM   742  C  CA  . LEU A 1 96  ? -4.098  13.812  0.377   1.00 38.31 ? 183 LEU A CA  1 
ATOM   743  C  C   . LEU A 1 96  ? -4.094  14.783  1.547   1.00 36.91 ? 183 LEU A C   1 
ATOM   744  O  O   . LEU A 1 96  ? -3.974  15.992  1.371   1.00 37.01 ? 183 LEU A O   1 
ATOM   745  C  CB  . LEU A 1 96  ? -2.646  13.475  0.008   1.00 38.24 ? 183 LEU A CB  1 
ATOM   746  C  CG  . LEU A 1 96  ? -2.380  12.609  -1.225  1.00 38.53 ? 183 LEU A CG  1 
ATOM   747  C  CD1 . LEU A 1 96  ? -0.884  12.434  -1.388  1.00 39.37 ? 183 LEU A CD1 1 
ATOM   748  C  CD2 . LEU A 1 96  ? -3.074  11.256  -1.107  1.00 39.21 ? 183 LEU A CD2 1 
ATOM   749  N  N   . THR A 1 97  ? -4.210  14.242  2.750   1.00 35.85 ? 184 THR A N   1 
ATOM   750  C  CA  . THR A 1 97  ? -4.180  15.060  3.953   1.00 36.49 ? 184 THR A CA  1 
ATOM   751  C  C   . THR A 1 97  ? -2.843  14.829  4.652   1.00 35.48 ? 184 THR A C   1 
ATOM   752  O  O   . THR A 1 97  ? -2.437  15.604  5.509   1.00 36.35 ? 184 THR A O   1 
ATOM   753  C  CB  . THR A 1 97  ? -5.338  14.708  4.913   1.00 37.45 ? 184 THR A CB  1 
ATOM   754  O  OG1 . THR A 1 97  ? -5.487  13.282  4.998   1.00 38.70 ? 184 THR A OG1 1 
ATOM   755  C  CG2 . THR A 1 97  ? -6.629  15.341  4.428   1.00 37.50 ? 184 THR A CG2 1 
ATOM   756  N  N   . TYR A 1 98  ? -2.168  13.750  4.272   1.00 33.93 ? 185 TYR A N   1 
ATOM   757  C  CA  . TYR A 1 98  ? -0.876  13.400  4.842   1.00 31.95 ? 185 TYR A CA  1 
ATOM   758  C  C   . TYR A 1 98  ? 0.085   13.110  3.705   1.00 31.19 ? 185 TYR A C   1 
ATOM   759  O  O   . TYR A 1 98  ? -0.283  12.440  2.736   1.00 31.87 ? 185 TYR A O   1 
ATOM   760  C  CB  . TYR A 1 98  ? -1.017  12.163  5.731   1.00 30.77 ? 185 TYR A CB  1 
ATOM   761  C  CG  . TYR A 1 98  ? 0.279   11.467  6.057   1.00 29.22 ? 185 TYR A CG  1 
ATOM   762  C  CD1 . TYR A 1 98  ? 1.109   11.939  7.064   1.00 28.42 ? 185 TYR A CD1 1 
ATOM   763  C  CD2 . TYR A 1 98  ? 0.690   10.353  5.327   1.00 28.12 ? 185 TYR A CD2 1 
ATOM   764  C  CE1 . TYR A 1 98  ? 2.317   11.324  7.341   1.00 28.12 ? 185 TYR A CE1 1 
ATOM   765  C  CE2 . TYR A 1 98  ? 1.893   9.733   5.595   1.00 28.41 ? 185 TYR A CE2 1 
ATOM   766  C  CZ  . TYR A 1 98  ? 2.708   10.227  6.598   1.00 28.71 ? 185 TYR A CZ  1 
ATOM   767  O  OH  . TYR A 1 98  ? 3.922   9.634   6.853   1.00 31.63 ? 185 TYR A OH  1 
ATOM   768  N  N   . THR A 1 99  ? 1.290   13.669  3.797   1.00 29.45 ? 186 THR A N   1 
ATOM   769  C  CA  . THR A 1 99  ? 2.344   13.448  2.803   1.00 26.85 ? 186 THR A CA  1 
ATOM   770  C  C   . THR A 1 99  ? 3.668   13.341  3.549   1.00 26.31 ? 186 THR A C   1 
ATOM   771  O  O   . THR A 1 99  ? 3.825   13.870  4.659   1.00 25.80 ? 186 THR A O   1 
ATOM   772  C  CB  . THR A 1 99  ? 2.454   14.587  1.760   1.00 25.89 ? 186 THR A CB  1 
ATOM   773  O  OG1 . THR A 1 99  ? 2.702   15.828  2.423   1.00 28.68 ? 186 THR A OG1 1 
ATOM   774  C  CG2 . THR A 1 99  ? 1.188   14.697  0.933   1.00 25.19 ? 186 THR A CG2 1 
ATOM   775  N  N   . ASN A 1 100 ? 4.615   12.627  2.956   1.00 26.20 ? 187 ASN A N   1 
ATOM   776  C  CA  . ASN A 1 100 ? 5.916   12.443  3.569   1.00 24.97 ? 187 ASN A CA  1 
ATOM   777  C  C   . ASN A 1 100 ? 6.958   12.474  2.475   1.00 24.58 ? 187 ASN A C   1 
ATOM   778  O  O   . ASN A 1 100 ? 7.686   11.504  2.256   1.00 24.96 ? 187 ASN A O   1 
ATOM   779  C  CB  . ASN A 1 100 ? 5.962   11.109  4.304   1.00 24.77 ? 187 ASN A CB  1 
ATOM   780  C  CG  . ASN A 1 100 ? 7.205   10.961  5.145   1.00 26.46 ? 187 ASN A CG  1 
ATOM   781  O  OD1 . ASN A 1 100 ? 7.818   11.951  5.549   1.00 27.36 ? 187 ASN A OD1 1 
ATOM   782  N  ND2 . ASN A 1 100 ? 7.586   9.727   5.423   1.00 28.57 ? 187 ASN A ND2 1 
ATOM   783  N  N   . TRP A 1 101 ? 7.005   13.577  1.747   1.00 22.64 ? 188 TRP A N   1 
ATOM   784  C  CA  . TRP A 1 101 ? 7.954   13.697  0.655   1.00 23.20 ? 188 TRP A CA  1 
ATOM   785  C  C   . TRP A 1 101 ? 9.415   13.732  1.098   1.00 23.18 ? 188 TRP A C   1 
ATOM   786  O  O   . TRP A 1 101 ? 9.749   14.173  2.205   1.00 24.47 ? 188 TRP A O   1 
ATOM   787  C  CB  . TRP A 1 101 ? 7.639   14.923  -0.197  1.00 21.88 ? 188 TRP A CB  1 
ATOM   788  C  CG  . TRP A 1 101 ? 6.297   14.864  -0.865  1.00 21.69 ? 188 TRP A CG  1 
ATOM   789  C  CD1 . TRP A 1 101 ? 5.197   15.608  -0.556  1.00 21.37 ? 188 TRP A CD1 1 
ATOM   790  C  CD2 . TRP A 1 101 ? 5.929   14.052  -1.992  1.00 20.32 ? 188 TRP A CD2 1 
ATOM   791  N  NE1 . TRP A 1 101 ? 4.168   15.318  -1.423  1.00 21.18 ? 188 TRP A NE1 1 
ATOM   792  C  CE2 . TRP A 1 101 ? 4.592   14.367  -2.314  1.00 20.12 ? 188 TRP A CE2 1 
ATOM   793  C  CE3 . TRP A 1 101 ? 6.601   13.097  -2.764  1.00 22.07 ? 188 TRP A CE3 1 
ATOM   794  C  CZ2 . TRP A 1 101 ? 3.916   13.761  -3.373  1.00 19.59 ? 188 TRP A CZ2 1 
ATOM   795  C  CZ3 . TRP A 1 101 ? 5.926   12.494  -3.822  1.00 20.32 ? 188 TRP A CZ3 1 
ATOM   796  C  CH2 . TRP A 1 101 ? 4.600   12.829  -4.114  1.00 20.31 ? 188 TRP A CH2 1 
ATOM   797  N  N   . ASN A 1 102 ? 10.278  13.216  0.235   1.00 23.80 ? 189 ASN A N   1 
ATOM   798  C  CA  . ASN A 1 102 ? 11.712  13.182  0.491   1.00 24.06 ? 189 ASN A CA  1 
ATOM   799  C  C   . ASN A 1 102 ? 12.221  14.566  0.120   1.00 24.16 ? 189 ASN A C   1 
ATOM   800  O  O   . ASN A 1 102 ? 11.554  15.294  -0.622  1.00 25.34 ? 189 ASN A O   1 
ATOM   801  C  CB  . ASN A 1 102 ? 12.379  12.133  -0.409  1.00 22.49 ? 189 ASN A CB  1 
ATOM   802  C  CG  . ASN A 1 102 ? 13.780  11.774  0.041   1.00 23.20 ? 189 ASN A CG  1 
ATOM   803  O  OD1 . ASN A 1 102 ? 14.263  12.253  1.068   1.00 25.32 ? 189 ASN A OD1 1 
ATOM   804  N  ND2 . ASN A 1 102 ? 14.447  10.926  -0.732  1.00 21.02 ? 189 ASN A ND2 1 
ATOM   805  N  N   . GLU A 1 103 ? 13.389  14.938  0.629   1.00 24.07 ? 190 GLU A N   1 
ATOM   806  C  CA  . GLU A 1 103 ? 13.939  16.240  0.299   1.00 22.79 ? 190 GLU A CA  1 
ATOM   807  C  C   . GLU A 1 103 ? 14.084  16.360  -1.209  1.00 22.50 ? 190 GLU A C   1 
ATOM   808  O  O   . GLU A 1 103 ? 14.539  15.428  -1.885  1.00 21.51 ? 190 GLU A O   1 
ATOM   809  C  CB  . GLU A 1 103 ? 15.293  16.458  0.967   1.00 23.87 ? 190 GLU A CB  1 
ATOM   810  C  CG  . GLU A 1 103 ? 15.227  16.654  2.465   1.00 23.30 ? 190 GLU A CG  1 
ATOM   811  C  CD  . GLU A 1 103 ? 15.001  15.366  3.219   1.00 24.01 ? 190 GLU A CD  1 
ATOM   812  O  OE1 . GLU A 1 103 ? 15.474  14.297  2.771   1.00 23.16 ? 190 GLU A OE1 1 
ATOM   813  O  OE2 . GLU A 1 103 ? 14.362  15.426  4.287   1.00 26.19 ? 190 GLU A OE2 1 
ATOM   814  N  N   . GLY A 1 104 ? 13.619  17.486  -1.736  1.00 21.44 ? 191 GLY A N   1 
ATOM   815  C  CA  . GLY A 1 104 ? 13.715  17.734  -3.163  1.00 23.18 ? 191 GLY A CA  1 
ATOM   816  C  C   . GLY A 1 104 ? 12.588  17.097  -3.941  1.00 23.56 ? 191 GLY A C   1 
ATOM   817  O  O   . GLY A 1 104 ? 12.615  17.080  -5.172  1.00 23.96 ? 191 GLY A O   1 
ATOM   818  N  N   . GLU A 1 105 ? 11.594  16.577  -3.228  1.00 25.18 ? 192 GLU A N   1 
ATOM   819  C  CA  . GLU A 1 105 ? 10.456  15.935  -3.866  1.00 25.03 ? 192 GLU A CA  1 
ATOM   820  C  C   . GLU A 1 105 ? 9.160   16.595  -3.398  1.00 24.40 ? 192 GLU A C   1 
ATOM   821  O  O   . GLU A 1 105 ? 9.093   17.111  -2.282  1.00 22.80 ? 192 GLU A O   1 
ATOM   822  C  CB  . GLU A 1 105 ? 10.435  14.438  -3.530  1.00 24.72 ? 192 GLU A CB  1 
ATOM   823  C  CG  . GLU A 1 105 ? 11.752  13.710  -3.764  1.00 25.27 ? 192 GLU A CG  1 
ATOM   824  C  CD  . GLU A 1 105 ? 12.193  13.671  -5.225  1.00 26.10 ? 192 GLU A CD  1 
ATOM   825  O  OE1 . GLU A 1 105 ? 11.356  13.827  -6.139  1.00 27.57 ? 192 GLU A OE1 1 
ATOM   826  O  OE2 . GLU A 1 105 ? 13.397  13.459  -5.455  1.00 25.16 ? 192 GLU A OE2 1 
ATOM   827  N  N   . PRO A 1 106 ? 8.116   16.577  -4.249  1.00 24.32 ? 193 PRO A N   1 
ATOM   828  C  CA  . PRO A 1 106 ? 8.153   15.964  -5.583  1.00 24.82 ? 193 PRO A CA  1 
ATOM   829  C  C   . PRO A 1 106 ? 8.740   16.933  -6.603  1.00 25.08 ? 193 PRO A C   1 
ATOM   830  O  O   . PRO A 1 106 ? 8.547   18.132  -6.488  1.00 28.35 ? 193 PRO A O   1 
ATOM   831  C  CB  . PRO A 1 106 ? 6.681   15.687  -5.860  1.00 24.27 ? 193 PRO A CB  1 
ATOM   832  C  CG  . PRO A 1 106 ? 6.021   16.865  -5.243  1.00 23.10 ? 193 PRO A CG  1 
ATOM   833  C  CD  . PRO A 1 106 ? 6.759   17.060  -3.934  1.00 22.89 ? 193 PRO A CD  1 
ATOM   834  N  N   . ASN A 1 107 ? 9.442   16.422  -7.604  1.00 26.87 ? 194 ASN A N   1 
ATOM   835  C  CA  . ASN A 1 107 ? 10.040  17.293  -8.597  1.00 27.28 ? 194 ASN A CA  1 
ATOM   836  C  C   . ASN A 1 107 ? 9.575   17.057  -10.025 1.00 28.62 ? 194 ASN A C   1 
ATOM   837  O  O   . ASN A 1 107 ? 9.888   17.846  -10.914 1.00 30.44 ? 194 ASN A O   1 
ATOM   838  C  CB  . ASN A 1 107 ? 11.566  17.205  -8.528  1.00 27.94 ? 194 ASN A CB  1 
ATOM   839  C  CG  . ASN A 1 107 ? 12.094  15.846  -8.918  1.00 28.89 ? 194 ASN A CG  1 
ATOM   840  O  OD1 . ASN A 1 107 ? 11.343  14.986  -9.357  1.00 31.05 ? 194 ASN A OD1 1 
ATOM   841  N  ND2 . ASN A 1 107 ? 13.391  15.642  -8.757  1.00 30.20 ? 194 ASN A ND2 1 
ATOM   842  N  N   . ASN A 1 108 ? 8.864   15.960  -10.256 1.00 29.15 ? 195 ASN A N   1 
ATOM   843  C  CA  . ASN A 1 108 ? 8.366   15.626  -11.588 1.00 30.37 ? 195 ASN A CA  1 
ATOM   844  C  C   . ASN A 1 108 ? 9.476   15.652  -12.643 1.00 31.47 ? 195 ASN A C   1 
ATOM   845  O  O   . ASN A 1 108 ? 9.273   16.103  -13.773 1.00 30.85 ? 195 ASN A O   1 
ATOM   846  C  CB  . ASN A 1 108 ? 7.236   16.577  -11.983 1.00 31.56 ? 195 ASN A CB  1 
ATOM   847  C  CG  . ASN A 1 108 ? 6.472   16.099  -13.199 1.00 32.29 ? 195 ASN A CG  1 
ATOM   848  O  OD1 . ASN A 1 108 ? 6.257   14.898  -13.389 1.00 34.53 ? 195 ASN A OD1 1 
ATOM   849  N  ND2 . ASN A 1 108 ? 6.050   17.036  -14.029 1.00 33.55 ? 195 ASN A ND2 1 
ATOM   850  N  N   . ALA A 1 109 ? 10.645  15.144  -12.254 1.00 33.86 ? 196 ALA A N   1 
ATOM   851  C  CA  . ALA A 1 109 ? 11.827  15.079  -13.114 1.00 34.26 ? 196 ALA A CA  1 
ATOM   852  C  C   . ALA A 1 109 ? 11.516  14.420  -14.451 1.00 35.30 ? 196 ALA A C   1 
ATOM   853  O  O   . ALA A 1 109 ? 10.762  13.443  -14.520 1.00 36.67 ? 196 ALA A O   1 
ATOM   854  C  CB  . ALA A 1 109 ? 12.935  14.322  -12.401 1.00 33.25 ? 196 ALA A CB  1 
ATOM   855  N  N   . GLY A 1 110 ? 12.071  14.984  -15.518 1.00 36.47 ? 197 GLY A N   1 
ATOM   856  C  CA  . GLY A 1 110 ? 11.840  14.453  -16.853 1.00 38.26 ? 197 GLY A CA  1 
ATOM   857  C  C   . GLY A 1 110 ? 10.418  14.675  -17.341 1.00 40.23 ? 197 GLY A C   1 
ATOM   858  O  O   . GLY A 1 110 ? 10.018  14.145  -18.388 1.00 39.80 ? 197 GLY A O   1 
ATOM   859  N  N   . SER A 1 111 ? 9.653   15.450  -16.570 1.00 41.99 ? 198 SER A N   1 
ATOM   860  C  CA  . SER A 1 111 ? 8.264   15.756  -16.890 1.00 43.64 ? 198 SER A CA  1 
ATOM   861  C  C   . SER A 1 111 ? 7.442   14.468  -16.998 1.00 43.77 ? 198 SER A C   1 
ATOM   862  O  O   . SER A 1 111 ? 6.382   14.442  -17.626 1.00 44.64 ? 198 SER A O   1 
ATOM   863  C  CB  . SER A 1 111 ? 8.208   16.537  -18.201 1.00 45.11 ? 198 SER A CB  1 
ATOM   864  O  OG  . SER A 1 111 ? 9.166   17.586  -18.186 1.00 51.12 ? 198 SER A OG  1 
ATOM   865  N  N   . ASP A 1 112 ? 7.912   13.415  -16.334 1.00 42.84 ? 199 ASP A N   1 
ATOM   866  C  CA  . ASP A 1 112 ? 7.227   12.142  -16.393 1.00 41.10 ? 199 ASP A CA  1 
ATOM   867  C  C   . ASP A 1 112 ? 7.277   11.366  -15.084 1.00 38.43 ? 199 ASP A C   1 
ATOM   868  O  O   . ASP A 1 112 ? 7.721   10.223  -15.048 1.00 37.82 ? 199 ASP A O   1 
ATOM   869  C  CB  . ASP A 1 112 ? 7.809   11.304  -17.534 1.00 44.23 ? 199 ASP A CB  1 
ATOM   870  C  CG  . ASP A 1 112 ? 6.949   10.104  -17.877 1.00 47.49 ? 199 ASP A CG  1 
ATOM   871  O  OD1 . ASP A 1 112 ? 5.743   10.300  -18.154 1.00 50.52 ? 199 ASP A OD1 1 
ATOM   872  O  OD2 . ASP A 1 112 ? 7.476   8.965   -17.875 1.00 49.75 ? 199 ASP A OD2 1 
ATOM   873  N  N   . GLU A 1 113 ? 6.838   11.994  -14.003 1.00 35.46 ? 200 GLU A N   1 
ATOM   874  C  CA  . GLU A 1 113 ? 6.809   11.318  -12.713 1.00 33.84 ? 200 GLU A CA  1 
ATOM   875  C  C   . GLU A 1 113 ? 5.442   11.546  -12.098 1.00 32.60 ? 200 GLU A C   1 
ATOM   876  O  O   . GLU A 1 113 ? 5.205   12.561  -11.439 1.00 32.08 ? 200 GLU A O   1 
ATOM   877  C  CB  . GLU A 1 113 ? 7.914   11.828  -11.791 1.00 31.57 ? 200 GLU A CB  1 
ATOM   878  C  CG  . GLU A 1 113 ? 9.311   11.545  -12.326 1.00 29.89 ? 200 GLU A CG  1 
ATOM   879  C  CD  . GLU A 1 113 ? 10.387  11.640  -11.261 1.00 29.12 ? 200 GLU A CD  1 
ATOM   880  O  OE1 . GLU A 1 113 ? 10.281  12.522  -10.384 1.00 24.92 ? 200 GLU A OE1 1 
ATOM   881  O  OE2 . GLU A 1 113 ? 11.330  10.822  -11.305 1.00 27.37 ? 200 GLU A OE2 1 
ATOM   882  N  N   . ASP A 1 114 ? 4.529   10.620  -12.379 1.00 32.42 ? 201 ASP A N   1 
ATOM   883  C  CA  . ASP A 1 114 ? 3.159   10.708  -11.892 1.00 31.56 ? 201 ASP A CA  1 
ATOM   884  C  C   . ASP A 1 114 ? 2.807   9.748   -10.795 1.00 29.16 ? 201 ASP A C   1 
ATOM   885  O  O   . ASP A 1 114 ? 1.726   9.831   -10.240 1.00 28.23 ? 201 ASP A O   1 
ATOM   886  C  CB  . ASP A 1 114 ? 2.172   10.547  -13.044 1.00 34.23 ? 201 ASP A CB  1 
ATOM   887  C  CG  . ASP A 1 114 ? 2.237   11.698  -14.031 1.00 36.65 ? 201 ASP A CG  1 
ATOM   888  O  OD1 . ASP A 1 114 ? 2.760   12.788  -13.674 1.00 36.04 ? 201 ASP A OD1 1 
ATOM   889  O  OD2 . ASP A 1 114 ? 1.763   11.512  -15.173 1.00 40.47 ? 201 ASP A OD2 1 
ATOM   890  N  N   . CYS A 1 115 ? 3.706   8.812   -10.522 1.00 28.17 ? 202 CYS A N   1 
ATOM   891  C  CA  . CYS A 1 115 ? 3.510   7.830   -9.471  1.00 25.95 ? 202 CYS A CA  1 
ATOM   892  C  C   . CYS A 1 115 ? 4.355   8.168   -8.258  1.00 24.23 ? 202 CYS A C   1 
ATOM   893  O  O   . CYS A 1 115 ? 5.261   8.995   -8.345  1.00 25.60 ? 202 CYS A O   1 
ATOM   894  C  CB  . CYS A 1 115 ? 3.819   6.434   -9.990  1.00 24.70 ? 202 CYS A CB  1 
ATOM   895  S  SG  . CYS A 1 115 ? 2.410   5.786   -10.945 1.00 24.85 ? 202 CYS A SG  1 
ATOM   896  N  N   . VAL A 1 116 ? 4.044   7.542   -7.129  1.00 22.13 ? 203 VAL A N   1 
ATOM   897  C  CA  . VAL A 1 116 ? 4.740   7.780   -5.879  1.00 20.52 ? 203 VAL A CA  1 
ATOM   898  C  C   . VAL A 1 116 ? 5.372   6.498   -5.346  1.00 21.04 ? 203 VAL A C   1 
ATOM   899  O  O   . VAL A 1 116 ? 4.755   5.428   -5.344  1.00 21.27 ? 203 VAL A O   1 
ATOM   900  C  CB  . VAL A 1 116 ? 3.785   8.392   -4.829  1.00 19.75 ? 203 VAL A CB  1 
ATOM   901  C  CG1 . VAL A 1 116 ? 4.467   8.473   -3.463  1.00 19.19 ? 203 VAL A CG1 1 
ATOM   902  C  CG2 . VAL A 1 116 ? 3.344   9.775   -5.278  1.00 18.59 ? 203 VAL A CG2 1 
ATOM   903  N  N   . LEU A 1 117 ? 6.581   6.630   -4.821  1.00 21.39 ? 204 LEU A N   1 
ATOM   904  C  CA  . LEU A 1 117 ? 7.320   5.493   -4.315  1.00 20.72 ? 204 LEU A CA  1 
ATOM   905  C  C   . LEU A 1 117 ? 7.661   5.673   -2.843  1.00 20.39 ? 204 LEU A C   1 
ATOM   906  O  O   . LEU A 1 117 ? 8.106   6.745   -2.425  1.00 21.11 ? 204 LEU A O   1 
ATOM   907  C  CB  . LEU A 1 117 ? 8.609   5.358   -5.120  1.00 22.06 ? 204 LEU A CB  1 
ATOM   908  C  CG  . LEU A 1 117 ? 9.458   4.094   -5.053  1.00 23.52 ? 204 LEU A CG  1 
ATOM   909  C  CD1 . LEU A 1 117 ? 8.751   2.952   -5.772  1.00 22.85 ? 204 LEU A CD1 1 
ATOM   910  C  CD2 . LEU A 1 117 ? 10.775  4.383   -5.728  1.00 20.80 ? 204 LEU A CD2 1 
ATOM   911  N  N   . LEU A 1 118 ? 7.341   4.664   -2.044  1.00 19.73 ? 205 LEU A N   1 
ATOM   912  C  CA  . LEU A 1 118 ? 7.674   4.694   -0.634  1.00 19.29 ? 205 LEU A CA  1 
ATOM   913  C  C   . LEU A 1 118 ? 9.097   4.166   -0.556  1.00 20.70 ? 205 LEU A C   1 
ATOM   914  O  O   . LEU A 1 118 ? 9.405   3.079   -1.059  1.00 20.00 ? 205 LEU A O   1 
ATOM   915  C  CB  . LEU A 1 118 ? 6.765   3.783   0.190   1.00 18.24 ? 205 LEU A CB  1 
ATOM   916  C  CG  . LEU A 1 118 ? 7.158   3.801   1.676   1.00 18.48 ? 205 LEU A CG  1 
ATOM   917  C  CD1 . LEU A 1 118 ? 6.560   5.018   2.334   1.00 18.74 ? 205 LEU A CD1 1 
ATOM   918  C  CD2 . LEU A 1 118 ? 6.708   2.562   2.386   1.00 17.56 ? 205 LEU A CD2 1 
ATOM   919  N  N   . LEU A 1 119 ? 9.975   4.949   0.043   1.00 21.56 ? 206 LEU A N   1 
ATOM   920  C  CA  . LEU A 1 119 ? 11.362  4.541   0.169   1.00 23.47 ? 206 LEU A CA  1 
ATOM   921  C  C   . LEU A 1 119 ? 11.561  3.809   1.491   1.00 23.31 ? 206 LEU A C   1 
ATOM   922  O  O   . LEU A 1 119 ? 10.725  3.875   2.397   1.00 23.30 ? 206 LEU A O   1 
ATOM   923  C  CB  . LEU A 1 119 ? 12.286  5.763   0.060   1.00 23.10 ? 206 LEU A CB  1 
ATOM   924  C  CG  . LEU A 1 119 ? 12.088  6.619   -1.198  1.00 23.38 ? 206 LEU A CG  1 
ATOM   925  C  CD1 . LEU A 1 119 ? 12.938  7.876   -1.109  1.00 24.88 ? 206 LEU A CD1 1 
ATOM   926  C  CD2 . LEU A 1 119 ? 12.416  5.830   -2.450  1.00 21.27 ? 206 LEU A CD2 1 
ATOM   927  N  N   . LYS A 1 120 ? 12.700  3.148   1.611   1.00 25.39 ? 207 LYS A N   1 
ATOM   928  C  CA  . LYS A 1 120 ? 13.015  2.394   2.810   1.00 27.68 ? 207 LYS A CA  1 
ATOM   929  C  C   . LYS A 1 120 ? 12.970  3.205   4.109   1.00 28.11 ? 207 LYS A C   1 
ATOM   930  O  O   . LYS A 1 120 ? 12.689  2.653   5.170   1.00 30.62 ? 207 LYS A O   1 
ATOM   931  C  CB  . LYS A 1 120 ? 14.369  1.701   2.654   1.00 29.30 ? 207 LYS A CB  1 
ATOM   932  C  CG  . LYS A 1 120 ? 14.415  0.661   1.542   1.00 32.60 ? 207 LYS A CG  1 
ATOM   933  C  CD  . LYS A 1 120 ? 15.833  0.152   1.371   1.00 36.79 ? 207 LYS A CD  1 
ATOM   934  C  CE  . LYS A 1 120 ? 15.944  -0.886  0.266   1.00 40.08 ? 207 LYS A CE  1 
ATOM   935  N  NZ  . LYS A 1 120 ? 15.582  -0.338  -1.070  1.00 40.83 ? 207 LYS A NZ  1 
ATOM   936  N  N   . ASN A 1 121 ? 13.224  4.505   4.042   1.00 26.36 ? 208 ASN A N   1 
ATOM   937  C  CA  . ASN A 1 121 ? 13.191  5.294   5.260   1.00 24.66 ? 208 ASN A CA  1 
ATOM   938  C  C   . ASN A 1 121 ? 11.818  5.897   5.524   1.00 24.88 ? 208 ASN A C   1 
ATOM   939  O  O   . ASN A 1 121 ? 11.662  6.707   6.441   1.00 25.07 ? 208 ASN A O   1 
ATOM   940  C  CB  . ASN A 1 121 ? 14.262  6.385   5.234   1.00 24.41 ? 208 ASN A CB  1 
ATOM   941  C  CG  . ASN A 1 121 ? 13.950  7.503   4.258   1.00 24.67 ? 208 ASN A CG  1 
ATOM   942  O  OD1 . ASN A 1 121 ? 13.371  7.282   3.191   1.00 25.27 ? 208 ASN A OD1 1 
ATOM   943  N  ND2 . ASN A 1 121 ? 14.350  8.715   4.614   1.00 22.63 ? 208 ASN A ND2 1 
ATOM   944  N  N   . GLY A 1 122 ? 10.831  5.516   4.712   1.00 25.07 ? 209 GLY A N   1 
ATOM   945  C  CA  . GLY A 1 122 ? 9.488   6.036   4.883   1.00 24.50 ? 209 GLY A CA  1 
ATOM   946  C  C   . GLY A 1 122 ? 9.170   7.272   4.056   1.00 25.13 ? 209 GLY A C   1 
ATOM   947  O  O   . GLY A 1 122 ? 8.002   7.612   3.860   1.00 25.57 ? 209 GLY A O   1 
ATOM   948  N  N   . GLN A 1 123 ? 10.201  7.950   3.566   1.00 24.22 ? 210 GLN A N   1 
ATOM   949  C  CA  . GLN A 1 123 ? 10.003  9.136   2.755   1.00 22.82 ? 210 GLN A CA  1 
ATOM   950  C  C   . GLN A 1 123 ? 9.499   8.732   1.378   1.00 22.11 ? 210 GLN A C   1 
ATOM   951  O  O   . GLN A 1 123 ? 9.584   7.562   1.001   1.00 20.97 ? 210 GLN A O   1 
ATOM   952  C  CB  . GLN A 1 123 ? 11.292  9.948   2.671   1.00 24.02 ? 210 GLN A CB  1 
ATOM   953  C  CG  . GLN A 1 123 ? 11.695  10.529  4.022   1.00 24.94 ? 210 GLN A CG  1 
ATOM   954  C  CD  . GLN A 1 123 ? 12.865  11.502  3.933   1.00 25.73 ? 210 GLN A CD  1 
ATOM   955  O  OE1 . GLN A 1 123 ? 13.984  11.129  3.581   1.00 22.54 ? 210 GLN A OE1 1 
ATOM   956  N  NE2 . GLN A 1 123 ? 12.606  12.757  4.264   1.00 23.54 ? 210 GLN A NE2 1 
ATOM   957  N  N   . TRP A 1 124 ? 8.960   9.700   0.643   1.00 21.55 ? 211 TRP A N   1 
ATOM   958  C  CA  . TRP A 1 124 ? 8.395   9.442   -0.674  1.00 21.26 ? 211 TRP A CA  1 
ATOM   959  C  C   . TRP A 1 124 ? 9.178   10.158  -1.766  1.00 21.73 ? 211 TRP A C   1 
ATOM   960  O  O   . TRP A 1 124 ? 9.811   11.188  -1.529  1.00 19.83 ? 211 TRP A O   1 
ATOM   961  C  CB  . TRP A 1 124 ? 6.933   9.927   -0.749  1.00 21.61 ? 211 TRP A CB  1 
ATOM   962  C  CG  . TRP A 1 124 ? 5.973   9.427   0.328   1.00 24.71 ? 211 TRP A CG  1 
ATOM   963  C  CD1 . TRP A 1 124 ? 6.236   8.536   1.340   1.00 24.08 ? 211 TRP A CD1 1 
ATOM   964  C  CD2 . TRP A 1 124 ? 4.604   9.832   0.500   1.00 25.63 ? 211 TRP A CD2 1 
ATOM   965  N  NE1 . TRP A 1 124 ? 5.120   8.374   2.128   1.00 25.35 ? 211 TRP A NE1 1 
ATOM   966  C  CE2 . TRP A 1 124 ? 4.105   9.152   1.636   1.00 25.47 ? 211 TRP A CE2 1 
ATOM   967  C  CE3 . TRP A 1 124 ? 3.751   10.704  -0.197  1.00 24.98 ? 211 TRP A CE3 1 
ATOM   968  C  CZ2 . TRP A 1 124 ? 2.792   9.315   2.089   1.00 26.85 ? 211 TRP A CZ2 1 
ATOM   969  C  CZ3 . TRP A 1 124 ? 2.444   10.864  0.257   1.00 26.94 ? 211 TRP A CZ3 1 
ATOM   970  C  CH2 . TRP A 1 124 ? 1.977   10.175  1.390   1.00 26.02 ? 211 TRP A CH2 1 
ATOM   971  N  N   . ASN A 1 125 ? 9.038   9.645   -2.982  1.00 21.54 ? 212 ASN A N   1 
ATOM   972  C  CA  . ASN A 1 125 ? 9.687   10.187  -4.164  1.00 20.27 ? 212 ASN A CA  1 
ATOM   973  C  C   . ASN A 1 125 ? 8.757   9.920   -5.335  1.00 20.94 ? 212 ASN A C   1 
ATOM   974  O  O   . ASN A 1 125 ? 8.223   8.814   -5.464  1.00 19.28 ? 212 ASN A O   1 
ATOM   975  C  CB  . ASN A 1 125 ? 11.034  9.484   -4.405  1.00 21.02 ? 212 ASN A CB  1 
ATOM   976  C  CG  . ASN A 1 125 ? 11.667  9.858   -5.747  1.00 20.87 ? 212 ASN A CG  1 
ATOM   977  O  OD1 . ASN A 1 125 ? 11.453  10.950  -6.274  1.00 19.48 ? 212 ASN A OD1 1 
ATOM   978  N  ND2 . ASN A 1 125 ? 12.446  8.948   -6.300  1.00 21.01 ? 212 ASN A ND2 1 
ATOM   979  N  N   . ASP A 1 126 ? 8.503   10.931  -6.158  1.00 21.62 ? 213 ASP A N   1 
ATOM   980  C  CA  . ASP A 1 126 ? 7.643   10.707  -7.307  1.00 23.13 ? 213 ASP A CA  1 
ATOM   981  C  C   . ASP A 1 126 ? 8.514   10.062  -8.379  1.00 24.15 ? 213 ASP A C   1 
ATOM   982  O  O   . ASP A 1 126 ? 9.655   10.460  -8.592  1.00 25.73 ? 213 ASP A O   1 
ATOM   983  C  CB  . ASP A 1 126 ? 6.888   11.974  -7.761  1.00 23.79 ? 213 ASP A CB  1 
ATOM   984  C  CG  . ASP A 1 126 ? 7.793   13.101  -8.197  1.00 24.59 ? 213 ASP A CG  1 
ATOM   985  O  OD1 . ASP A 1 126 ? 8.881   13.292  -7.617  1.00 25.69 ? 213 ASP A OD1 1 
ATOM   986  O  OD2 . ASP A 1 126 ? 7.380   13.837  -9.117  1.00 25.75 ? 213 ASP A OD2 1 
ATOM   987  N  N   . VAL A 1 127 ? 8.003   8.998   -8.979  1.00 24.07 ? 214 VAL A N   1 
ATOM   988  C  CA  . VAL A 1 127 ? 8.755   8.243   -9.959  1.00 24.36 ? 214 VAL A CA  1 
ATOM   989  C  C   . VAL A 1 127 ? 7.882   7.957   -11.198 1.00 22.46 ? 214 VAL A C   1 
ATOM   990  O  O   . VAL A 1 127 ? 6.664   8.182   -11.168 1.00 22.07 ? 214 VAL A O   1 
ATOM   991  C  CB  . VAL A 1 127 ? 9.217   6.928   -9.257  1.00 25.66 ? 214 VAL A CB  1 
ATOM   992  C  CG1 . VAL A 1 127 ? 8.293   5.760   -9.606  1.00 26.08 ? 214 VAL A CG1 1 
ATOM   993  C  CG2 . VAL A 1 127 ? 10.671  6.637   -9.537  1.00 29.87 ? 214 VAL A CG2 1 
ATOM   994  N  N   . PRO A 1 128 ? 8.499   7.542   -12.326 1.00 21.94 ? 215 PRO A N   1 
ATOM   995  C  CA  . PRO A 1 128 ? 7.692   7.253   -13.516 1.00 22.14 ? 215 PRO A CA  1 
ATOM   996  C  C   . PRO A 1 128 ? 6.853   6.010   -13.233 1.00 21.56 ? 215 PRO A C   1 
ATOM   997  O  O   . PRO A 1 128 ? 7.340   5.036   -12.663 1.00 20.46 ? 215 PRO A O   1 
ATOM   998  C  CB  . PRO A 1 128 ? 8.749   6.961   -14.591 1.00 20.88 ? 215 PRO A CB  1 
ATOM   999  C  CG  . PRO A 1 128 ? 9.950   7.690   -14.112 1.00 21.93 ? 215 PRO A CG  1 
ATOM   1000 C  CD  . PRO A 1 128 ? 9.933   7.427   -12.641 1.00 21.56 ? 215 PRO A CD  1 
ATOM   1001 N  N   . CYS A 1 129 ? 5.595   6.044   -13.640 1.00 23.51 ? 216 CYS A N   1 
ATOM   1002 C  CA  . CYS A 1 129 ? 4.687   4.927   -13.414 1.00 23.45 ? 216 CYS A CA  1 
ATOM   1003 C  C   . CYS A 1 129 ? 5.124   3.667   -14.148 1.00 24.41 ? 216 CYS A C   1 
ATOM   1004 O  O   . CYS A 1 129 ? 4.771   2.558   -13.752 1.00 26.64 ? 216 CYS A O   1 
ATOM   1005 C  CB  . CYS A 1 129 ? 3.254   5.321   -13.798 1.00 22.32 ? 216 CYS A CB  1 
ATOM   1006 S  SG  . CYS A 1 129 ? 2.530   6.655   -12.771 1.00 21.68 ? 216 CYS A SG  1 
ATOM   1007 N  N   . SER A 1 130 ? 5.942   3.834   -15.183 1.00 26.09 ? 217 SER A N   1 
ATOM   1008 C  CA  . SER A 1 130 ? 6.437   2.701   -15.977 1.00 27.22 ? 217 SER A CA  1 
ATOM   1009 C  C   . SER A 1 130 ? 7.591   1.918   -15.340 1.00 26.41 ? 217 SER A C   1 
ATOM   1010 O  O   . SER A 1 130 ? 8.050   0.923   -15.901 1.00 27.37 ? 217 SER A O   1 
ATOM   1011 C  CB  . SER A 1 130 ? 6.829   3.166   -17.388 1.00 28.25 ? 217 SER A CB  1 
ATOM   1012 O  OG  . SER A 1 130 ? 7.483   4.429   -17.354 1.00 32.66 ? 217 SER A OG  1 
ATOM   1013 N  N   . THR A 1 131 ? 8.058   2.361   -14.179 1.00 26.04 ? 218 THR A N   1 
ATOM   1014 C  CA  . THR A 1 131 ? 9.137   1.661   -13.510 1.00 25.71 ? 218 THR A CA  1 
ATOM   1015 C  C   . THR A 1 131 ? 8.547   0.461   -12.759 1.00 26.30 ? 218 THR A C   1 
ATOM   1016 O  O   . THR A 1 131 ? 7.326   0.400   -12.542 1.00 24.87 ? 218 THR A O   1 
ATOM   1017 C  CB  . THR A 1 131 ? 9.905   2.591   -12.529 1.00 25.30 ? 218 THR A CB  1 
ATOM   1018 O  OG1 . THR A 1 131 ? 9.001   3.169   -11.583 1.00 25.05 ? 218 THR A OG1 1 
ATOM   1019 C  CG2 . THR A 1 131 ? 10.586  3.712   -13.282 1.00 25.25 ? 218 THR A CG2 1 
ATOM   1020 N  N   . SER A 1 132 ? 9.401   -0.504  -12.415 1.00 26.47 ? 219 SER A N   1 
ATOM   1021 C  CA  . SER A 1 132 ? 8.984   -1.702  -11.689 1.00 26.71 ? 219 SER A CA  1 
ATOM   1022 C  C   . SER A 1 132 ? 9.380   -1.595  -10.225 1.00 27.03 ? 219 SER A C   1 
ATOM   1023 O  O   . SER A 1 132 ? 10.536  -1.333  -9.905  1.00 28.12 ? 219 SER A O   1 
ATOM   1024 C  CB  . SER A 1 132 ? 9.621   -2.954  -12.289 1.00 26.39 ? 219 SER A CB  1 
ATOM   1025 O  OG  . SER A 1 132 ? 9.231   -3.132  -13.644 1.00 29.53 ? 219 SER A OG  1 
ATOM   1026 N  N   . HIS A 1 133 ? 8.400   -1.727  -9.341  1.00 26.66 ? 220 HIS A N   1 
ATOM   1027 C  CA  . HIS A 1 133 ? 8.648   -1.654  -7.914  1.00 25.61 ? 220 HIS A CA  1 
ATOM   1028 C  C   . HIS A 1 133 ? 7.770   -2.652  -7.163  1.00 25.24 ? 220 HIS A C   1 
ATOM   1029 O  O   . HIS A 1 133 ? 6.880   -3.274  -7.744  1.00 26.43 ? 220 HIS A O   1 
ATOM   1030 C  CB  . HIS A 1 133 ? 8.444   -0.225  -7.415  1.00 25.65 ? 220 HIS A CB  1 
ATOM   1031 C  CG  . HIS A 1 133 ? 9.414   0.749   -8.000  1.00 25.47 ? 220 HIS A CG  1 
ATOM   1032 N  ND1 . HIS A 1 133 ? 10.738  0.806   -7.620  1.00 26.14 ? 220 HIS A ND1 1 
ATOM   1033 C  CD2 . HIS A 1 133 ? 9.265   1.685   -8.970  1.00 24.73 ? 220 HIS A CD2 1 
ATOM   1034 C  CE1 . HIS A 1 133 ? 11.360  1.725   -8.323  1.00 23.81 ? 220 HIS A CE1 1 
ATOM   1035 N  NE2 . HIS A 1 133 ? 10.496  2.279   -9.151  1.00 23.57 ? 220 HIS A NE2 1 
ATOM   1036 N  N   . LEU A 1 134 ? 8.043   -2.818  -5.875  1.00 24.95 ? 221 LEU A N   1 
ATOM   1037 C  CA  . LEU A 1 134 ? 7.319   -3.770  -5.048  1.00 24.91 ? 221 LEU A CA  1 
ATOM   1038 C  C   . LEU A 1 134 ? 5.821   -3.497  -4.930  1.00 25.76 ? 221 LEU A C   1 
ATOM   1039 O  O   . LEU A 1 134 ? 5.392   -2.354  -4.687  1.00 26.28 ? 221 LEU A O   1 
ATOM   1040 C  CB  . LEU A 1 134 ? 7.947   -3.834  -3.657  1.00 23.30 ? 221 LEU A CB  1 
ATOM   1041 C  CG  . LEU A 1 134 ? 7.457   -4.965  -2.766  1.00 21.93 ? 221 LEU A CG  1 
ATOM   1042 C  CD1 . LEU A 1 134 ? 8.045   -6.270  -3.263  1.00 21.79 ? 221 LEU A CD1 1 
ATOM   1043 C  CD2 . LEU A 1 134 ? 7.855   -4.698  -1.344  1.00 19.87 ? 221 LEU A CD2 1 
ATOM   1044 N  N   . ALA A 1 135 ? 5.040   -4.563  -5.109  1.00 24.46 ? 222 ALA A N   1 
ATOM   1045 C  CA  . ALA A 1 135 ? 3.589   -4.503  -5.014  1.00 23.82 ? 222 ALA A CA  1 
ATOM   1046 C  C   . ALA A 1 135 ? 3.126   -4.654  -3.564  1.00 22.76 ? 222 ALA A C   1 
ATOM   1047 O  O   . ALA A 1 135 ? 3.535   -5.585  -2.861  1.00 21.47 ? 222 ALA A O   1 
ATOM   1048 C  CB  . ALA A 1 135 ? 2.966   -5.597  -5.878  1.00 21.55 ? 222 ALA A CB  1 
ATOM   1049 N  N   . VAL A 1 136 ? 2.305   -3.717  -3.111  1.00 22.43 ? 223 VAL A N   1 
ATOM   1050 C  CA  . VAL A 1 136 ? 1.758   -3.761  -1.770  1.00 23.09 ? 223 VAL A CA  1 
ATOM   1051 C  C   . VAL A 1 136 ? 0.282   -3.387  -1.843  1.00 21.55 ? 223 VAL A C   1 
ATOM   1052 O  O   . VAL A 1 136 ? -0.085  -2.367  -2.425  1.00 21.86 ? 223 VAL A O   1 
ATOM   1053 C  CB  . VAL A 1 136 ? 2.486   -2.813  -0.793  1.00 23.26 ? 223 VAL A CB  1 
ATOM   1054 C  CG1 . VAL A 1 136 ? 1.843   -2.877  0.581   1.00 24.51 ? 223 VAL A CG1 1 
ATOM   1055 C  CG2 . VAL A 1 136 ? 3.943   -3.211  -0.682  1.00 25.20 ? 223 VAL A CG2 1 
ATOM   1056 N  N   . CYS A 1 137 ? -0.560  -4.244  -1.278  1.00 20.95 ? 224 CYS A N   1 
ATOM   1057 C  CA  . CYS A 1 137 ? -1.995  -4.013  -1.286  1.00 18.60 ? 224 CYS A CA  1 
ATOM   1058 C  C   . CYS A 1 137 ? -2.511  -3.946  0.135   1.00 17.97 ? 224 CYS A C   1 
ATOM   1059 O  O   . CYS A 1 137 ? -1.945  -4.559  1.038   1.00 18.25 ? 224 CYS A O   1 
ATOM   1060 C  CB  . CYS A 1 137 ? -2.733  -5.155  -1.987  1.00 17.67 ? 224 CYS A CB  1 
ATOM   1061 S  SG  . CYS A 1 137 ? -2.129  -5.641  -3.624  1.00 18.66 ? 224 CYS A SG  1 
ATOM   1062 N  N   . GLU A 1 138 ? -3.504  -3.090  0.330   1.00 17.91 ? 225 GLU A N   1 
ATOM   1063 C  CA  . GLU A 1 138 ? -4.178  -2.967  1.609   1.00 19.19 ? 225 GLU A CA  1 
ATOM   1064 C  C   . GLU A 1 138 ? -5.480  -3.741  1.422   1.00 19.53 ? 225 GLU A C   1 
ATOM   1065 O  O   . GLU A 1 138 ? -6.199  -3.549  0.433   1.00 20.24 ? 225 GLU A O   1 
ATOM   1066 C  CB  . GLU A 1 138 ? -4.444  -1.492  1.963   1.00 18.35 ? 225 GLU A CB  1 
ATOM   1067 C  CG  . GLU A 1 138 ? -4.923  -0.642  0.802   1.00 21.80 ? 225 GLU A CG  1 
ATOM   1068 C  CD  . GLU A 1 138 ? -5.214  0.785   1.201   1.00 23.78 ? 225 GLU A CD  1 
ATOM   1069 O  OE1 . GLU A 1 138 ? -4.375  1.412   1.874   1.00 27.02 ? 225 GLU A OE1 1 
ATOM   1070 O  OE2 . GLU A 1 138 ? -6.294  1.291   0.840   1.00 30.48 ? 225 GLU A OE2 1 
ATOM   1071 N  N   . PHE A 1 139 ? -5.716  -4.696  2.308   1.00 20.10 ? 226 PHE A N   1 
ATOM   1072 C  CA  . PHE A 1 139 ? -6.915  -5.523  2.269   1.00 20.59 ? 226 PHE A CA  1 
ATOM   1073 C  C   . PHE A 1 139 ? -7.864  -5.068  3.368   1.00 21.45 ? 226 PHE A C   1 
ATOM   1074 O  O   . PHE A 1 139 ? -7.424  -4.591  4.423   1.00 19.78 ? 226 PHE A O   1 
ATOM   1075 C  CB  . PHE A 1 139 ? -6.562  -7.002  2.505   1.00 19.46 ? 226 PHE A CB  1 
ATOM   1076 C  CG  . PHE A 1 139 ? -5.837  -7.652  1.357   1.00 20.94 ? 226 PHE A CG  1 
ATOM   1077 C  CD1 . PHE A 1 139 ? -4.513  -7.314  1.061   1.00 20.84 ? 226 PHE A CD1 1 
ATOM   1078 C  CD2 . PHE A 1 139 ? -6.463  -8.631  0.590   1.00 20.88 ? 226 PHE A CD2 1 
ATOM   1079 C  CE1 . PHE A 1 139 ? -3.825  -7.947  0.019   1.00 20.12 ? 226 PHE A CE1 1 
ATOM   1080 C  CE2 . PHE A 1 139 ? -5.783  -9.273  -0.454  1.00 21.21 ? 226 PHE A CE2 1 
ATOM   1081 C  CZ  . PHE A 1 139 ? -4.459  -8.926  -0.737  1.00 19.84 ? 226 PHE A CZ  1 
ATOM   1082 N  N   . PRO A 1 140 ? -9.179  -5.134  3.110   1.00 22.39 ? 227 PRO A N   1 
ATOM   1083 C  CA  . PRO A 1 140 ? -10.112 -4.719  4.163   1.00 23.11 ? 227 PRO A CA  1 
ATOM   1084 C  C   . PRO A 1 140 ? -10.101 -5.802  5.245   1.00 24.34 ? 227 PRO A C   1 
ATOM   1085 O  O   . PRO A 1 140 ? -10.156 -6.997  4.938   1.00 23.34 ? 227 PRO A O   1 
ATOM   1086 C  CB  . PRO A 1 140 ? -11.451 -4.665  3.428   1.00 21.02 ? 227 PRO A CB  1 
ATOM   1087 C  CG  . PRO A 1 140 ? -11.305 -5.708  2.369   1.00 22.32 ? 227 PRO A CG  1 
ATOM   1088 C  CD  . PRO A 1 140 ? -9.890  -5.491  1.871   1.00 22.02 ? 227 PRO A CD  1 
ATOM   1089 N  N   . ILE A 1 141 ? -9.953  -5.395  6.497   1.00 26.17 ? 228 ILE A N   1 
ATOM   1090 C  CA  . ILE A 1 141 ? -9.942  -6.359  7.578   1.00 28.46 ? 228 ILE A CA  1 
ATOM   1091 C  C   . ILE A 1 141 ? -10.952 -5.951  8.627   1.00 29.91 ? 228 ILE A C   1 
ATOM   1092 O  O   . ILE A 1 141 ? -11.594 -6.872  9.158   1.00 33.77 ? 228 ILE A O   1 
ATOM   1093 C  CB  . ILE A 1 141 ? -8.537  -6.526  8.214   1.00 28.81 ? 228 ILE A CB  1 
ATOM   1094 C  CG1 . ILE A 1 141 ? -8.549  -7.712  9.185   1.00 28.53 ? 228 ILE A CG1 1 
ATOM   1095 C  CG2 . ILE A 1 141 ? -8.103  -5.254  8.934   1.00 28.10 ? 228 ILE A CG2 1 
ATOM   1096 C  CD1 . ILE A 1 141 ? -7.192  -8.082  9.711   1.00 29.77 ? 228 ILE A CD1 1 
ATOM   1097 O  OXT . ILE A 1 141 ? -11.110 -4.736  8.884   1.00 31.38 ? 228 ILE A OXT 1 
HETATM 1098 CA CA  . CA  B 2 .   ? 3.812   14.448  -12.008 1.00 28.87 ? 301 CA  A CA  1 
HETATM 1099 CA CA  . CA  C 2 .   ? 11.105  12.668  -8.181  1.00 22.72 ? 302 CA  A CA  1 
HETATM 1100 CA CA  . CA  D 2 .   ? 2.003   14.275  -15.443 1.00 60.24 ? 303 CA  A CA  1 
HETATM 1101 S  S   . SO4 E 3 .   ? 14.107  11.841  -8.689  1.00 34.59 ? 304 SO4 A S   1 
HETATM 1102 O  O1  . SO4 E 3 .   ? 15.071  12.218  -9.740  0.50 34.81 ? 304 SO4 A O1  1 
HETATM 1103 O  O2  . SO4 E 3 .   ? 13.854  13.001  -7.813  0.50 33.94 ? 304 SO4 A O2  1 
HETATM 1104 O  O3  . SO4 E 3 .   ? 14.659  10.735  -7.886  0.50 33.77 ? 304 SO4 A O3  1 
HETATM 1105 O  O4  . SO4 E 3 .   ? 12.843  11.413  -9.316  0.50 34.33 ? 304 SO4 A O4  1 
HETATM 1106 CA CA  . CA  F 2 .   ? 16.192  12.205  2.977   0.50 23.78 ? 305 CA  A CA  1 
HETATM 1107 O  O   . HOH G 4 .   ? 16.653  12.286  5.559   0.50 27.36 ? 306 HOH A O   1 
HETATM 1108 O  O   . HOH G 4 .   ? 1.924   5.387   -7.523  1.00 19.60 ? 313 HOH A O   1 
HETATM 1109 O  O   . HOH G 4 .   ? -8.892  -2.161  0.559   1.00 35.41 ? 314 HOH A O   1 
HETATM 1110 O  O   . HOH G 4 .   ? 11.294  -1.268  -5.988  1.00 37.02 ? 315 HOH A O   1 
HETATM 1111 O  O   . HOH G 4 .   ? -5.753  5.055   -3.152  1.00 31.48 ? 316 HOH A O   1 
HETATM 1112 O  O   . HOH G 4 .   ? 3.831   -8.770  10.566  1.00 40.92 ? 317 HOH A O   1 
HETATM 1113 O  O   . HOH G 4 .   ? 3.057   -9.533  3.350   1.00 20.40 ? 318 HOH A O   1 
HETATM 1114 O  O   . HOH G 4 .   ? 5.871   15.805  3.295   1.00 17.46 ? 319 HOH A O   1 
HETATM 1115 O  O   . HOH G 4 .   ? 4.621   8.623   -14.853 1.00 32.72 ? 320 HOH A O   1 
HETATM 1116 O  O   . HOH G 4 .   ? 7.233   6.604   8.375   1.00 32.60 ? 321 HOH A O   1 
HETATM 1117 O  O   . HOH G 4 .   ? -2.522  -19.565 19.360  1.00 24.97 ? 322 HOH A O   1 
HETATM 1118 O  O   . HOH G 4 .   ? -4.273  14.517  -10.487 1.00 44.88 ? 323 HOH A O   1 
HETATM 1119 O  O   . HOH G 4 .   ? -2.157  10.615  1.917   1.00 38.73 ? 324 HOH A O   1 
HETATM 1120 O  O   . HOH G 4 .   ? 14.176  9.940   -3.418  1.00 32.33 ? 325 HOH A O   1 
HETATM 1121 O  O   . HOH G 4 .   ? 2.716   -1.286  -4.317  1.00 26.09 ? 326 HOH A O   1 
HETATM 1122 O  O   . HOH G 4 .   ? 5.603   7.146   10.733  1.00 32.67 ? 327 HOH A O   1 
HETATM 1123 O  O   . HOH G 4 .   ? -3.684  18.769  -3.536  1.00 60.67 ? 328 HOH A O   1 
HETATM 1124 O  O   . HOH G 4 .   ? -10.769 7.566   -0.377  1.00 46.42 ? 331 HOH A O   1 
HETATM 1125 O  O   . HOH G 4 .   ? 2.421   1.590   -15.350 1.00 46.55 ? 332 HOH A O   1 
HETATM 1126 O  O   . HOH G 4 .   ? -6.435  15.922  -9.868  1.00 40.37 ? 334 HOH A O   1 
HETATM 1127 O  O   . HOH G 4 .   ? -0.040  -6.189  12.562  1.00 27.55 ? 335 HOH A O   1 
HETATM 1128 O  O   . HOH G 4 .   ? 5.087   15.028  -10.148 1.00 17.14 ? 339 HOH A O   1 
HETATM 1129 O  O   . HOH G 4 .   ? 4.861   17.631  -8.974  1.00 38.71 ? 340 HOH A O   1 
HETATM 1130 O  O   . HOH G 4 .   ? 15.178  17.090  -6.255  1.00 30.53 ? 341 HOH A O   1 
HETATM 1131 O  O   . HOH G 4 .   ? 4.453   19.298  -11.138 1.00 37.30 ? 346 HOH A O   1 
# 
